data_8WIU
# 
_entry.id   8WIU 
# 
_audit_conform.dict_name       mmcif_pdbx.dic 
_audit_conform.dict_version    5.383 
_audit_conform.dict_location   http://mmcif.pdb.org/dictionaries/ascii/mmcif_pdbx.dic 
# 
loop_
_database_2.database_id 
_database_2.database_code 
_database_2.pdbx_database_accession 
_database_2.pdbx_DOI 
PDB   8WIU         pdb_00008wiu 10.2210/pdb8wiu/pdb 
WWPDB D_1300041356 ?            ?                   
# 
_pdbx_audit_revision_history.ordinal             1 
_pdbx_audit_revision_history.data_content_type   'Structure model' 
_pdbx_audit_revision_history.major_revision      1 
_pdbx_audit_revision_history.minor_revision      0 
_pdbx_audit_revision_history.revision_date       2024-01-03 
# 
_pdbx_audit_revision_details.ordinal             1 
_pdbx_audit_revision_details.revision_ordinal    1 
_pdbx_audit_revision_details.data_content_type   'Structure model' 
_pdbx_audit_revision_details.provider            repository 
_pdbx_audit_revision_details.type                'Initial release' 
_pdbx_audit_revision_details.description         ? 
_pdbx_audit_revision_details.details             ? 
# 
_pdbx_database_status.status_code                     REL 
_pdbx_database_status.status_code_sf                  REL 
_pdbx_database_status.status_code_mr                  ? 
_pdbx_database_status.entry_id                        8WIU 
_pdbx_database_status.recvd_initial_deposition_date   2023-09-25 
_pdbx_database_status.SG_entry                        N 
_pdbx_database_status.deposit_site                    PDBJ 
_pdbx_database_status.process_site                    PDBJ 
_pdbx_database_status.status_code_cs                  ? 
_pdbx_database_status.status_code_nmr_data            ? 
_pdbx_database_status.methods_development_category    ? 
_pdbx_database_status.pdb_format_compatible           Y 
# 
loop_
_pdbx_contact_author.id 
_pdbx_contact_author.email 
_pdbx_contact_author.name_first 
_pdbx_contact_author.name_last 
_pdbx_contact_author.name_mi 
_pdbx_contact_author.role 
_pdbx_contact_author.identifier_ORCID 
4 chenxuetao3@163.com Xuetao Chen ? 'principal investigator/group leader' 0000-0003-4137-3949 
5 caody@simm.ac.cn    DANYAN CAO  ? 'principal investigator/group leader' 0000-0002-7716-1000 
# 
loop_
_audit_author.name 
_audit_author.pdbx_ordinal 
_audit_author.identifier_ORCID 
'Cao, D.'    1 ? 
'Zhiyan, D.' 2 ? 
'Xiong, B.'  3 ? 
# 
_citation.abstract                  ? 
_citation.abstract_id_CAS           ? 
_citation.book_id_ISBN              ? 
_citation.book_publisher            ? 
_citation.book_publisher_city       ? 
_citation.book_title                ? 
_citation.coordinate_linkage        ? 
_citation.country                   FR 
_citation.database_id_Medline       ? 
_citation.details                   ? 
_citation.id                        primary 
_citation.journal_abbrev            Eur.J.Med.Chem. 
_citation.journal_id_ASTM           EJMCA5 
_citation.journal_id_CSD            0493 
_citation.journal_id_ISSN           0223-5234 
_citation.journal_full              ? 
_citation.journal_issue             ? 
_citation.journal_volume            265 
_citation.language                  ? 
_citation.page_first                116080 
_citation.page_last                 116080 
_citation.title                     
;Discovery of a brain-permeable bromodomain and extra terminal domain (BET) inhibitor with selectivity for BD1 for the treatment of multiple sclerosis.
;
_citation.year                      2023 
_citation.database_id_CSD           ? 
_citation.pdbx_database_id_DOI      10.1016/j.ejmech.2023.116080 
_citation.pdbx_database_id_PubMed   38142510 
_citation.pdbx_database_id_patent   ? 
_citation.unpublished_flag          ? 
# 
loop_
_citation_author.citation_id 
_citation_author.name 
_citation_author.ordinal 
_citation_author.identifier_ORCID 
primary 'Chen, X.'  1  ? 
primary 'Wu, T.'    2  ? 
primary 'Du, Z.'    3  ? 
primary 'Kang, W.'  4  ? 
primary 'Xu, R.'    5  ? 
primary 'Meng, F.'  6  ? 
primary 'Liu, C.'   7  ? 
primary 'Chen, Y.'  8  ? 
primary 'Bao, Q.'   9  ? 
primary 'Shen, J.'  10 ? 
primary 'You, Q.'   11 ? 
primary 'Cao, D.'   12 ? 
primary 'Jiang, Z.' 13 ? 
primary 'Guo, X.'   14 ? 
# 
loop_
_entity.id 
_entity.type 
_entity.src_method 
_entity.pdbx_description 
_entity.formula_weight 
_entity.pdbx_number_of_molecules 
_entity.pdbx_ec 
_entity.pdbx_mutation 
_entity.pdbx_fragment 
_entity.details 
1 polymer     man 'Isoform C of Bromodomain-containing protein 4'                                                    14740.049 1  
? ? 'bromodomain 1' 
SMNPPPPETSNPNKPKRQTNQLQYLLRVVLKTLWKHQFAWPFQQPVDAVKLNLPDYYKIIKTPMDMGTIKKRLENNYYWNAQECIQDFNTMFTNCYIYNKPGDDIVLMAEALEKLFLQKINELPTEE 
2 non-polymer syn '7-[5-[1-(cyclopropylmethyl)-3,5-dimethyl-pyrazol-4-yl]pyridin-3-yl]-1~{H}-imidazo[4,5-b]pyridine' 344.413   1  
? ? ?               ? 
3 water       nat water                                                                                              18.015    97 
? ? ?               ? 
# 
_entity_name_com.entity_id   1 
_entity_name_com.name        'Protein HUNK1' 
# 
_entity_poly.entity_id                      1 
_entity_poly.type                           'polypeptide(L)' 
_entity_poly.nstd_linkage                   no 
_entity_poly.nstd_monomer                   no 
_entity_poly.pdbx_seq_one_letter_code       
;SMNPPPPETSNPNKPKRQTNQLQYLLRVVLKTLWKHQFAWPFQQPVDAVKLNLPDYYKIIKTPMDMGTIKKRLENNYYWN
AQECIQDFNTMFTNCYIYNKPGDDIVLMAEALEKLFLQKINELP
;
_entity_poly.pdbx_seq_one_letter_code_can   
;SMNPPPPETSNPNKPKRQTNQLQYLLRVVLKTLWKHQFAWPFQQPVDAVKLNLPDYYKIIKTPMDMGTIKKRLENNYYWN
AQECIQDFNTMFTNCYIYNKPGDDIVLMAEALEKLFLQKINELP
;
_entity_poly.pdbx_strand_id                 A 
_entity_poly.pdbx_target_identifier         ? 
# 
loop_
_pdbx_entity_nonpoly.entity_id 
_pdbx_entity_nonpoly.name 
_pdbx_entity_nonpoly.comp_id 
2 '7-[5-[1-(cyclopropylmethyl)-3,5-dimethyl-pyrazol-4-yl]pyridin-3-yl]-1~{H}-imidazo[4,5-b]pyridine' WPR 
3 water                                                                                              HOH 
# 
loop_
_entity_poly_seq.entity_id 
_entity_poly_seq.num 
_entity_poly_seq.mon_id 
_entity_poly_seq.hetero 
1 1   SER n 
1 2   MET n 
1 3   ASN n 
1 4   PRO n 
1 5   PRO n 
1 6   PRO n 
1 7   PRO n 
1 8   GLU n 
1 9   THR n 
1 10  SER n 
1 11  ASN n 
1 12  PRO n 
1 13  ASN n 
1 14  LYS n 
1 15  PRO n 
1 16  LYS n 
1 17  ARG n 
1 18  GLN n 
1 19  THR n 
1 20  ASN n 
1 21  GLN n 
1 22  LEU n 
1 23  GLN n 
1 24  TYR n 
1 25  LEU n 
1 26  LEU n 
1 27  ARG n 
1 28  VAL n 
1 29  VAL n 
1 30  LEU n 
1 31  LYS n 
1 32  THR n 
1 33  LEU n 
1 34  TRP n 
1 35  LYS n 
1 36  HIS n 
1 37  GLN n 
1 38  PHE n 
1 39  ALA n 
1 40  TRP n 
1 41  PRO n 
1 42  PHE n 
1 43  GLN n 
1 44  GLN n 
1 45  PRO n 
1 46  VAL n 
1 47  ASP n 
1 48  ALA n 
1 49  VAL n 
1 50  LYS n 
1 51  LEU n 
1 52  ASN n 
1 53  LEU n 
1 54  PRO n 
1 55  ASP n 
1 56  TYR n 
1 57  TYR n 
1 58  LYS n 
1 59  ILE n 
1 60  ILE n 
1 61  LYS n 
1 62  THR n 
1 63  PRO n 
1 64  MET n 
1 65  ASP n 
1 66  MET n 
1 67  GLY n 
1 68  THR n 
1 69  ILE n 
1 70  LYS n 
1 71  LYS n 
1 72  ARG n 
1 73  LEU n 
1 74  GLU n 
1 75  ASN n 
1 76  ASN n 
1 77  TYR n 
1 78  TYR n 
1 79  TRP n 
1 80  ASN n 
1 81  ALA n 
1 82  GLN n 
1 83  GLU n 
1 84  CYS n 
1 85  ILE n 
1 86  GLN n 
1 87  ASP n 
1 88  PHE n 
1 89  ASN n 
1 90  THR n 
1 91  MET n 
1 92  PHE n 
1 93  THR n 
1 94  ASN n 
1 95  CYS n 
1 96  TYR n 
1 97  ILE n 
1 98  TYR n 
1 99  ASN n 
1 100 LYS n 
1 101 PRO n 
1 102 GLY n 
1 103 ASP n 
1 104 ASP n 
1 105 ILE n 
1 106 VAL n 
1 107 LEU n 
1 108 MET n 
1 109 ALA n 
1 110 GLU n 
1 111 ALA n 
1 112 LEU n 
1 113 GLU n 
1 114 LYS n 
1 115 LEU n 
1 116 PHE n 
1 117 LEU n 
1 118 GLN n 
1 119 LYS n 
1 120 ILE n 
1 121 ASN n 
1 122 GLU n 
1 123 LEU n 
1 124 PRO n 
# 
_entity_src_gen.entity_id                          1 
_entity_src_gen.pdbx_src_id                        1 
_entity_src_gen.pdbx_alt_source_flag               sample 
_entity_src_gen.pdbx_seq_type                      'Biological sequence' 
_entity_src_gen.pdbx_beg_seq_num                   1 
_entity_src_gen.pdbx_end_seq_num                   124 
_entity_src_gen.gene_src_common_name               human 
_entity_src_gen.gene_src_genus                     ? 
_entity_src_gen.pdbx_gene_src_gene                 'BRD4, HUNK1' 
_entity_src_gen.gene_src_species                   ? 
_entity_src_gen.gene_src_strain                    ? 
_entity_src_gen.gene_src_tissue                    ? 
_entity_src_gen.gene_src_tissue_fraction           ? 
_entity_src_gen.gene_src_details                   ? 
_entity_src_gen.pdbx_gene_src_fragment             ? 
_entity_src_gen.pdbx_gene_src_scientific_name      'Homo sapiens' 
_entity_src_gen.pdbx_gene_src_ncbi_taxonomy_id     9606 
_entity_src_gen.pdbx_gene_src_variant              ? 
_entity_src_gen.pdbx_gene_src_cell_line            ? 
_entity_src_gen.pdbx_gene_src_atcc                 ? 
_entity_src_gen.pdbx_gene_src_organ                ? 
_entity_src_gen.pdbx_gene_src_organelle            ? 
_entity_src_gen.pdbx_gene_src_cell                 ? 
_entity_src_gen.pdbx_gene_src_cellular_location    ? 
_entity_src_gen.host_org_common_name               ? 
_entity_src_gen.pdbx_host_org_scientific_name      'Escherichia coli' 
_entity_src_gen.pdbx_host_org_ncbi_taxonomy_id     562 
_entity_src_gen.host_org_genus                     ? 
_entity_src_gen.pdbx_host_org_gene                 ? 
_entity_src_gen.pdbx_host_org_organ                ? 
_entity_src_gen.host_org_species                   ? 
_entity_src_gen.pdbx_host_org_tissue               ? 
_entity_src_gen.pdbx_host_org_tissue_fraction      ? 
_entity_src_gen.pdbx_host_org_strain               ? 
_entity_src_gen.pdbx_host_org_variant              ? 
_entity_src_gen.pdbx_host_org_cell_line            ? 
_entity_src_gen.pdbx_host_org_atcc                 ? 
_entity_src_gen.pdbx_host_org_culture_collection   ? 
_entity_src_gen.pdbx_host_org_cell                 ? 
_entity_src_gen.pdbx_host_org_organelle            ? 
_entity_src_gen.pdbx_host_org_cellular_location    ? 
_entity_src_gen.pdbx_host_org_vector_type          ? 
_entity_src_gen.pdbx_host_org_vector               ? 
_entity_src_gen.host_org_details                   ? 
_entity_src_gen.expression_system_id               ? 
_entity_src_gen.plasmid_name                       ? 
_entity_src_gen.plasmid_details                    ? 
_entity_src_gen.pdbx_description                   ? 
# 
loop_
_chem_comp.id 
_chem_comp.type 
_chem_comp.mon_nstd_flag 
_chem_comp.name 
_chem_comp.pdbx_synonyms 
_chem_comp.formula 
_chem_comp.formula_weight 
ALA 'L-peptide linking' y ALANINE                                                                                            ? 
'C3 H7 N O2'     89.093  
ARG 'L-peptide linking' y ARGININE                                                                                           ? 
'C6 H15 N4 O2 1' 175.209 
ASN 'L-peptide linking' y ASPARAGINE                                                                                         ? 
'C4 H8 N2 O3'    132.118 
ASP 'L-peptide linking' y 'ASPARTIC ACID'                                                                                    ? 
'C4 H7 N O4'     133.103 
CYS 'L-peptide linking' y CYSTEINE                                                                                           ? 
'C3 H7 N O2 S'   121.158 
GLN 'L-peptide linking' y GLUTAMINE                                                                                          ? 
'C5 H10 N2 O3'   146.144 
GLU 'L-peptide linking' y 'GLUTAMIC ACID'                                                                                    ? 
'C5 H9 N O4'     147.129 
GLY 'peptide linking'   y GLYCINE                                                                                            ? 
'C2 H5 N O2'     75.067  
HIS 'L-peptide linking' y HISTIDINE                                                                                          ? 
'C6 H10 N3 O2 1' 156.162 
HOH non-polymer         . WATER                                                                                              ? 
'H2 O'           18.015  
ILE 'L-peptide linking' y ISOLEUCINE                                                                                         ? 
'C6 H13 N O2'    131.173 
LEU 'L-peptide linking' y LEUCINE                                                                                            ? 
'C6 H13 N O2'    131.173 
LYS 'L-peptide linking' y LYSINE                                                                                             ? 
'C6 H15 N2 O2 1' 147.195 
MET 'L-peptide linking' y METHIONINE                                                                                         ? 
'C5 H11 N O2 S'  149.211 
PHE 'L-peptide linking' y PHENYLALANINE                                                                                      ? 
'C9 H11 N O2'    165.189 
PRO 'L-peptide linking' y PROLINE                                                                                            ? 
'C5 H9 N O2'     115.130 
SER 'L-peptide linking' y SERINE                                                                                             ? 
'C3 H7 N O3'     105.093 
THR 'L-peptide linking' y THREONINE                                                                                          ? 
'C4 H9 N O3'     119.119 
TRP 'L-peptide linking' y TRYPTOPHAN                                                                                         ? 
'C11 H12 N2 O2'  204.225 
TYR 'L-peptide linking' y TYROSINE                                                                                           ? 
'C9 H11 N O3'    181.189 
VAL 'L-peptide linking' y VALINE                                                                                             ? 
'C5 H11 N O2'    117.146 
WPR non-polymer         . '7-[5-[1-(cyclopropylmethyl)-3,5-dimethyl-pyrazol-4-yl]pyridin-3-yl]-1~{H}-imidazo[4,5-b]pyridine' ? 
'C20 H20 N6'     344.413 
# 
loop_
_pdbx_poly_seq_scheme.asym_id 
_pdbx_poly_seq_scheme.entity_id 
_pdbx_poly_seq_scheme.seq_id 
_pdbx_poly_seq_scheme.mon_id 
_pdbx_poly_seq_scheme.ndb_seq_num 
_pdbx_poly_seq_scheme.pdb_seq_num 
_pdbx_poly_seq_scheme.auth_seq_num 
_pdbx_poly_seq_scheme.pdb_mon_id 
_pdbx_poly_seq_scheme.auth_mon_id 
_pdbx_poly_seq_scheme.pdb_strand_id 
_pdbx_poly_seq_scheme.pdb_ins_code 
_pdbx_poly_seq_scheme.hetero 
A 1 1   SER 1   42  ?   ?   ?   A . n 
A 1 2   MET 2   43  43  MET MET A . n 
A 1 3   ASN 3   44  44  ASN ASN A . n 
A 1 4   PRO 4   45  45  PRO PRO A . n 
A 1 5   PRO 5   46  46  PRO PRO A . n 
A 1 6   PRO 6   47  47  PRO PRO A . n 
A 1 7   PRO 7   48  48  PRO PRO A . n 
A 1 8   GLU 8   49  49  GLU GLU A . n 
A 1 9   THR 9   50  50  THR THR A . n 
A 1 10  SER 10  51  51  SER SER A . n 
A 1 11  ASN 11  52  52  ASN ASN A . n 
A 1 12  PRO 12  53  53  PRO PRO A . n 
A 1 13  ASN 13  54  54  ASN ASN A . n 
A 1 14  LYS 14  55  55  LYS LYS A . n 
A 1 15  PRO 15  56  56  PRO PRO A . n 
A 1 16  LYS 16  57  57  LYS LYS A . n 
A 1 17  ARG 17  58  58  ARG ARG A . n 
A 1 18  GLN 18  59  59  GLN GLN A . n 
A 1 19  THR 19  60  60  THR THR A . n 
A 1 20  ASN 20  61  61  ASN ASN A . n 
A 1 21  GLN 21  62  62  GLN GLN A . n 
A 1 22  LEU 22  63  63  LEU LEU A . n 
A 1 23  GLN 23  64  64  GLN GLN A . n 
A 1 24  TYR 24  65  65  TYR TYR A . n 
A 1 25  LEU 25  66  66  LEU LEU A . n 
A 1 26  LEU 26  67  67  LEU LEU A . n 
A 1 27  ARG 27  68  68  ARG ARG A . n 
A 1 28  VAL 28  69  69  VAL VAL A . n 
A 1 29  VAL 29  70  70  VAL VAL A . n 
A 1 30  LEU 30  71  71  LEU LEU A . n 
A 1 31  LYS 31  72  72  LYS LYS A . n 
A 1 32  THR 32  73  73  THR THR A . n 
A 1 33  LEU 33  74  74  LEU LEU A . n 
A 1 34  TRP 34  75  75  TRP TRP A . n 
A 1 35  LYS 35  76  76  LYS LYS A . n 
A 1 36  HIS 36  77  77  HIS HIS A . n 
A 1 37  GLN 37  78  78  GLN GLN A . n 
A 1 38  PHE 38  79  79  PHE PHE A . n 
A 1 39  ALA 39  80  80  ALA ALA A . n 
A 1 40  TRP 40  81  81  TRP TRP A . n 
A 1 41  PRO 41  82  82  PRO PRO A . n 
A 1 42  PHE 42  83  83  PHE PHE A . n 
A 1 43  GLN 43  84  84  GLN GLN A . n 
A 1 44  GLN 44  85  85  GLN GLN A . n 
A 1 45  PRO 45  86  86  PRO PRO A . n 
A 1 46  VAL 46  87  87  VAL VAL A . n 
A 1 47  ASP 47  88  88  ASP ASP A . n 
A 1 48  ALA 48  89  89  ALA ALA A . n 
A 1 49  VAL 49  90  90  VAL VAL A . n 
A 1 50  LYS 50  91  91  LYS LYS A . n 
A 1 51  LEU 51  92  92  LEU LEU A . n 
A 1 52  ASN 52  93  93  ASN ASN A . n 
A 1 53  LEU 53  94  94  LEU LEU A . n 
A 1 54  PRO 54  95  95  PRO PRO A . n 
A 1 55  ASP 55  96  96  ASP ASP A . n 
A 1 56  TYR 56  97  97  TYR TYR A . n 
A 1 57  TYR 57  98  98  TYR TYR A . n 
A 1 58  LYS 58  99  99  LYS LYS A . n 
A 1 59  ILE 59  100 100 ILE ILE A . n 
A 1 60  ILE 60  101 101 ILE ILE A . n 
A 1 61  LYS 61  102 102 LYS LYS A . n 
A 1 62  THR 62  103 103 THR THR A . n 
A 1 63  PRO 63  104 104 PRO PRO A . n 
A 1 64  MET 64  105 105 MET MET A . n 
A 1 65  ASP 65  106 106 ASP ASP A . n 
A 1 66  MET 66  107 107 MET MET A . n 
A 1 67  GLY 67  108 108 GLY GLY A . n 
A 1 68  THR 68  109 109 THR THR A . n 
A 1 69  ILE 69  110 110 ILE ILE A . n 
A 1 70  LYS 70  111 111 LYS LYS A . n 
A 1 71  LYS 71  112 112 LYS LYS A . n 
A 1 72  ARG 72  113 113 ARG ARG A . n 
A 1 73  LEU 73  114 114 LEU LEU A . n 
A 1 74  GLU 74  115 115 GLU GLU A . n 
A 1 75  ASN 75  116 116 ASN ASN A . n 
A 1 76  ASN 76  117 117 ASN ASN A . n 
A 1 77  TYR 77  118 118 TYR TYR A . n 
A 1 78  TYR 78  119 119 TYR TYR A . n 
A 1 79  TRP 79  120 120 TRP TRP A . n 
A 1 80  ASN 80  121 121 ASN ASN A . n 
A 1 81  ALA 81  122 122 ALA ALA A . n 
A 1 82  GLN 82  123 123 GLN GLN A . n 
A 1 83  GLU 83  124 124 GLU GLU A . n 
A 1 84  CYS 84  125 125 CYS CYS A . n 
A 1 85  ILE 85  126 126 ILE ILE A . n 
A 1 86  GLN 86  127 127 GLN GLN A . n 
A 1 87  ASP 87  128 128 ASP ASP A . n 
A 1 88  PHE 88  129 129 PHE PHE A . n 
A 1 89  ASN 89  130 130 ASN ASN A . n 
A 1 90  THR 90  131 131 THR THR A . n 
A 1 91  MET 91  132 132 MET MET A . n 
A 1 92  PHE 92  133 133 PHE PHE A . n 
A 1 93  THR 93  134 134 THR THR A . n 
A 1 94  ASN 94  135 135 ASN ASN A . n 
A 1 95  CYS 95  136 136 CYS CYS A . n 
A 1 96  TYR 96  137 137 TYR TYR A . n 
A 1 97  ILE 97  138 138 ILE ILE A . n 
A 1 98  TYR 98  139 139 TYR TYR A . n 
A 1 99  ASN 99  140 140 ASN ASN A . n 
A 1 100 LYS 100 141 141 LYS LYS A . n 
A 1 101 PRO 101 142 142 PRO PRO A . n 
A 1 102 GLY 102 143 143 GLY GLY A . n 
A 1 103 ASP 103 144 144 ASP ASP A . n 
A 1 104 ASP 104 145 145 ASP ASP A . n 
A 1 105 ILE 105 146 146 ILE ILE A . n 
A 1 106 VAL 106 147 147 VAL VAL A . n 
A 1 107 LEU 107 148 148 LEU LEU A . n 
A 1 108 MET 108 149 149 MET MET A . n 
A 1 109 ALA 109 150 150 ALA ALA A . n 
A 1 110 GLU 110 151 151 GLU GLU A . n 
A 1 111 ALA 111 152 152 ALA ALA A . n 
A 1 112 LEU 112 153 153 LEU LEU A . n 
A 1 113 GLU 113 154 154 GLU GLU A . n 
A 1 114 LYS 114 155 155 LYS LYS A . n 
A 1 115 LEU 115 156 156 LEU LEU A . n 
A 1 116 PHE 116 157 157 PHE PHE A . n 
A 1 117 LEU 117 158 158 LEU LEU A . n 
A 1 118 GLN 118 159 159 GLN GLN A . n 
A 1 119 LYS 119 160 160 LYS LYS A . n 
A 1 120 ILE 120 161 161 ILE ILE A . n 
A 1 121 ASN 121 162 162 ASN ASN A . n 
A 1 122 GLU 122 163 163 GLU GLU A . n 
A 1 123 LEU 123 164 164 LEU LEU A . n 
A 1 124 PRO 124 165 165 PRO PRO A . n 
# 
loop_
_pdbx_nonpoly_scheme.asym_id 
_pdbx_nonpoly_scheme.entity_id 
_pdbx_nonpoly_scheme.mon_id 
_pdbx_nonpoly_scheme.ndb_seq_num 
_pdbx_nonpoly_scheme.pdb_seq_num 
_pdbx_nonpoly_scheme.auth_seq_num 
_pdbx_nonpoly_scheme.pdb_mon_id 
_pdbx_nonpoly_scheme.auth_mon_id 
_pdbx_nonpoly_scheme.pdb_strand_id 
_pdbx_nonpoly_scheme.pdb_ins_code 
B 2 WPR 1  201 201 WPR LIG A . 
C 3 HOH 1  301 61  HOH HOH A . 
C 3 HOH 2  302 79  HOH HOH A . 
C 3 HOH 3  303 71  HOH HOH A . 
C 3 HOH 4  304 32  HOH HOH A . 
C 3 HOH 5  305 63  HOH HOH A . 
C 3 HOH 6  306 134 HOH HOH A . 
C 3 HOH 7  307 19  HOH HOH A . 
C 3 HOH 8  308 64  HOH HOH A . 
C 3 HOH 9  309 81  HOH HOH A . 
C 3 HOH 10 310 4   HOH HOH A . 
C 3 HOH 11 311 100 HOH HOH A . 
C 3 HOH 12 312 66  HOH HOH A . 
C 3 HOH 13 313 35  HOH HOH A . 
C 3 HOH 14 314 97  HOH HOH A . 
C 3 HOH 15 315 94  HOH HOH A . 
C 3 HOH 16 316 21  HOH HOH A . 
C 3 HOH 17 317 18  HOH HOH A . 
C 3 HOH 18 318 9   HOH HOH A . 
C 3 HOH 19 319 45  HOH HOH A . 
C 3 HOH 20 320 6   HOH HOH A . 
C 3 HOH 21 321 34  HOH HOH A . 
C 3 HOH 22 322 24  HOH HOH A . 
C 3 HOH 23 323 30  HOH HOH A . 
C 3 HOH 24 324 14  HOH HOH A . 
C 3 HOH 25 325 39  HOH HOH A . 
C 3 HOH 26 326 13  HOH HOH A . 
C 3 HOH 27 327 55  HOH HOH A . 
C 3 HOH 28 328 48  HOH HOH A . 
C 3 HOH 29 329 50  HOH HOH A . 
C 3 HOH 30 330 8   HOH HOH A . 
C 3 HOH 31 331 69  HOH HOH A . 
C 3 HOH 32 332 31  HOH HOH A . 
C 3 HOH 33 333 20  HOH HOH A . 
C 3 HOH 34 334 2   HOH HOH A . 
C 3 HOH 35 335 114 HOH HOH A . 
C 3 HOH 36 336 16  HOH HOH A . 
C 3 HOH 37 337 67  HOH HOH A . 
C 3 HOH 38 338 98  HOH HOH A . 
C 3 HOH 39 339 44  HOH HOH A . 
C 3 HOH 40 340 107 HOH HOH A . 
C 3 HOH 41 341 27  HOH HOH A . 
C 3 HOH 42 342 42  HOH HOH A . 
C 3 HOH 43 343 80  HOH HOH A . 
C 3 HOH 44 344 22  HOH HOH A . 
C 3 HOH 45 345 10  HOH HOH A . 
C 3 HOH 46 346 12  HOH HOH A . 
C 3 HOH 47 347 52  HOH HOH A . 
C 3 HOH 48 348 7   HOH HOH A . 
C 3 HOH 49 349 82  HOH HOH A . 
C 3 HOH 50 350 49  HOH HOH A . 
C 3 HOH 51 351 1   HOH HOH A . 
C 3 HOH 52 352 47  HOH HOH A . 
C 3 HOH 53 353 46  HOH HOH A . 
C 3 HOH 54 354 11  HOH HOH A . 
C 3 HOH 55 355 78  HOH HOH A . 
C 3 HOH 56 356 40  HOH HOH A . 
C 3 HOH 57 357 37  HOH HOH A . 
C 3 HOH 58 358 62  HOH HOH A . 
C 3 HOH 59 359 56  HOH HOH A . 
C 3 HOH 60 360 86  HOH HOH A . 
C 3 HOH 61 361 36  HOH HOH A . 
C 3 HOH 62 362 33  HOH HOH A . 
C 3 HOH 63 363 26  HOH HOH A . 
C 3 HOH 64 364 74  HOH HOH A . 
C 3 HOH 65 365 51  HOH HOH A . 
C 3 HOH 66 366 59  HOH HOH A . 
C 3 HOH 67 367 28  HOH HOH A . 
C 3 HOH 68 368 25  HOH HOH A . 
C 3 HOH 69 369 89  HOH HOH A . 
C 3 HOH 70 370 85  HOH HOH A . 
C 3 HOH 71 371 43  HOH HOH A . 
C 3 HOH 72 372 122 HOH HOH A . 
C 3 HOH 73 373 106 HOH HOH A . 
C 3 HOH 74 374 41  HOH HOH A . 
C 3 HOH 75 375 15  HOH HOH A . 
C 3 HOH 76 376 121 HOH HOH A . 
C 3 HOH 77 377 38  HOH HOH A . 
C 3 HOH 78 378 91  HOH HOH A . 
C 3 HOH 79 379 124 HOH HOH A . 
C 3 HOH 80 380 73  HOH HOH A . 
C 3 HOH 81 381 77  HOH HOH A . 
C 3 HOH 82 382 131 HOH HOH A . 
C 3 HOH 83 383 102 HOH HOH A . 
C 3 HOH 84 384 95  HOH HOH A . 
C 3 HOH 85 385 90  HOH HOH A . 
C 3 HOH 86 386 113 HOH HOH A . 
C 3 HOH 87 387 103 HOH HOH A . 
C 3 HOH 88 388 127 HOH HOH A . 
C 3 HOH 89 389 87  HOH HOH A . 
C 3 HOH 90 390 29  HOH HOH A . 
C 3 HOH 91 391 109 HOH HOH A . 
C 3 HOH 92 392 58  HOH HOH A . 
C 3 HOH 93 393 54  HOH HOH A . 
C 3 HOH 94 394 93  HOH HOH A . 
C 3 HOH 95 395 92  HOH HOH A . 
C 3 HOH 96 396 99  HOH HOH A . 
C 3 HOH 97 397 118 HOH HOH A . 
# 
loop_
_pdbx_unobs_or_zero_occ_atoms.id 
_pdbx_unobs_or_zero_occ_atoms.PDB_model_num 
_pdbx_unobs_or_zero_occ_atoms.polymer_flag 
_pdbx_unobs_or_zero_occ_atoms.occupancy_flag 
_pdbx_unobs_or_zero_occ_atoms.auth_asym_id 
_pdbx_unobs_or_zero_occ_atoms.auth_comp_id 
_pdbx_unobs_or_zero_occ_atoms.auth_seq_id 
_pdbx_unobs_or_zero_occ_atoms.PDB_ins_code 
_pdbx_unobs_or_zero_occ_atoms.auth_atom_id 
_pdbx_unobs_or_zero_occ_atoms.label_alt_id 
_pdbx_unobs_or_zero_occ_atoms.label_asym_id 
_pdbx_unobs_or_zero_occ_atoms.label_comp_id 
_pdbx_unobs_or_zero_occ_atoms.label_seq_id 
_pdbx_unobs_or_zero_occ_atoms.label_atom_id 
1  1 Y 1 A MET 43  ? CG  ? A MET 2  CG  
2  1 Y 1 A MET 43  ? SD  ? A MET 2  SD  
3  1 Y 1 A MET 43  ? CE  ? A MET 2  CE  
4  1 Y 1 A GLN 59  ? CG  ? A GLN 18 CG  
5  1 Y 1 A GLN 59  ? CD  ? A GLN 18 CD  
6  1 Y 1 A GLN 59  ? OE1 ? A GLN 18 OE1 
7  1 Y 1 A GLN 59  ? NE2 ? A GLN 18 NE2 
8  1 Y 1 A GLN 78  ? CD  ? A GLN 37 CD  
9  1 Y 1 A GLN 78  ? OE1 ? A GLN 37 OE1 
10 1 Y 1 A GLN 78  ? NE2 ? A GLN 37 NE2 
11 1 Y 1 A GLN 123 ? CD  ? A GLN 82 CD  
12 1 Y 1 A GLN 123 ? OE1 ? A GLN 82 OE1 
13 1 Y 1 A GLN 123 ? NE2 ? A GLN 82 NE2 
# 
loop_
_software.citation_id 
_software.classification 
_software.compiler_name 
_software.compiler_version 
_software.contact_author 
_software.contact_author_email 
_software.date 
_software.description 
_software.dependencies 
_software.hardware 
_software.language 
_software.location 
_software.mods 
_software.name 
_software.os 
_software.os_version 
_software.type 
_software.version 
_software.pdbx_ordinal 
? refinement     ? ? ? ? ? ? ? ? ? ? ? PHENIX  ? ? ? '(1.19.2_4158: ???)' 1 
? 'data scaling' ? ? ? ? ? ? ? ? ? ? ? Aimless ? ? ? .                    2 
# 
_cell.angle_alpha                  90.00 
_cell.angle_alpha_esd              ? 
_cell.angle_beta                   90.00 
_cell.angle_beta_esd               ? 
_cell.angle_gamma                  90.00 
_cell.angle_gamma_esd              ? 
_cell.entry_id                     8WIU 
_cell.details                      ? 
_cell.formula_units_Z              ? 
_cell.length_a                     33.879 
_cell.length_a_esd                 ? 
_cell.length_b                     47.225 
_cell.length_b_esd                 ? 
_cell.length_c                     78.002 
_cell.length_c_esd                 ? 
_cell.volume                       ? 
_cell.volume_esd                   ? 
_cell.Z_PDB                        4 
_cell.reciprocal_angle_alpha       ? 
_cell.reciprocal_angle_beta        ? 
_cell.reciprocal_angle_gamma       ? 
_cell.reciprocal_angle_alpha_esd   ? 
_cell.reciprocal_angle_beta_esd    ? 
_cell.reciprocal_angle_gamma_esd   ? 
_cell.reciprocal_length_a          ? 
_cell.reciprocal_length_b          ? 
_cell.reciprocal_length_c          ? 
_cell.reciprocal_length_a_esd      ? 
_cell.reciprocal_length_b_esd      ? 
_cell.reciprocal_length_c_esd      ? 
_cell.pdbx_unique_axis             ? 
_cell.pdbx_esd_method              ? 
# 
_symmetry.entry_id                         8WIU 
_symmetry.cell_setting                     ? 
_symmetry.Int_Tables_number                19 
_symmetry.space_group_name_Hall            ? 
_symmetry.space_group_name_H-M             'P 21 21 21' 
_symmetry.pdbx_full_space_group_name_H-M   ? 
# 
_exptl.absorpt_coefficient_mu     ? 
_exptl.absorpt_correction_T_max   ? 
_exptl.absorpt_correction_T_min   ? 
_exptl.absorpt_correction_type    ? 
_exptl.absorpt_process_details    ? 
_exptl.entry_id                   8WIU 
_exptl.crystals_number            1 
_exptl.details                    ? 
_exptl.method                     'X-RAY DIFFRACTION' 
_exptl.method_details             ? 
# 
_exptl_crystal.colour                       ? 
_exptl_crystal.density_diffrn               ? 
_exptl_crystal.density_Matthews             2.12 
_exptl_crystal.density_method               ? 
_exptl_crystal.density_percent_sol          41.89 
_exptl_crystal.description                  ? 
_exptl_crystal.F_000                        ? 
_exptl_crystal.id                           1 
_exptl_crystal.preparation                  ? 
_exptl_crystal.size_max                     ? 
_exptl_crystal.size_mid                     ? 
_exptl_crystal.size_min                     ? 
_exptl_crystal.size_rad                     ? 
_exptl_crystal.colour_lustre                ? 
_exptl_crystal.colour_modifier              ? 
_exptl_crystal.colour_primary               ? 
_exptl_crystal.density_meas                 ? 
_exptl_crystal.density_meas_esd             ? 
_exptl_crystal.density_meas_gt              ? 
_exptl_crystal.density_meas_lt              ? 
_exptl_crystal.density_meas_temp            ? 
_exptl_crystal.density_meas_temp_esd        ? 
_exptl_crystal.density_meas_temp_gt         ? 
_exptl_crystal.density_meas_temp_lt         ? 
_exptl_crystal.pdbx_crystal_image_url       ? 
_exptl_crystal.pdbx_crystal_image_format    ? 
_exptl_crystal.pdbx_mosaicity               ? 
_exptl_crystal.pdbx_mosaicity_esd           ? 
_exptl_crystal.pdbx_mosaic_method           ? 
_exptl_crystal.pdbx_mosaic_block_size       ? 
_exptl_crystal.pdbx_mosaic_block_size_esd   ? 
# 
_exptl_crystal_grow.apparatus       ? 
_exptl_crystal_grow.atmosphere      ? 
_exptl_crystal_grow.crystal_id      1 
_exptl_crystal_grow.details         ? 
_exptl_crystal_grow.method          'VAPOR DIFFUSION, HANGING DROP' 
_exptl_crystal_grow.method_ref      ? 
_exptl_crystal_grow.pH              ? 
_exptl_crystal_grow.pressure        ? 
_exptl_crystal_grow.pressure_esd    ? 
_exptl_crystal_grow.seeding         ? 
_exptl_crystal_grow.seeding_ref     ? 
_exptl_crystal_grow.temp_details    ? 
_exptl_crystal_grow.temp_esd        ? 
_exptl_crystal_grow.time            ? 
_exptl_crystal_grow.pdbx_details    '0.2 M Ammonium acetate, 0.1 M BIS-TRIS pH 5.5, 18-28% w/v Polyethylene glycol 3,350' 
_exptl_crystal_grow.pdbx_pH_range   ? 
_exptl_crystal_grow.temp            291 
# 
_diffrn.ambient_environment              ? 
_diffrn.ambient_temp                     100 
_diffrn.ambient_temp_details             ? 
_diffrn.ambient_temp_esd                 ? 
_diffrn.crystal_id                       1 
_diffrn.crystal_support                  ? 
_diffrn.crystal_treatment                ? 
_diffrn.details                          ? 
_diffrn.id                               1 
_diffrn.ambient_pressure                 ? 
_diffrn.ambient_pressure_esd             ? 
_diffrn.ambient_pressure_gt              ? 
_diffrn.ambient_pressure_lt              ? 
_diffrn.ambient_temp_gt                  ? 
_diffrn.ambient_temp_lt                  ? 
_diffrn.pdbx_serial_crystal_experiment   N 
# 
_diffrn_detector.details                      ? 
_diffrn_detector.detector                     PIXEL 
_diffrn_detector.diffrn_id                    1 
_diffrn_detector.type                         'DECTRIS EIGER2 S 9M' 
_diffrn_detector.area_resol_mean              ? 
_diffrn_detector.dtime                        ? 
_diffrn_detector.pdbx_frames_total            ? 
_diffrn_detector.pdbx_collection_time_total   ? 
_diffrn_detector.pdbx_collection_date         2021-06-21 
_diffrn_detector.pdbx_frequency               ? 
_diffrn_detector.id                           ? 
_diffrn_detector.number_of_axes               ? 
# 
_diffrn_radiation.collimation                      ? 
_diffrn_radiation.diffrn_id                        1 
_diffrn_radiation.filter_edge                      ? 
_diffrn_radiation.inhomogeneity                    ? 
_diffrn_radiation.monochromator                    Si111 
_diffrn_radiation.polarisn_norm                    ? 
_diffrn_radiation.polarisn_ratio                   ? 
_diffrn_radiation.probe                            ? 
_diffrn_radiation.type                             ? 
_diffrn_radiation.xray_symbol                      ? 
_diffrn_radiation.wavelength_id                    1 
_diffrn_radiation.pdbx_monochromatic_or_laue_m_l   M 
_diffrn_radiation.pdbx_wavelength_list             ? 
_diffrn_radiation.pdbx_wavelength                  ? 
_diffrn_radiation.pdbx_diffrn_protocol             'SINGLE WAVELENGTH' 
_diffrn_radiation.pdbx_analyzer                    ? 
_diffrn_radiation.pdbx_scattering_type             x-ray 
# 
_diffrn_radiation_wavelength.id           1 
_diffrn_radiation_wavelength.wavelength   0.97918 
_diffrn_radiation_wavelength.wt           1.0 
# 
_diffrn_source.current                     ? 
_diffrn_source.details                     ? 
_diffrn_source.diffrn_id                   1 
_diffrn_source.power                       ? 
_diffrn_source.size                        ? 
_diffrn_source.source                      SYNCHROTRON 
_diffrn_source.target                      ? 
_diffrn_source.type                        'SSRF BEAMLINE BL02U1' 
_diffrn_source.voltage                     ? 
_diffrn_source.take-off_angle              ? 
_diffrn_source.pdbx_wavelength_list        0.97918 
_diffrn_source.pdbx_wavelength             ? 
_diffrn_source.pdbx_synchrotron_beamline   BL02U1 
_diffrn_source.pdbx_synchrotron_site       SSRF 
# 
_reflns.B_iso_Wilson_estimate                          ? 
_reflns.entry_id                                       8WIU 
_reflns.data_reduction_details                         ? 
_reflns.data_reduction_method                          ? 
_reflns.d_resolution_high                              1.40 
_reflns.d_resolution_low                               39.00 
_reflns.details                                        ? 
_reflns.limit_h_max                                    ? 
_reflns.limit_h_min                                    ? 
_reflns.limit_k_max                                    ? 
_reflns.limit_k_min                                    ? 
_reflns.limit_l_max                                    ? 
_reflns.limit_l_min                                    ? 
_reflns.number_all                                     ? 
_reflns.number_obs                                     46705 
_reflns.observed_criterion                             ? 
_reflns.observed_criterion_F_max                       ? 
_reflns.observed_criterion_F_min                       ? 
_reflns.observed_criterion_I_max                       ? 
_reflns.observed_criterion_I_min                       ? 
_reflns.observed_criterion_sigma_F                     ? 
_reflns.observed_criterion_sigma_I                     ? 
_reflns.percent_possible_obs                           97.5 
_reflns.R_free_details                                 ? 
_reflns.Rmerge_F_all                                   ? 
_reflns.Rmerge_F_obs                                   ? 
_reflns.Friedel_coverage                               ? 
_reflns.number_gt                                      ? 
_reflns.threshold_expression                           ? 
_reflns.pdbx_redundancy                                11.7 
_reflns.pdbx_netI_over_av_sigmaI                       ? 
_reflns.pdbx_netI_over_sigmaI                          14.4 
_reflns.pdbx_res_netI_over_av_sigmaI_2                 ? 
_reflns.pdbx_res_netI_over_sigmaI_2                    ? 
_reflns.pdbx_chi_squared                               0.81 
_reflns.pdbx_scaling_rejects                           ? 
_reflns.pdbx_d_res_high_opt                            ? 
_reflns.pdbx_d_res_low_opt                             ? 
_reflns.pdbx_d_res_opt_method                          ? 
_reflns.phase_calculation_details                      ? 
_reflns.pdbx_Rrim_I_all                                0.086 
_reflns.pdbx_Rpim_I_all                                0.024 
_reflns.pdbx_d_opt                                     ? 
_reflns.pdbx_number_measured_all                       ? 
_reflns.pdbx_diffrn_id                                 1 
_reflns.pdbx_ordinal                                   1 
_reflns.pdbx_CC_half                                   0.999 
_reflns.pdbx_CC_star                                   ? 
_reflns.pdbx_R_split                                   ? 
_reflns.pdbx_Rmerge_I_obs                              0.082 
_reflns.pdbx_Rmerge_I_all                              ? 
_reflns.pdbx_Rsym_value                                ? 
_reflns.pdbx_CC_split_method                           ? 
_reflns.pdbx_aniso_diffraction_limit_axis_1_ortho[1]   ? 
_reflns.pdbx_aniso_diffraction_limit_axis_1_ortho[2]   ? 
_reflns.pdbx_aniso_diffraction_limit_axis_1_ortho[3]   ? 
_reflns.pdbx_aniso_diffraction_limit_axis_2_ortho[1]   ? 
_reflns.pdbx_aniso_diffraction_limit_axis_2_ortho[2]   ? 
_reflns.pdbx_aniso_diffraction_limit_axis_2_ortho[3]   ? 
_reflns.pdbx_aniso_diffraction_limit_axis_3_ortho[1]   ? 
_reflns.pdbx_aniso_diffraction_limit_axis_3_ortho[2]   ? 
_reflns.pdbx_aniso_diffraction_limit_axis_3_ortho[3]   ? 
_reflns.pdbx_aniso_diffraction_limit_1                 ? 
_reflns.pdbx_aniso_diffraction_limit_2                 ? 
_reflns.pdbx_aniso_diffraction_limit_3                 ? 
_reflns.pdbx_aniso_B_tensor_eigenvector_1_ortho[1]     ? 
_reflns.pdbx_aniso_B_tensor_eigenvector_1_ortho[2]     ? 
_reflns.pdbx_aniso_B_tensor_eigenvector_1_ortho[3]     ? 
_reflns.pdbx_aniso_B_tensor_eigenvector_2_ortho[1]     ? 
_reflns.pdbx_aniso_B_tensor_eigenvector_2_ortho[2]     ? 
_reflns.pdbx_aniso_B_tensor_eigenvector_2_ortho[3]     ? 
_reflns.pdbx_aniso_B_tensor_eigenvector_3_ortho[1]     ? 
_reflns.pdbx_aniso_B_tensor_eigenvector_3_ortho[2]     ? 
_reflns.pdbx_aniso_B_tensor_eigenvector_3_ortho[3]     ? 
_reflns.pdbx_aniso_B_tensor_eigenvalue_1               ? 
_reflns.pdbx_aniso_B_tensor_eigenvalue_2               ? 
_reflns.pdbx_aniso_B_tensor_eigenvalue_3               ? 
_reflns.pdbx_orthogonalization_convention              ? 
_reflns.pdbx_percent_possible_ellipsoidal              ? 
_reflns.pdbx_percent_possible_spherical                ? 
_reflns.pdbx_percent_possible_ellipsoidal_anomalous    ? 
_reflns.pdbx_percent_possible_spherical_anomalous      ? 
_reflns.pdbx_redundancy_anomalous                      ? 
_reflns.pdbx_CC_half_anomalous                         ? 
_reflns.pdbx_absDiff_over_sigma_anomalous              ? 
_reflns.pdbx_percent_possible_anomalous                ? 
_reflns.pdbx_observed_signal_threshold                 ? 
_reflns.pdbx_signal_type                               ? 
_reflns.pdbx_signal_details                            ? 
_reflns.pdbx_signal_software_id                        ? 
# 
_reflns_shell.d_res_high                                    1.40 
_reflns_shell.d_res_low                                     1.47 
_reflns_shell.meanI_over_sigI_all                           ? 
_reflns_shell.meanI_over_sigI_obs                           ? 
_reflns_shell.number_measured_all                           23505 
_reflns_shell.number_measured_obs                           ? 
_reflns_shell.number_possible                               ? 
_reflns_shell.number_unique_all                             ? 
_reflns_shell.number_unique_obs                             3036 
_reflns_shell.percent_possible_obs                          83.8 
_reflns_shell.Rmerge_F_all                                  ? 
_reflns_shell.Rmerge_F_obs                                  ? 
_reflns_shell.meanI_over_sigI_gt                            ? 
_reflns_shell.meanI_over_uI_all                             ? 
_reflns_shell.meanI_over_uI_gt                              ? 
_reflns_shell.number_measured_gt                            ? 
_reflns_shell.number_unique_gt                              ? 
_reflns_shell.percent_possible_gt                           ? 
_reflns_shell.Rmerge_F_gt                                   ? 
_reflns_shell.Rmerge_I_gt                                   ? 
_reflns_shell.pdbx_redundancy                               7.7 
_reflns_shell.pdbx_chi_squared                              0.41 
_reflns_shell.pdbx_netI_over_sigmaI_all                     ? 
_reflns_shell.pdbx_netI_over_sigmaI_obs                     2.7 
_reflns_shell.pdbx_Rrim_I_all                               0.502 
_reflns_shell.pdbx_Rpim_I_all                               0.173 
_reflns_shell.pdbx_rejects                                  ? 
_reflns_shell.pdbx_ordinal                                  1 
_reflns_shell.pdbx_diffrn_id                                1 
_reflns_shell.pdbx_CC_half                                  0.954 
_reflns_shell.pdbx_CC_star                                  ? 
_reflns_shell.pdbx_R_split                                  ? 
_reflns_shell.percent_possible_all                          ? 
_reflns_shell.Rmerge_I_all                                  ? 
_reflns_shell.Rmerge_I_obs                                  0.469 
_reflns_shell.pdbx_Rsym_value                               ? 
_reflns_shell.pdbx_percent_possible_ellipsoidal             ? 
_reflns_shell.pdbx_percent_possible_spherical               ? 
_reflns_shell.pdbx_percent_possible_ellipsoidal_anomalous   ? 
_reflns_shell.pdbx_percent_possible_spherical_anomalous     ? 
_reflns_shell.pdbx_redundancy_anomalous                     ? 
_reflns_shell.pdbx_CC_half_anomalous                        ? 
_reflns_shell.pdbx_absDiff_over_sigma_anomalous             ? 
_reflns_shell.pdbx_percent_possible_anomalous               ? 
# 
_refine.aniso_B[1][1]                            ? 
_refine.aniso_B[1][2]                            ? 
_refine.aniso_B[1][3]                            ? 
_refine.aniso_B[2][2]                            ? 
_refine.aniso_B[2][3]                            ? 
_refine.aniso_B[3][3]                            ? 
_refine.B_iso_max                                ? 
_refine.B_iso_mean                               ? 
_refine.B_iso_min                                ? 
_refine.correlation_coeff_Fo_to_Fc               ? 
_refine.correlation_coeff_Fo_to_Fc_free          ? 
_refine.details                                  ? 
_refine.diff_density_max                         ? 
_refine.diff_density_max_esd                     ? 
_refine.diff_density_min                         ? 
_refine.diff_density_min_esd                     ? 
_refine.diff_density_rms                         ? 
_refine.diff_density_rms_esd                     ? 
_refine.entry_id                                 8WIU 
_refine.pdbx_refine_id                           'X-RAY DIFFRACTION' 
_refine.ls_abs_structure_details                 ? 
_refine.ls_abs_structure_Flack                   ? 
_refine.ls_abs_structure_Flack_esd               ? 
_refine.ls_abs_structure_Rogers                  ? 
_refine.ls_abs_structure_Rogers_esd              ? 
_refine.ls_d_res_high                            1.40 
_refine.ls_d_res_low                             18.02 
_refine.ls_extinction_coef                       ? 
_refine.ls_extinction_coef_esd                   ? 
_refine.ls_extinction_expression                 ? 
_refine.ls_extinction_method                     ? 
_refine.ls_goodness_of_fit_all                   ? 
_refine.ls_goodness_of_fit_all_esd               ? 
_refine.ls_goodness_of_fit_obs                   ? 
_refine.ls_goodness_of_fit_obs_esd               ? 
_refine.ls_hydrogen_treatment                    ? 
_refine.ls_matrix_type                           ? 
_refine.ls_number_constraints                    ? 
_refine.ls_number_parameters                     ? 
_refine.ls_number_reflns_all                     ? 
_refine.ls_number_reflns_obs                     46705 
_refine.ls_number_reflns_R_free                  3707 
_refine.ls_number_reflns_R_work                  ? 
_refine.ls_number_restraints                     ? 
_refine.ls_percent_reflns_obs                    97.26 
_refine.ls_percent_reflns_R_free                 8.00 
_refine.ls_R_factor_all                          ? 
_refine.ls_R_factor_obs                          0.2132 
_refine.ls_R_factor_R_free                       0.2356 
_refine.ls_R_factor_R_free_error                 ? 
_refine.ls_R_factor_R_free_error_details         ? 
_refine.ls_R_factor_R_work                       0.2113 
_refine.ls_R_Fsqd_factor_obs                     ? 
_refine.ls_R_I_factor_obs                        ? 
_refine.ls_redundancy_reflns_all                 ? 
_refine.ls_redundancy_reflns_obs                 ? 
_refine.ls_restrained_S_all                      ? 
_refine.ls_restrained_S_obs                      ? 
_refine.ls_shift_over_esd_max                    ? 
_refine.ls_shift_over_esd_mean                   ? 
_refine.ls_structure_factor_coef                 ? 
_refine.ls_weighting_details                     ? 
_refine.ls_weighting_scheme                      ? 
_refine.ls_wR_factor_all                         ? 
_refine.ls_wR_factor_obs                         ? 
_refine.ls_wR_factor_R_free                      ? 
_refine.ls_wR_factor_R_work                      ? 
_refine.occupancy_max                            ? 
_refine.occupancy_min                            ? 
_refine.solvent_model_details                    'FLAT BULK SOLVENT MODEL' 
_refine.solvent_model_param_bsol                 ? 
_refine.solvent_model_param_ksol                 ? 
_refine.pdbx_R_complete                          ? 
_refine.ls_R_factor_gt                           ? 
_refine.ls_goodness_of_fit_gt                    ? 
_refine.ls_goodness_of_fit_ref                   ? 
_refine.ls_shift_over_su_max                     ? 
_refine.ls_shift_over_su_max_lt                  ? 
_refine.ls_shift_over_su_mean                    ? 
_refine.ls_shift_over_su_mean_lt                 ? 
_refine.pdbx_ls_sigma_I                          ? 
_refine.pdbx_ls_sigma_F                          1.38 
_refine.pdbx_ls_sigma_Fsqd                       ? 
_refine.pdbx_data_cutoff_high_absF               ? 
_refine.pdbx_data_cutoff_high_rms_absF           ? 
_refine.pdbx_data_cutoff_low_absF                ? 
_refine.pdbx_isotropic_thermal_model             ? 
_refine.pdbx_ls_cross_valid_method               THROUGHOUT 
_refine.pdbx_method_to_determine_struct          'MOLECULAR REPLACEMENT' 
_refine.pdbx_starting_model                      ? 
_refine.pdbx_stereochemistry_target_values       ML 
_refine.pdbx_R_Free_selection_details            ? 
_refine.pdbx_stereochem_target_val_spec_case     ? 
_refine.pdbx_overall_ESU_R                       ? 
_refine.pdbx_overall_ESU_R_Free                  ? 
_refine.pdbx_solvent_vdw_probe_radii             1.11 
_refine.pdbx_solvent_ion_probe_radii             ? 
_refine.pdbx_solvent_shrinkage_radii             0.90 
_refine.pdbx_real_space_R                        ? 
_refine.pdbx_density_correlation                 ? 
_refine.pdbx_pd_number_of_powder_patterns        ? 
_refine.pdbx_pd_number_of_points                 ? 
_refine.pdbx_pd_meas_number_of_points            ? 
_refine.pdbx_pd_proc_ls_prof_R_factor            ? 
_refine.pdbx_pd_proc_ls_prof_wR_factor           ? 
_refine.pdbx_pd_Marquardt_correlation_coeff      ? 
_refine.pdbx_pd_Fsqrd_R_factor                   ? 
_refine.pdbx_pd_ls_matrix_band_width             ? 
_refine.pdbx_overall_phase_error                 29.51 
_refine.pdbx_overall_SU_R_free_Cruickshank_DPI   ? 
_refine.pdbx_overall_SU_R_free_Blow_DPI          ? 
_refine.pdbx_overall_SU_R_Blow_DPI               ? 
_refine.pdbx_TLS_residual_ADP_flag               ? 
_refine.pdbx_diffrn_id                           1 
_refine.overall_SU_B                             ? 
_refine.overall_SU_ML                            0.17 
_refine.overall_SU_R_Cruickshank_DPI             ? 
_refine.overall_SU_R_free                        ? 
_refine.overall_FOM_free_R_set                   ? 
_refine.overall_FOM_work_R_set                   ? 
_refine.pdbx_average_fsc_overall                 ? 
_refine.pdbx_average_fsc_work                    ? 
_refine.pdbx_average_fsc_free                    ? 
# 
_refine_hist.pdbx_refine_id                   'X-RAY DIFFRACTION' 
_refine_hist.cycle_id                         LAST 
_refine_hist.pdbx_number_atoms_protein        1017 
_refine_hist.pdbx_number_atoms_nucleic_acid   0 
_refine_hist.pdbx_number_atoms_ligand         26 
_refine_hist.number_atoms_solvent             97 
_refine_hist.number_atoms_total               1140 
_refine_hist.d_res_high                       1.40 
_refine_hist.d_res_low                        18.02 
# 
loop_
_refine_ls_restr.pdbx_refine_id 
_refine_ls_restr.criterion 
_refine_ls_restr.dev_ideal 
_refine_ls_restr.dev_ideal_target 
_refine_ls_restr.number 
_refine_ls_restr.rejects 
_refine_ls_restr.type 
_refine_ls_restr.weight 
_refine_ls_restr.pdbx_restraint_function 
'X-RAY DIFFRACTION' ? 0.007 ? 1098 ? f_bond_d           ? ? 
'X-RAY DIFFRACTION' ? 0.930 ? 1506 ? f_angle_d          ? ? 
'X-RAY DIFFRACTION' ? 8.182 ? 145  ? f_dihedral_angle_d ? ? 
'X-RAY DIFFRACTION' ? 0.078 ? 161  ? f_chiral_restr     ? ? 
'X-RAY DIFFRACTION' ? 0.007 ? 190  ? f_plane_restr      ? ? 
# 
loop_
_refine_ls_shell.pdbx_refine_id 
_refine_ls_shell.d_res_high 
_refine_ls_shell.d_res_low 
_refine_ls_shell.number_reflns_all 
_refine_ls_shell.number_reflns_obs 
_refine_ls_shell.number_reflns_R_free 
_refine_ls_shell.number_reflns_R_work 
_refine_ls_shell.percent_reflns_obs 
_refine_ls_shell.percent_reflns_R_free 
_refine_ls_shell.R_factor_all 
_refine_ls_shell.R_factor_obs 
_refine_ls_shell.R_factor_R_free_error 
_refine_ls_shell.R_factor_R_work 
_refine_ls_shell.redundancy_reflns_all 
_refine_ls_shell.redundancy_reflns_obs 
_refine_ls_shell.wR_factor_all 
_refine_ls_shell.wR_factor_obs 
_refine_ls_shell.wR_factor_R_free 
_refine_ls_shell.wR_factor_R_work 
_refine_ls_shell.pdbx_R_complete 
_refine_ls_shell.pdbx_total_number_of_bins_used 
_refine_ls_shell.pdbx_phase_error 
_refine_ls_shell.pdbx_fsc_work 
_refine_ls_shell.pdbx_fsc_free 
_refine_ls_shell.R_factor_R_free 
'X-RAY DIFFRACTION' 1.40 1.41  . . 109 1241 75.00  . . . . 0.3637 . . . . . . . . . . . 0.4039 
'X-RAY DIFFRACTION' 1.41 1.43  . . 111 1302 81.00  . . . . 0.3467 . . . . . . . . . . . 0.4227 
'X-RAY DIFFRACTION' 1.43 1.45  . . 124 1440 87.00  . . . . 0.3317 . . . . . . . . . . . 0.3144 
'X-RAY DIFFRACTION' 1.45 1.47  . . 129 1528 91.00  . . . . 0.2964 . . . . . . . . . . . 0.3481 
'X-RAY DIFFRACTION' 1.47 1.49  . . 136 1567 98.00  . . . . 0.2698 . . . . . . . . . . . 0.3481 
'X-RAY DIFFRACTION' 1.49 1.52  . . 141 1616 99.00  . . . . 0.2429 . . . . . . . . . . . 0.2985 
'X-RAY DIFFRACTION' 1.52 1.54  . . 142 1631 99.00  . . . . 0.2415 . . . . . . . . . . . 0.2061 
'X-RAY DIFFRACTION' 1.54 1.57  . . 142 1633 99.00  . . . . 0.2241 . . . . . . . . . . . 0.2776 
'X-RAY DIFFRACTION' 1.57 1.60  . . 137 1603 100.00 . . . . 0.2161 . . . . . . . . . . . 0.2355 
'X-RAY DIFFRACTION' 1.60 1.63  . . 141 1656 100.00 . . . . 0.2167 . . . . . . . . . . . 0.2947 
'X-RAY DIFFRACTION' 1.63 1.66  . . 142 1613 100.00 . . . . 0.2208 . . . . . . . . . . . 0.2287 
'X-RAY DIFFRACTION' 1.66 1.70  . . 144 1657 100.00 . . . . 0.2224 . . . . . . . . . . . 0.2820 
'X-RAY DIFFRACTION' 1.70 1.74  . . 143 1609 100.00 . . . . 0.2120 . . . . . . . . . . . 0.2618 
'X-RAY DIFFRACTION' 1.74 1.78  . . 139 1638 100.00 . . . . 0.2180 . . . . . . . . . . . 0.2597 
'X-RAY DIFFRACTION' 1.78 1.83  . . 141 1635 100.00 . . . . 0.2340 . . . . . . . . . . . 0.2592 
'X-RAY DIFFRACTION' 1.83 1.88  . . 149 1644 100.00 . . . . 0.2215 . . . . . . . . . . . 0.2667 
'X-RAY DIFFRACTION' 1.88 1.94  . . 146 1619 100.00 . . . . 0.2152 . . . . . . . . . . . 0.2506 
'X-RAY DIFFRACTION' 1.94 2.01  . . 140 1628 100.00 . . . . 0.2222 . . . . . . . . . . . 0.2310 
'X-RAY DIFFRACTION' 2.01 2.09  . . 146 1632 100.00 . . . . 0.2071 . . . . . . . . . . . 0.2650 
'X-RAY DIFFRACTION' 2.09 2.19  . . 139 1626 100.00 . . . . 0.2058 . . . . . . . . . . . 0.2393 
'X-RAY DIFFRACTION' 2.19 2.30  . . 141 1637 100.00 . . . . 0.2156 . . . . . . . . . . . 0.2372 
'X-RAY DIFFRACTION' 2.30 2.45  . . 146 1643 100.00 . . . . 0.2203 . . . . . . . . . . . 0.2258 
'X-RAY DIFFRACTION' 2.45 2.64  . . 145 1626 100.00 . . . . 0.2203 . . . . . . . . . . . 0.2336 
'X-RAY DIFFRACTION' 2.64 2.90  . . 144 1633 100.00 . . . . 0.2250 . . . . . . . . . . . 0.2534 
'X-RAY DIFFRACTION' 2.90 3.32  . . 134 1645 100.00 . . . . 0.2089 . . . . . . . . . . . 0.2618 
'X-RAY DIFFRACTION' 3.32 4.17  . . 143 1636 100.00 . . . . 0.1737 . . . . . . . . . . . 0.1895 
'X-RAY DIFFRACTION' 4.17 18.02 . . 142 1631 100.00 . . . . 0.1759 . . . . . . . . . . . 0.1666 
# 
_struct.entry_id                     8WIU 
_struct.title                        'Bromodomain and Extra-terminal Domain (BET) BRD4' 
_struct.pdbx_model_details           ? 
_struct.pdbx_formula_weight          ? 
_struct.pdbx_formula_weight_method   ? 
_struct.pdbx_model_type_details      ? 
_struct.pdbx_CASP_flag               N 
# 
_struct_keywords.entry_id        8WIU 
_struct_keywords.text            'binds acetylated lysine residues, DNA BINDING PROTEIN' 
_struct_keywords.pdbx_keywords   'DNA BINDING PROTEIN' 
# 
loop_
_struct_asym.id 
_struct_asym.pdbx_blank_PDB_chainid_flag 
_struct_asym.pdbx_modified 
_struct_asym.entity_id 
_struct_asym.details 
A N N 1 ? 
B N N 2 ? 
C N N 3 ? 
# 
_struct_ref.id                         1 
_struct_ref.db_name                    UNP 
_struct_ref.db_code                    BRD4_HUMAN 
_struct_ref.pdbx_db_accession          O60885 
_struct_ref.pdbx_db_isoform            O60885-2 
_struct_ref.entity_id                  1 
_struct_ref.pdbx_seq_one_letter_code   
;STNPPPPETSNPNKPKRQTNQLQYLLRVVLKTLWKHQFAWPFQQPVDAVKLNLPDYYKIIKTPMDMGTIKKRLENNYYWN
AQECIQDFNTMFTNCYIYNKPGDDIVLMAEALEKLFLQKINELP
;
_struct_ref.pdbx_align_begin           42 
# 
_struct_ref_seq.align_id                      1 
_struct_ref_seq.ref_id                        1 
_struct_ref_seq.pdbx_PDB_id_code              8WIU 
_struct_ref_seq.pdbx_strand_id                A 
_struct_ref_seq.seq_align_beg                 1 
_struct_ref_seq.pdbx_seq_align_beg_ins_code   ? 
_struct_ref_seq.seq_align_end                 124 
_struct_ref_seq.pdbx_seq_align_end_ins_code   ? 
_struct_ref_seq.pdbx_db_accession             O60885 
_struct_ref_seq.db_align_beg                  42 
_struct_ref_seq.pdbx_db_align_beg_ins_code    ? 
_struct_ref_seq.db_align_end                  165 
_struct_ref_seq.pdbx_db_align_end_ins_code    ? 
_struct_ref_seq.pdbx_auth_seq_align_beg       42 
_struct_ref_seq.pdbx_auth_seq_align_end       165 
# 
_struct_ref_seq_dif.align_id                     1 
_struct_ref_seq_dif.pdbx_pdb_id_code             8WIU 
_struct_ref_seq_dif.mon_id                       MET 
_struct_ref_seq_dif.pdbx_pdb_strand_id           A 
_struct_ref_seq_dif.seq_num                      2 
_struct_ref_seq_dif.pdbx_pdb_ins_code            ? 
_struct_ref_seq_dif.pdbx_seq_db_name             UNP 
_struct_ref_seq_dif.pdbx_seq_db_accession_code   O60885 
_struct_ref_seq_dif.db_mon_id                    THR 
_struct_ref_seq_dif.pdbx_seq_db_seq_num          43 
_struct_ref_seq_dif.details                      conflict 
_struct_ref_seq_dif.pdbx_auth_seq_num            43 
_struct_ref_seq_dif.pdbx_ordinal                 1 
# 
_pdbx_struct_assembly.id                   1 
_pdbx_struct_assembly.details              author_defined_assembly 
_pdbx_struct_assembly.method_details       ? 
_pdbx_struct_assembly.oligomeric_details   monomeric 
_pdbx_struct_assembly.oligomeric_count     1 
# 
_pdbx_struct_assembly_gen.assembly_id       1 
_pdbx_struct_assembly_gen.oper_expression   1 
_pdbx_struct_assembly_gen.asym_id_list      A,B,C 
# 
_pdbx_struct_oper_list.id                   1 
_pdbx_struct_oper_list.type                 'identity operation' 
_pdbx_struct_oper_list.name                 1_555 
_pdbx_struct_oper_list.symmetry_operation   x,y,z 
_pdbx_struct_oper_list.matrix[1][1]         1.0000000000 
_pdbx_struct_oper_list.matrix[1][2]         0.0000000000 
_pdbx_struct_oper_list.matrix[1][3]         0.0000000000 
_pdbx_struct_oper_list.vector[1]            0.0000000000 
_pdbx_struct_oper_list.matrix[2][1]         0.0000000000 
_pdbx_struct_oper_list.matrix[2][2]         1.0000000000 
_pdbx_struct_oper_list.matrix[2][3]         0.0000000000 
_pdbx_struct_oper_list.vector[2]            0.0000000000 
_pdbx_struct_oper_list.matrix[3][1]         0.0000000000 
_pdbx_struct_oper_list.matrix[3][2]         0.0000000000 
_pdbx_struct_oper_list.matrix[3][3]         1.0000000000 
_pdbx_struct_oper_list.vector[3]            0.0000000000 
# 
loop_
_struct_conf.conf_type_id 
_struct_conf.id 
_struct_conf.pdbx_PDB_helix_id 
_struct_conf.beg_label_comp_id 
_struct_conf.beg_label_asym_id 
_struct_conf.beg_label_seq_id 
_struct_conf.pdbx_beg_PDB_ins_code 
_struct_conf.end_label_comp_id 
_struct_conf.end_label_asym_id 
_struct_conf.end_label_seq_id 
_struct_conf.pdbx_end_PDB_ins_code 
_struct_conf.beg_auth_comp_id 
_struct_conf.beg_auth_asym_id 
_struct_conf.beg_auth_seq_id 
_struct_conf.end_auth_comp_id 
_struct_conf.end_auth_asym_id 
_struct_conf.end_auth_seq_id 
_struct_conf.pdbx_PDB_helix_class 
_struct_conf.details 
_struct_conf.pdbx_PDB_helix_length 
HELX_P HELX_P1 AA1 THR A 19  ? VAL A 28  ? THR A 60  VAL A 69  1 ? 10 
HELX_P HELX_P2 AA2 VAL A 28  ? LYS A 35  ? VAL A 69  LYS A 76  1 ? 8  
HELX_P HELX_P3 AA3 ALA A 39  ? GLN A 43  ? ALA A 80  GLN A 84  5 ? 5  
HELX_P HELX_P4 AA4 ASP A 55  ? ILE A 60  ? ASP A 96  ILE A 101 1 ? 6  
HELX_P HELX_P5 AA5 ASP A 65  ? ASN A 75  ? ASP A 106 ASN A 116 1 ? 11 
HELX_P HELX_P6 AA6 ASN A 80  ? ASN A 99  ? ASN A 121 ASN A 140 1 ? 20 
HELX_P HELX_P7 AA7 ASP A 103 ? ASN A 121 ? ASP A 144 ASN A 162 1 ? 19 
# 
_struct_conf_type.id          HELX_P 
_struct_conf_type.criteria    ? 
_struct_conf_type.reference   ? 
# 
_pdbx_validate_close_contact.id               1 
_pdbx_validate_close_contact.PDB_model_num    1 
_pdbx_validate_close_contact.auth_atom_id_1   NE2 
_pdbx_validate_close_contact.auth_asym_id_1   A 
_pdbx_validate_close_contact.auth_comp_id_1   GLN 
_pdbx_validate_close_contact.auth_seq_id_1    159 
_pdbx_validate_close_contact.PDB_ins_code_1   ? 
_pdbx_validate_close_contact.label_alt_id_1   ? 
_pdbx_validate_close_contact.auth_atom_id_2   O 
_pdbx_validate_close_contact.auth_asym_id_2   A 
_pdbx_validate_close_contact.auth_comp_id_2   HOH 
_pdbx_validate_close_contact.auth_seq_id_2    301 
_pdbx_validate_close_contact.PDB_ins_code_2   ? 
_pdbx_validate_close_contact.label_alt_id_2   ? 
_pdbx_validate_close_contact.dist             2.08 
# 
_pdbx_entry_details.entry_id                 8WIU 
_pdbx_entry_details.has_ligand_of_interest   Y 
_pdbx_entry_details.compound_details         ? 
_pdbx_entry_details.source_details           ? 
_pdbx_entry_details.nonpolymer_details       ? 
_pdbx_entry_details.sequence_details         ? 
# 
_pdbx_unobs_or_zero_occ_residues.id               1 
_pdbx_unobs_or_zero_occ_residues.PDB_model_num    1 
_pdbx_unobs_or_zero_occ_residues.polymer_flag     Y 
_pdbx_unobs_or_zero_occ_residues.occupancy_flag   1 
_pdbx_unobs_or_zero_occ_residues.auth_asym_id     A 
_pdbx_unobs_or_zero_occ_residues.auth_comp_id     SER 
_pdbx_unobs_or_zero_occ_residues.auth_seq_id      42 
_pdbx_unobs_or_zero_occ_residues.PDB_ins_code     ? 
_pdbx_unobs_or_zero_occ_residues.label_asym_id    A 
_pdbx_unobs_or_zero_occ_residues.label_comp_id    SER 
_pdbx_unobs_or_zero_occ_residues.label_seq_id     1 
# 
loop_
_chem_comp_atom.comp_id 
_chem_comp_atom.atom_id 
_chem_comp_atom.type_symbol 
_chem_comp_atom.pdbx_aromatic_flag 
_chem_comp_atom.pdbx_stereo_config 
_chem_comp_atom.pdbx_ordinal 
ALA N    N N N 1   
ALA CA   C N S 2   
ALA C    C N N 3   
ALA O    O N N 4   
ALA CB   C N N 5   
ALA OXT  O N N 6   
ALA H    H N N 7   
ALA H2   H N N 8   
ALA HA   H N N 9   
ALA HB1  H N N 10  
ALA HB2  H N N 11  
ALA HB3  H N N 12  
ALA HXT  H N N 13  
ARG N    N N N 14  
ARG CA   C N S 15  
ARG C    C N N 16  
ARG O    O N N 17  
ARG CB   C N N 18  
ARG CG   C N N 19  
ARG CD   C N N 20  
ARG NE   N N N 21  
ARG CZ   C N N 22  
ARG NH1  N N N 23  
ARG NH2  N N N 24  
ARG OXT  O N N 25  
ARG H    H N N 26  
ARG H2   H N N 27  
ARG HA   H N N 28  
ARG HB2  H N N 29  
ARG HB3  H N N 30  
ARG HG2  H N N 31  
ARG HG3  H N N 32  
ARG HD2  H N N 33  
ARG HD3  H N N 34  
ARG HE   H N N 35  
ARG HH11 H N N 36  
ARG HH12 H N N 37  
ARG HH21 H N N 38  
ARG HH22 H N N 39  
ARG HXT  H N N 40  
ASN N    N N N 41  
ASN CA   C N S 42  
ASN C    C N N 43  
ASN O    O N N 44  
ASN CB   C N N 45  
ASN CG   C N N 46  
ASN OD1  O N N 47  
ASN ND2  N N N 48  
ASN OXT  O N N 49  
ASN H    H N N 50  
ASN H2   H N N 51  
ASN HA   H N N 52  
ASN HB2  H N N 53  
ASN HB3  H N N 54  
ASN HD21 H N N 55  
ASN HD22 H N N 56  
ASN HXT  H N N 57  
ASP N    N N N 58  
ASP CA   C N S 59  
ASP C    C N N 60  
ASP O    O N N 61  
ASP CB   C N N 62  
ASP CG   C N N 63  
ASP OD1  O N N 64  
ASP OD2  O N N 65  
ASP OXT  O N N 66  
ASP H    H N N 67  
ASP H2   H N N 68  
ASP HA   H N N 69  
ASP HB2  H N N 70  
ASP HB3  H N N 71  
ASP HD2  H N N 72  
ASP HXT  H N N 73  
CYS N    N N N 74  
CYS CA   C N R 75  
CYS C    C N N 76  
CYS O    O N N 77  
CYS CB   C N N 78  
CYS SG   S N N 79  
CYS OXT  O N N 80  
CYS H    H N N 81  
CYS H2   H N N 82  
CYS HA   H N N 83  
CYS HB2  H N N 84  
CYS HB3  H N N 85  
CYS HG   H N N 86  
CYS HXT  H N N 87  
GLN N    N N N 88  
GLN CA   C N S 89  
GLN C    C N N 90  
GLN O    O N N 91  
GLN CB   C N N 92  
GLN CG   C N N 93  
GLN CD   C N N 94  
GLN OE1  O N N 95  
GLN NE2  N N N 96  
GLN OXT  O N N 97  
GLN H    H N N 98  
GLN H2   H N N 99  
GLN HA   H N N 100 
GLN HB2  H N N 101 
GLN HB3  H N N 102 
GLN HG2  H N N 103 
GLN HG3  H N N 104 
GLN HE21 H N N 105 
GLN HE22 H N N 106 
GLN HXT  H N N 107 
GLU N    N N N 108 
GLU CA   C N S 109 
GLU C    C N N 110 
GLU O    O N N 111 
GLU CB   C N N 112 
GLU CG   C N N 113 
GLU CD   C N N 114 
GLU OE1  O N N 115 
GLU OE2  O N N 116 
GLU OXT  O N N 117 
GLU H    H N N 118 
GLU H2   H N N 119 
GLU HA   H N N 120 
GLU HB2  H N N 121 
GLU HB3  H N N 122 
GLU HG2  H N N 123 
GLU HG3  H N N 124 
GLU HE2  H N N 125 
GLU HXT  H N N 126 
GLY N    N N N 127 
GLY CA   C N N 128 
GLY C    C N N 129 
GLY O    O N N 130 
GLY OXT  O N N 131 
GLY H    H N N 132 
GLY H2   H N N 133 
GLY HA2  H N N 134 
GLY HA3  H N N 135 
GLY HXT  H N N 136 
HIS N    N N N 137 
HIS CA   C N S 138 
HIS C    C N N 139 
HIS O    O N N 140 
HIS CB   C N N 141 
HIS CG   C Y N 142 
HIS ND1  N Y N 143 
HIS CD2  C Y N 144 
HIS CE1  C Y N 145 
HIS NE2  N Y N 146 
HIS OXT  O N N 147 
HIS H    H N N 148 
HIS H2   H N N 149 
HIS HA   H N N 150 
HIS HB2  H N N 151 
HIS HB3  H N N 152 
HIS HD1  H N N 153 
HIS HD2  H N N 154 
HIS HE1  H N N 155 
HIS HE2  H N N 156 
HIS HXT  H N N 157 
HOH O    O N N 158 
HOH H1   H N N 159 
HOH H2   H N N 160 
ILE N    N N N 161 
ILE CA   C N S 162 
ILE C    C N N 163 
ILE O    O N N 164 
ILE CB   C N S 165 
ILE CG1  C N N 166 
ILE CG2  C N N 167 
ILE CD1  C N N 168 
ILE OXT  O N N 169 
ILE H    H N N 170 
ILE H2   H N N 171 
ILE HA   H N N 172 
ILE HB   H N N 173 
ILE HG12 H N N 174 
ILE HG13 H N N 175 
ILE HG21 H N N 176 
ILE HG22 H N N 177 
ILE HG23 H N N 178 
ILE HD11 H N N 179 
ILE HD12 H N N 180 
ILE HD13 H N N 181 
ILE HXT  H N N 182 
LEU N    N N N 183 
LEU CA   C N S 184 
LEU C    C N N 185 
LEU O    O N N 186 
LEU CB   C N N 187 
LEU CG   C N N 188 
LEU CD1  C N N 189 
LEU CD2  C N N 190 
LEU OXT  O N N 191 
LEU H    H N N 192 
LEU H2   H N N 193 
LEU HA   H N N 194 
LEU HB2  H N N 195 
LEU HB3  H N N 196 
LEU HG   H N N 197 
LEU HD11 H N N 198 
LEU HD12 H N N 199 
LEU HD13 H N N 200 
LEU HD21 H N N 201 
LEU HD22 H N N 202 
LEU HD23 H N N 203 
LEU HXT  H N N 204 
LYS N    N N N 205 
LYS CA   C N S 206 
LYS C    C N N 207 
LYS O    O N N 208 
LYS CB   C N N 209 
LYS CG   C N N 210 
LYS CD   C N N 211 
LYS CE   C N N 212 
LYS NZ   N N N 213 
LYS OXT  O N N 214 
LYS H    H N N 215 
LYS H2   H N N 216 
LYS HA   H N N 217 
LYS HB2  H N N 218 
LYS HB3  H N N 219 
LYS HG2  H N N 220 
LYS HG3  H N N 221 
LYS HD2  H N N 222 
LYS HD3  H N N 223 
LYS HE2  H N N 224 
LYS HE3  H N N 225 
LYS HZ1  H N N 226 
LYS HZ2  H N N 227 
LYS HZ3  H N N 228 
LYS HXT  H N N 229 
MET N    N N N 230 
MET CA   C N S 231 
MET C    C N N 232 
MET O    O N N 233 
MET CB   C N N 234 
MET CG   C N N 235 
MET SD   S N N 236 
MET CE   C N N 237 
MET OXT  O N N 238 
MET H    H N N 239 
MET H2   H N N 240 
MET HA   H N N 241 
MET HB2  H N N 242 
MET HB3  H N N 243 
MET HG2  H N N 244 
MET HG3  H N N 245 
MET HE1  H N N 246 
MET HE2  H N N 247 
MET HE3  H N N 248 
MET HXT  H N N 249 
PHE N    N N N 250 
PHE CA   C N S 251 
PHE C    C N N 252 
PHE O    O N N 253 
PHE CB   C N N 254 
PHE CG   C Y N 255 
PHE CD1  C Y N 256 
PHE CD2  C Y N 257 
PHE CE1  C Y N 258 
PHE CE2  C Y N 259 
PHE CZ   C Y N 260 
PHE OXT  O N N 261 
PHE H    H N N 262 
PHE H2   H N N 263 
PHE HA   H N N 264 
PHE HB2  H N N 265 
PHE HB3  H N N 266 
PHE HD1  H N N 267 
PHE HD2  H N N 268 
PHE HE1  H N N 269 
PHE HE2  H N N 270 
PHE HZ   H N N 271 
PHE HXT  H N N 272 
PRO N    N N N 273 
PRO CA   C N S 274 
PRO C    C N N 275 
PRO O    O N N 276 
PRO CB   C N N 277 
PRO CG   C N N 278 
PRO CD   C N N 279 
PRO OXT  O N N 280 
PRO H    H N N 281 
PRO HA   H N N 282 
PRO HB2  H N N 283 
PRO HB3  H N N 284 
PRO HG2  H N N 285 
PRO HG3  H N N 286 
PRO HD2  H N N 287 
PRO HD3  H N N 288 
PRO HXT  H N N 289 
SER N    N N N 290 
SER CA   C N S 291 
SER C    C N N 292 
SER O    O N N 293 
SER CB   C N N 294 
SER OG   O N N 295 
SER OXT  O N N 296 
SER H    H N N 297 
SER H2   H N N 298 
SER HA   H N N 299 
SER HB2  H N N 300 
SER HB3  H N N 301 
SER HG   H N N 302 
SER HXT  H N N 303 
THR N    N N N 304 
THR CA   C N S 305 
THR C    C N N 306 
THR O    O N N 307 
THR CB   C N R 308 
THR OG1  O N N 309 
THR CG2  C N N 310 
THR OXT  O N N 311 
THR H    H N N 312 
THR H2   H N N 313 
THR HA   H N N 314 
THR HB   H N N 315 
THR HG1  H N N 316 
THR HG21 H N N 317 
THR HG22 H N N 318 
THR HG23 H N N 319 
THR HXT  H N N 320 
TRP N    N N N 321 
TRP CA   C N S 322 
TRP C    C N N 323 
TRP O    O N N 324 
TRP CB   C N N 325 
TRP CG   C Y N 326 
TRP CD1  C Y N 327 
TRP CD2  C Y N 328 
TRP NE1  N Y N 329 
TRP CE2  C Y N 330 
TRP CE3  C Y N 331 
TRP CZ2  C Y N 332 
TRP CZ3  C Y N 333 
TRP CH2  C Y N 334 
TRP OXT  O N N 335 
TRP H    H N N 336 
TRP H2   H N N 337 
TRP HA   H N N 338 
TRP HB2  H N N 339 
TRP HB3  H N N 340 
TRP HD1  H N N 341 
TRP HE1  H N N 342 
TRP HE3  H N N 343 
TRP HZ2  H N N 344 
TRP HZ3  H N N 345 
TRP HH2  H N N 346 
TRP HXT  H N N 347 
TYR N    N N N 348 
TYR CA   C N S 349 
TYR C    C N N 350 
TYR O    O N N 351 
TYR CB   C N N 352 
TYR CG   C Y N 353 
TYR CD1  C Y N 354 
TYR CD2  C Y N 355 
TYR CE1  C Y N 356 
TYR CE2  C Y N 357 
TYR CZ   C Y N 358 
TYR OH   O N N 359 
TYR OXT  O N N 360 
TYR H    H N N 361 
TYR H2   H N N 362 
TYR HA   H N N 363 
TYR HB2  H N N 364 
TYR HB3  H N N 365 
TYR HD1  H N N 366 
TYR HD2  H N N 367 
TYR HE1  H N N 368 
TYR HE2  H N N 369 
TYR HH   H N N 370 
TYR HXT  H N N 371 
VAL N    N N N 372 
VAL CA   C N S 373 
VAL C    C N N 374 
VAL O    O N N 375 
VAL CB   C N N 376 
VAL CG1  C N N 377 
VAL CG2  C N N 378 
VAL OXT  O N N 379 
VAL H    H N N 380 
VAL H2   H N N 381 
VAL HA   H N N 382 
VAL HB   H N N 383 
VAL HG11 H N N 384 
VAL HG12 H N N 385 
VAL HG13 H N N 386 
VAL HG21 H N N 387 
VAL HG22 H N N 388 
VAL HG23 H N N 389 
VAL HXT  H N N 390 
WPR C10  C Y N 391 
WPR N12  N Y N 392 
WPR C13  C Y N 393 
WPR C20  C N N 394 
WPR C24  C N N 395 
WPR C26  C N N 396 
WPR C01  C N N 397 
WPR C02  C Y N 398 
WPR C03  C Y N 399 
WPR C04  C Y N 400 
WPR C05  C Y N 401 
WPR C07  C Y N 402 
WPR C08  C Y N 403 
WPR C09  C Y N 404 
WPR C11  C Y N 405 
WPR C14  C Y N 406 
WPR C16  C Y N 407 
WPR C18  C Y N 408 
WPR C19  C Y N 409 
WPR C23  C N N 410 
WPR C25  C N N 411 
WPR N06  N Y N 412 
WPR N15  N Y N 413 
WPR N17  N Y N 414 
WPR N21  N Y N 415 
WPR N22  N Y N 416 
WPR H101 H N N 417 
WPR H202 H N N 418 
WPR H201 H N N 419 
WPR H203 H N N 420 
WPR H241 H N N 421 
WPR H262 H N N 422 
WPR H261 H N N 423 
WPR H012 H N N 424 
WPR H011 H N N 425 
WPR H013 H N N 426 
WPR H051 H N N 427 
WPR H071 H N N 428 
WPR H111 H N N 429 
WPR H161 H N N 430 
WPR H181 H N N 431 
WPR H232 H N N 432 
WPR H231 H N N 433 
WPR H252 H N N 434 
WPR H251 H N N 435 
WPR H151 H N N 436 
# 
loop_
_chem_comp_bond.comp_id 
_chem_comp_bond.atom_id_1 
_chem_comp_bond.atom_id_2 
_chem_comp_bond.value_order 
_chem_comp_bond.pdbx_aromatic_flag 
_chem_comp_bond.pdbx_stereo_config 
_chem_comp_bond.pdbx_ordinal 
ALA N   CA   sing N N 1   
ALA N   H    sing N N 2   
ALA N   H2   sing N N 3   
ALA CA  C    sing N N 4   
ALA CA  CB   sing N N 5   
ALA CA  HA   sing N N 6   
ALA C   O    doub N N 7   
ALA C   OXT  sing N N 8   
ALA CB  HB1  sing N N 9   
ALA CB  HB2  sing N N 10  
ALA CB  HB3  sing N N 11  
ALA OXT HXT  sing N N 12  
ARG N   CA   sing N N 13  
ARG N   H    sing N N 14  
ARG N   H2   sing N N 15  
ARG CA  C    sing N N 16  
ARG CA  CB   sing N N 17  
ARG CA  HA   sing N N 18  
ARG C   O    doub N N 19  
ARG C   OXT  sing N N 20  
ARG CB  CG   sing N N 21  
ARG CB  HB2  sing N N 22  
ARG CB  HB3  sing N N 23  
ARG CG  CD   sing N N 24  
ARG CG  HG2  sing N N 25  
ARG CG  HG3  sing N N 26  
ARG CD  NE   sing N N 27  
ARG CD  HD2  sing N N 28  
ARG CD  HD3  sing N N 29  
ARG NE  CZ   sing N N 30  
ARG NE  HE   sing N N 31  
ARG CZ  NH1  sing N N 32  
ARG CZ  NH2  doub N N 33  
ARG NH1 HH11 sing N N 34  
ARG NH1 HH12 sing N N 35  
ARG NH2 HH21 sing N N 36  
ARG NH2 HH22 sing N N 37  
ARG OXT HXT  sing N N 38  
ASN N   CA   sing N N 39  
ASN N   H    sing N N 40  
ASN N   H2   sing N N 41  
ASN CA  C    sing N N 42  
ASN CA  CB   sing N N 43  
ASN CA  HA   sing N N 44  
ASN C   O    doub N N 45  
ASN C   OXT  sing N N 46  
ASN CB  CG   sing N N 47  
ASN CB  HB2  sing N N 48  
ASN CB  HB3  sing N N 49  
ASN CG  OD1  doub N N 50  
ASN CG  ND2  sing N N 51  
ASN ND2 HD21 sing N N 52  
ASN ND2 HD22 sing N N 53  
ASN OXT HXT  sing N N 54  
ASP N   CA   sing N N 55  
ASP N   H    sing N N 56  
ASP N   H2   sing N N 57  
ASP CA  C    sing N N 58  
ASP CA  CB   sing N N 59  
ASP CA  HA   sing N N 60  
ASP C   O    doub N N 61  
ASP C   OXT  sing N N 62  
ASP CB  CG   sing N N 63  
ASP CB  HB2  sing N N 64  
ASP CB  HB3  sing N N 65  
ASP CG  OD1  doub N N 66  
ASP CG  OD2  sing N N 67  
ASP OD2 HD2  sing N N 68  
ASP OXT HXT  sing N N 69  
CYS N   CA   sing N N 70  
CYS N   H    sing N N 71  
CYS N   H2   sing N N 72  
CYS CA  C    sing N N 73  
CYS CA  CB   sing N N 74  
CYS CA  HA   sing N N 75  
CYS C   O    doub N N 76  
CYS C   OXT  sing N N 77  
CYS CB  SG   sing N N 78  
CYS CB  HB2  sing N N 79  
CYS CB  HB3  sing N N 80  
CYS SG  HG   sing N N 81  
CYS OXT HXT  sing N N 82  
GLN N   CA   sing N N 83  
GLN N   H    sing N N 84  
GLN N   H2   sing N N 85  
GLN CA  C    sing N N 86  
GLN CA  CB   sing N N 87  
GLN CA  HA   sing N N 88  
GLN C   O    doub N N 89  
GLN C   OXT  sing N N 90  
GLN CB  CG   sing N N 91  
GLN CB  HB2  sing N N 92  
GLN CB  HB3  sing N N 93  
GLN CG  CD   sing N N 94  
GLN CG  HG2  sing N N 95  
GLN CG  HG3  sing N N 96  
GLN CD  OE1  doub N N 97  
GLN CD  NE2  sing N N 98  
GLN NE2 HE21 sing N N 99  
GLN NE2 HE22 sing N N 100 
GLN OXT HXT  sing N N 101 
GLU N   CA   sing N N 102 
GLU N   H    sing N N 103 
GLU N   H2   sing N N 104 
GLU CA  C    sing N N 105 
GLU CA  CB   sing N N 106 
GLU CA  HA   sing N N 107 
GLU C   O    doub N N 108 
GLU C   OXT  sing N N 109 
GLU CB  CG   sing N N 110 
GLU CB  HB2  sing N N 111 
GLU CB  HB3  sing N N 112 
GLU CG  CD   sing N N 113 
GLU CG  HG2  sing N N 114 
GLU CG  HG3  sing N N 115 
GLU CD  OE1  doub N N 116 
GLU CD  OE2  sing N N 117 
GLU OE2 HE2  sing N N 118 
GLU OXT HXT  sing N N 119 
GLY N   CA   sing N N 120 
GLY N   H    sing N N 121 
GLY N   H2   sing N N 122 
GLY CA  C    sing N N 123 
GLY CA  HA2  sing N N 124 
GLY CA  HA3  sing N N 125 
GLY C   O    doub N N 126 
GLY C   OXT  sing N N 127 
GLY OXT HXT  sing N N 128 
HIS N   CA   sing N N 129 
HIS N   H    sing N N 130 
HIS N   H2   sing N N 131 
HIS CA  C    sing N N 132 
HIS CA  CB   sing N N 133 
HIS CA  HA   sing N N 134 
HIS C   O    doub N N 135 
HIS C   OXT  sing N N 136 
HIS CB  CG   sing N N 137 
HIS CB  HB2  sing N N 138 
HIS CB  HB3  sing N N 139 
HIS CG  ND1  sing Y N 140 
HIS CG  CD2  doub Y N 141 
HIS ND1 CE1  doub Y N 142 
HIS ND1 HD1  sing N N 143 
HIS CD2 NE2  sing Y N 144 
HIS CD2 HD2  sing N N 145 
HIS CE1 NE2  sing Y N 146 
HIS CE1 HE1  sing N N 147 
HIS NE2 HE2  sing N N 148 
HIS OXT HXT  sing N N 149 
HOH O   H1   sing N N 150 
HOH O   H2   sing N N 151 
ILE N   CA   sing N N 152 
ILE N   H    sing N N 153 
ILE N   H2   sing N N 154 
ILE CA  C    sing N N 155 
ILE CA  CB   sing N N 156 
ILE CA  HA   sing N N 157 
ILE C   O    doub N N 158 
ILE C   OXT  sing N N 159 
ILE CB  CG1  sing N N 160 
ILE CB  CG2  sing N N 161 
ILE CB  HB   sing N N 162 
ILE CG1 CD1  sing N N 163 
ILE CG1 HG12 sing N N 164 
ILE CG1 HG13 sing N N 165 
ILE CG2 HG21 sing N N 166 
ILE CG2 HG22 sing N N 167 
ILE CG2 HG23 sing N N 168 
ILE CD1 HD11 sing N N 169 
ILE CD1 HD12 sing N N 170 
ILE CD1 HD13 sing N N 171 
ILE OXT HXT  sing N N 172 
LEU N   CA   sing N N 173 
LEU N   H    sing N N 174 
LEU N   H2   sing N N 175 
LEU CA  C    sing N N 176 
LEU CA  CB   sing N N 177 
LEU CA  HA   sing N N 178 
LEU C   O    doub N N 179 
LEU C   OXT  sing N N 180 
LEU CB  CG   sing N N 181 
LEU CB  HB2  sing N N 182 
LEU CB  HB3  sing N N 183 
LEU CG  CD1  sing N N 184 
LEU CG  CD2  sing N N 185 
LEU CG  HG   sing N N 186 
LEU CD1 HD11 sing N N 187 
LEU CD1 HD12 sing N N 188 
LEU CD1 HD13 sing N N 189 
LEU CD2 HD21 sing N N 190 
LEU CD2 HD22 sing N N 191 
LEU CD2 HD23 sing N N 192 
LEU OXT HXT  sing N N 193 
LYS N   CA   sing N N 194 
LYS N   H    sing N N 195 
LYS N   H2   sing N N 196 
LYS CA  C    sing N N 197 
LYS CA  CB   sing N N 198 
LYS CA  HA   sing N N 199 
LYS C   O    doub N N 200 
LYS C   OXT  sing N N 201 
LYS CB  CG   sing N N 202 
LYS CB  HB2  sing N N 203 
LYS CB  HB3  sing N N 204 
LYS CG  CD   sing N N 205 
LYS CG  HG2  sing N N 206 
LYS CG  HG3  sing N N 207 
LYS CD  CE   sing N N 208 
LYS CD  HD2  sing N N 209 
LYS CD  HD3  sing N N 210 
LYS CE  NZ   sing N N 211 
LYS CE  HE2  sing N N 212 
LYS CE  HE3  sing N N 213 
LYS NZ  HZ1  sing N N 214 
LYS NZ  HZ2  sing N N 215 
LYS NZ  HZ3  sing N N 216 
LYS OXT HXT  sing N N 217 
MET N   CA   sing N N 218 
MET N   H    sing N N 219 
MET N   H2   sing N N 220 
MET CA  C    sing N N 221 
MET CA  CB   sing N N 222 
MET CA  HA   sing N N 223 
MET C   O    doub N N 224 
MET C   OXT  sing N N 225 
MET CB  CG   sing N N 226 
MET CB  HB2  sing N N 227 
MET CB  HB3  sing N N 228 
MET CG  SD   sing N N 229 
MET CG  HG2  sing N N 230 
MET CG  HG3  sing N N 231 
MET SD  CE   sing N N 232 
MET CE  HE1  sing N N 233 
MET CE  HE2  sing N N 234 
MET CE  HE3  sing N N 235 
MET OXT HXT  sing N N 236 
PHE N   CA   sing N N 237 
PHE N   H    sing N N 238 
PHE N   H2   sing N N 239 
PHE CA  C    sing N N 240 
PHE CA  CB   sing N N 241 
PHE CA  HA   sing N N 242 
PHE C   O    doub N N 243 
PHE C   OXT  sing N N 244 
PHE CB  CG   sing N N 245 
PHE CB  HB2  sing N N 246 
PHE CB  HB3  sing N N 247 
PHE CG  CD1  doub Y N 248 
PHE CG  CD2  sing Y N 249 
PHE CD1 CE1  sing Y N 250 
PHE CD1 HD1  sing N N 251 
PHE CD2 CE2  doub Y N 252 
PHE CD2 HD2  sing N N 253 
PHE CE1 CZ   doub Y N 254 
PHE CE1 HE1  sing N N 255 
PHE CE2 CZ   sing Y N 256 
PHE CE2 HE2  sing N N 257 
PHE CZ  HZ   sing N N 258 
PHE OXT HXT  sing N N 259 
PRO N   CA   sing N N 260 
PRO N   CD   sing N N 261 
PRO N   H    sing N N 262 
PRO CA  C    sing N N 263 
PRO CA  CB   sing N N 264 
PRO CA  HA   sing N N 265 
PRO C   O    doub N N 266 
PRO C   OXT  sing N N 267 
PRO CB  CG   sing N N 268 
PRO CB  HB2  sing N N 269 
PRO CB  HB3  sing N N 270 
PRO CG  CD   sing N N 271 
PRO CG  HG2  sing N N 272 
PRO CG  HG3  sing N N 273 
PRO CD  HD2  sing N N 274 
PRO CD  HD3  sing N N 275 
PRO OXT HXT  sing N N 276 
SER N   CA   sing N N 277 
SER N   H    sing N N 278 
SER N   H2   sing N N 279 
SER CA  C    sing N N 280 
SER CA  CB   sing N N 281 
SER CA  HA   sing N N 282 
SER C   O    doub N N 283 
SER C   OXT  sing N N 284 
SER CB  OG   sing N N 285 
SER CB  HB2  sing N N 286 
SER CB  HB3  sing N N 287 
SER OG  HG   sing N N 288 
SER OXT HXT  sing N N 289 
THR N   CA   sing N N 290 
THR N   H    sing N N 291 
THR N   H2   sing N N 292 
THR CA  C    sing N N 293 
THR CA  CB   sing N N 294 
THR CA  HA   sing N N 295 
THR C   O    doub N N 296 
THR C   OXT  sing N N 297 
THR CB  OG1  sing N N 298 
THR CB  CG2  sing N N 299 
THR CB  HB   sing N N 300 
THR OG1 HG1  sing N N 301 
THR CG2 HG21 sing N N 302 
THR CG2 HG22 sing N N 303 
THR CG2 HG23 sing N N 304 
THR OXT HXT  sing N N 305 
TRP N   CA   sing N N 306 
TRP N   H    sing N N 307 
TRP N   H2   sing N N 308 
TRP CA  C    sing N N 309 
TRP CA  CB   sing N N 310 
TRP CA  HA   sing N N 311 
TRP C   O    doub N N 312 
TRP C   OXT  sing N N 313 
TRP CB  CG   sing N N 314 
TRP CB  HB2  sing N N 315 
TRP CB  HB3  sing N N 316 
TRP CG  CD1  doub Y N 317 
TRP CG  CD2  sing Y N 318 
TRP CD1 NE1  sing Y N 319 
TRP CD1 HD1  sing N N 320 
TRP CD2 CE2  doub Y N 321 
TRP CD2 CE3  sing Y N 322 
TRP NE1 CE2  sing Y N 323 
TRP NE1 HE1  sing N N 324 
TRP CE2 CZ2  sing Y N 325 
TRP CE3 CZ3  doub Y N 326 
TRP CE3 HE3  sing N N 327 
TRP CZ2 CH2  doub Y N 328 
TRP CZ2 HZ2  sing N N 329 
TRP CZ3 CH2  sing Y N 330 
TRP CZ3 HZ3  sing N N 331 
TRP CH2 HH2  sing N N 332 
TRP OXT HXT  sing N N 333 
TYR N   CA   sing N N 334 
TYR N   H    sing N N 335 
TYR N   H2   sing N N 336 
TYR CA  C    sing N N 337 
TYR CA  CB   sing N N 338 
TYR CA  HA   sing N N 339 
TYR C   O    doub N N 340 
TYR C   OXT  sing N N 341 
TYR CB  CG   sing N N 342 
TYR CB  HB2  sing N N 343 
TYR CB  HB3  sing N N 344 
TYR CG  CD1  doub Y N 345 
TYR CG  CD2  sing Y N 346 
TYR CD1 CE1  sing Y N 347 
TYR CD1 HD1  sing N N 348 
TYR CD2 CE2  doub Y N 349 
TYR CD2 HD2  sing N N 350 
TYR CE1 CZ   doub Y N 351 
TYR CE1 HE1  sing N N 352 
TYR CE2 CZ   sing Y N 353 
TYR CE2 HE2  sing N N 354 
TYR CZ  OH   sing N N 355 
TYR OH  HH   sing N N 356 
TYR OXT HXT  sing N N 357 
VAL N   CA   sing N N 358 
VAL N   H    sing N N 359 
VAL N   H2   sing N N 360 
VAL CA  C    sing N N 361 
VAL CA  CB   sing N N 362 
VAL CA  HA   sing N N 363 
VAL C   O    doub N N 364 
VAL C   OXT  sing N N 365 
VAL CB  CG1  sing N N 366 
VAL CB  CG2  sing N N 367 
VAL CB  HB   sing N N 368 
VAL CG1 HG11 sing N N 369 
VAL CG1 HG12 sing N N 370 
VAL CG1 HG13 sing N N 371 
VAL CG2 HG21 sing N N 372 
VAL CG2 HG22 sing N N 373 
VAL CG2 HG23 sing N N 374 
VAL OXT HXT  sing N N 375 
WPR C25 C24  sing N N 376 
WPR C25 C26  sing N N 377 
WPR C24 C23  sing N N 378 
WPR C24 C26  sing N N 379 
WPR C23 N22  sing N N 380 
WPR N21 N22  sing Y N 381 
WPR N21 C19  doub Y N 382 
WPR N22 C02  sing Y N 383 
WPR C19 C20  sing N N 384 
WPR C19 C03  sing Y N 385 
WPR C02 C03  doub Y N 386 
WPR C02 C01  sing N N 387 
WPR C03 C04  sing N N 388 
WPR C04 C18  sing Y N 389 
WPR C04 C05  doub Y N 390 
WPR C18 C08  doub Y N 391 
WPR C05 N06  sing Y N 392 
WPR N15 C16  sing Y N 393 
WPR N15 C14  sing Y N 394 
WPR C16 N17  doub Y N 395 
WPR N06 C07  doub Y N 396 
WPR C08 C07  sing Y N 397 
WPR C08 C09  sing N N 398 
WPR C14 C09  sing Y N 399 
WPR C14 C13  doub Y N 400 
WPR N17 C13  sing Y N 401 
WPR C09 C10  doub Y N 402 
WPR C13 N12  sing Y N 403 
WPR C10 C11  sing Y N 404 
WPR N12 C11  doub Y N 405 
WPR C10 H101 sing N N 406 
WPR C20 H202 sing N N 407 
WPR C20 H201 sing N N 408 
WPR C20 H203 sing N N 409 
WPR C24 H241 sing N N 410 
WPR C26 H262 sing N N 411 
WPR C26 H261 sing N N 412 
WPR C01 H012 sing N N 413 
WPR C01 H011 sing N N 414 
WPR C01 H013 sing N N 415 
WPR C05 H051 sing N N 416 
WPR C07 H071 sing N N 417 
WPR C11 H111 sing N N 418 
WPR C16 H161 sing N N 419 
WPR C18 H181 sing N N 420 
WPR C23 H232 sing N N 421 
WPR C23 H231 sing N N 422 
WPR C25 H252 sing N N 423 
WPR C25 H251 sing N N 424 
WPR N15 H151 sing N N 425 
# 
_pdbx_audit_support.funding_organization   'National Natural Science Foundation of China (NSFC)' 
_pdbx_audit_support.country                China 
_pdbx_audit_support.grant_number           81930100 
_pdbx_audit_support.ordinal                1 
# 
_pdbx_entity_instance_feature.ordinal        1 
_pdbx_entity_instance_feature.comp_id        WPR 
_pdbx_entity_instance_feature.asym_id        ? 
_pdbx_entity_instance_feature.seq_num        ? 
_pdbx_entity_instance_feature.auth_comp_id   WPR 
_pdbx_entity_instance_feature.auth_asym_id   ? 
_pdbx_entity_instance_feature.auth_seq_num   ? 
_pdbx_entity_instance_feature.feature_type   'SUBJECT OF INVESTIGATION' 
_pdbx_entity_instance_feature.details        ? 
# 
_pdbx_initial_refinement_model.id               1 
_pdbx_initial_refinement_model.entity_id_list   ? 
_pdbx_initial_refinement_model.type             'experimental model' 
_pdbx_initial_refinement_model.source_name      PDB 
_pdbx_initial_refinement_model.accession_code   5you 
_pdbx_initial_refinement_model.details          ? 
# 
_atom_sites.entry_id                    8WIU 
_atom_sites.Cartn_transf_matrix[1][1]   ? 
_atom_sites.Cartn_transf_matrix[1][2]   ? 
_atom_sites.Cartn_transf_matrix[1][3]   ? 
_atom_sites.Cartn_transf_matrix[2][1]   ? 
_atom_sites.Cartn_transf_matrix[2][2]   ? 
_atom_sites.Cartn_transf_matrix[2][3]   ? 
_atom_sites.Cartn_transf_matrix[3][1]   ? 
_atom_sites.Cartn_transf_matrix[3][2]   ? 
_atom_sites.Cartn_transf_matrix[3][3]   ? 
_atom_sites.Cartn_transf_vector[1]      ? 
_atom_sites.Cartn_transf_vector[2]      ? 
_atom_sites.Cartn_transf_vector[3]      ? 
_atom_sites.Cartn_transform_axes        ? 
_atom_sites.fract_transf_matrix[1][1]   0.01934506 
_atom_sites.fract_transf_matrix[1][2]   -0.01631971 
_atom_sites.fract_transf_matrix[1][3]   0.01518845 
_atom_sites.fract_transf_matrix[2][1]   0.01493758 
_atom_sites.fract_transf_matrix[2][2]   0.01464279 
_atom_sites.fract_transf_matrix[2][3]   -0.00329213 
_atom_sites.fract_transf_matrix[3][1]   -0.00345973 
_atom_sites.fract_transf_matrix[3][2]   0.00595986 
_atom_sites.fract_transf_matrix[3][3]   0.01081031 
_atom_sites.fract_transf_vector[1]      -0.652767 
_atom_sites.fract_transf_vector[2]      0.060669 
_atom_sites.fract_transf_vector[3]      1.104052 
_atom_sites.solution_primary            ? 
_atom_sites.solution_secondary          ? 
_atom_sites.solution_hydrogens          ? 
_atom_sites.special_details             ? 
# 
loop_
_atom_type.symbol 
C 
H 
N 
O 
S 
# 
loop_
_atom_site.group_PDB 
_atom_site.id 
_atom_site.type_symbol 
_atom_site.label_atom_id 
_atom_site.label_alt_id 
_atom_site.label_comp_id 
_atom_site.label_asym_id 
_atom_site.label_entity_id 
_atom_site.label_seq_id 
_atom_site.pdbx_PDB_ins_code 
_atom_site.Cartn_x 
_atom_site.Cartn_y 
_atom_site.Cartn_z 
_atom_site.occupancy 
_atom_site.B_iso_or_equiv 
_atom_site.pdbx_formal_charge 
_atom_site.auth_seq_id 
_atom_site.auth_comp_id 
_atom_site.auth_asym_id 
_atom_site.auth_atom_id 
_atom_site.pdbx_PDB_model_num 
ATOM   1    N N    . MET A 1 2   ? -12.655 -16.490 6.431   1.00 24.96 ? 43  MET A N    1 
ATOM   2    C CA   . MET A 1 2   ? -13.125 -15.133 6.689   1.00 26.49 ? 43  MET A CA   1 
ATOM   3    C C    . MET A 1 2   ? -12.012 -14.094 6.440   1.00 22.26 ? 43  MET A C    1 
ATOM   4    O O    . MET A 1 2   ? -10.831 -14.330 6.733   1.00 24.83 ? 43  MET A O    1 
ATOM   5    C CB   . MET A 1 2   ? -13.673 -15.017 8.110   1.00 35.46 ? 43  MET A CB   1 
ATOM   6    N N    . ASN A 1 3   ? -12.398 -12.953 5.871   1.00 19.96 ? 44  ASN A N    1 
ATOM   7    C CA   . ASN A 1 3   ? -11.439 -11.867 5.750   1.00 17.22 ? 44  ASN A CA   1 
ATOM   8    C C    . ASN A 1 3   ? -11.269 -11.200 7.107   1.00 18.70 ? 44  ASN A C    1 
ATOM   9    O O    . ASN A 1 3   ? -12.239 -11.087 7.864   1.00 18.58 ? 44  ASN A O    1 
ATOM   10   C CB   . ASN A 1 3   ? -11.929 -10.812 4.763   1.00 17.75 ? 44  ASN A CB   1 
ATOM   11   C CG   . ASN A 1 3   ? -11.913 -11.284 3.325   1.00 17.57 ? 44  ASN A CG   1 
ATOM   12   O OD1  . ASN A 1 3   ? -11.030 -12.029 2.902   1.00 19.48 ? 44  ASN A OD1  1 
ATOM   13   N ND2  . ASN A 1 3   ? -12.887 -10.835 2.559   1.00 20.46 ? 44  ASN A ND2  1 
ATOM   14   N N    . PRO A 1 4   ? -10.065 -10.769 7.449   1.00 14.25 ? 45  PRO A N    1 
ATOM   15   C CA   . PRO A 1 4   ? -9.885  -9.988  8.681   1.00 16.78 ? 45  PRO A CA   1 
ATOM   16   C C    . PRO A 1 4   ? -10.419 -8.584  8.490   1.00 15.80 ? 45  PRO A C    1 
ATOM   17   O O    . PRO A 1 4   ? -10.601 -8.114  7.356   1.00 17.67 ? 45  PRO A O    1 
ATOM   18   C CB   . PRO A 1 4   ? -8.362  -9.956  8.855   1.00 17.48 ? 45  PRO A CB   1 
ATOM   19   C CG   . PRO A 1 4   ? -7.840  -10.014 7.427   1.00 15.32 ? 45  PRO A CG   1 
ATOM   20   C CD   . PRO A 1 4   ? -8.814  -10.905 6.673   1.00 17.84 ? 45  PRO A CD   1 
ATOM   21   N N    . PRO A 1 5   ? -10.637 -7.851  9.576   1.00 17.39 ? 46  PRO A N    1 
ATOM   22   C CA   . PRO A 1 5   ? -10.878 -6.428  9.438   1.00 14.87 ? 46  PRO A CA   1 
ATOM   23   C C    . PRO A 1 5   ? -9.694  -5.793  8.736   1.00 15.11 ? 46  PRO A C    1 
ATOM   24   O O    . PRO A 1 5   ? -8.558  -6.285  8.850   1.00 16.22 ? 46  PRO A O    1 
ATOM   25   C CB   . PRO A 1 5   ? -10.974 -5.947  10.894  1.00 15.23 ? 46  PRO A CB   1 
ATOM   26   C CG   . PRO A 1 5   ? -11.073 -7.132  11.731  1.00 28.91 ? 46  PRO A CG   1 
ATOM   27   C CD   . PRO A 1 5   ? -10.491 -8.276  10.976  1.00 17.88 ? 46  PRO A CD   1 
ATOM   28   N N    . PRO A 1 6   ? -9.905  -4.686  8.027   1.00 15.75 ? 47  PRO A N    1 
ATOM   29   C CA   . PRO A 1 6   ? -8.781  -3.999  7.354   1.00 15.76 ? 47  PRO A CA   1 
ATOM   30   C C    . PRO A 1 6   ? -7.866  -3.350  8.378   1.00 17.49 ? 47  PRO A C    1 
ATOM   31   O O    . PRO A 1 6   ? -8.242  -3.195  9.550   1.00 18.01 ? 47  PRO A O    1 
ATOM   32   C CB   . PRO A 1 6   ? -9.493  -2.930  6.516   1.00 17.25 ? 47  PRO A CB   1 
ATOM   33   C CG   . PRO A 1 6   ? -10.762 -2.628  7.310   1.00 20.05 ? 47  PRO A CG   1 
ATOM   34   C CD   . PRO A 1 6   ? -11.179 -3.955  7.892   1.00 18.07 ? 47  PRO A CD   1 
ATOM   35   N N    . PRO A 1 7   ? -6.657  -2.962  7.995   1.00 15.24 ? 48  PRO A N    1 
ATOM   36   C CA   . PRO A 1 7   ? -5.796  -2.219  8.922   1.00 14.66 ? 48  PRO A CA   1 
ATOM   37   C C    . PRO A 1 7   ? -6.478  -0.930  9.367   1.00 16.82 ? 48  PRO A C    1 
ATOM   38   O O    . PRO A 1 7   ? -7.365  -0.400  8.692   1.00 16.51 ? 48  PRO A O    1 
ATOM   39   C CB   . PRO A 1 7   ? -4.537  -1.938  8.083   1.00 15.35 ? 48  PRO A CB   1 
ATOM   40   C CG   . PRO A 1 7   ? -4.591  -2.966  6.994   1.00 18.66 ? 48  PRO A CG   1 
ATOM   41   C CD   . PRO A 1 7   ? -6.028  -3.152  6.684   1.00 16.03 ? 48  PRO A CD   1 
ATOM   42   N N    . GLU A 1 8   ? -6.084  -0.418  10.533  1.00 17.97 ? 49  GLU A N    1 
ATOM   43   C CA   . GLU A 1 8   ? -6.757  0.789   10.977  1.00 18.86 ? 49  GLU A CA   1 
ATOM   44   C C    . GLU A 1 8   ? -6.383  1.962   10.069  1.00 17.42 ? 49  GLU A C    1 
ATOM   45   O O    . GLU A 1 8   ? -5.240  2.091   9.606   1.00 17.54 ? 49  GLU A O    1 
ATOM   46   C CB   . GLU A 1 8   ? -6.480  1.101   12.449  1.00 25.31 ? 49  GLU A CB   1 
ATOM   47   C CG   . GLU A 1 8   ? -5.547  2.246   12.768  1.00 33.90 ? 49  GLU A CG   1 
ATOM   48   C CD   . GLU A 1 8   ? -5.396  2.460   14.286  1.00 24.23 ? 49  GLU A CD   1 
ATOM   49   O OE1  . GLU A 1 8   ? -6.409  2.358   15.018  1.00 34.50 ? 49  GLU A OE1  1 
ATOM   50   O OE2  . GLU A 1 8   ? -4.285  2.811   14.742  1.00 24.36 ? 49  GLU A OE2  1 
ATOM   51   N N    . THR A 1 9   ? -7.373  2.799   9.773   1.00 17.93 ? 50  THR A N    1 
ATOM   52   C CA   . THR A 1 9   ? -7.168  4.000   8.985   1.00 18.50 ? 50  THR A CA   1 
ATOM   53   C C    . THR A 1 9   ? -7.545  5.284   9.697   1.00 19.15 ? 50  THR A C    1 
ATOM   54   O O    . THR A 1 9   ? -7.157  6.357   9.230   1.00 19.12 ? 50  THR A O    1 
ATOM   55   C CB   . THR A 1 9   ? -7.925  3.912   7.651   1.00 16.78 ? 50  THR A CB   1 
ATOM   56   O OG1  . THR A 1 9   ? -9.310  3.667   7.909   1.00 21.38 ? 50  THR A OG1  1 
ATOM   57   C CG2  . THR A 1 9   ? -7.353  2.783   6.797   1.00 18.56 ? 50  THR A CG2  1 
ATOM   58   N N    . SER A 1 10  ? -8.286  5.217   10.799  1.00 17.55 ? 51  SER A N    1 
ATOM   59   C CA   . SER A 1 10  ? -8.552  6.432   11.538  1.00 20.53 ? 51  SER A CA   1 
ATOM   60   C C    . SER A 1 10  ? -8.179  6.175   12.984  1.00 20.00 ? 51  SER A C    1 
ATOM   61   O O    . SER A 1 10  ? -8.476  5.116   13.540  1.00 21.65 ? 51  SER A O    1 
ATOM   62   C CB   . SER A 1 10  ? -10.004 6.907   11.413  1.00 30.69 ? 51  SER A CB   1 
ATOM   63   O OG   . SER A 1 10  ? -10.769 6.578   12.550  1.00 38.74 ? 51  SER A OG   1 
ATOM   64   N N    . ASN A 1 11  ? -7.507  7.136   13.564  1.00 18.56 ? 52  ASN A N    1 
ATOM   65   C CA   . ASN A 1 11  ? -7.145  7.099   14.969  1.00 19.13 ? 52  ASN A CA   1 
ATOM   66   C C    . ASN A 1 11  ? -6.929  8.516   15.468  1.00 18.78 ? 52  ASN A C    1 
ATOM   67   O O    . ASN A 1 11  ? -5.864  9.098   15.243  1.00 18.82 ? 52  ASN A O    1 
ATOM   68   C CB   . ASN A 1 11  ? -5.888  6.268   15.191  1.00 19.64 ? 52  ASN A CB   1 
ATOM   69   C CG   . ASN A 1 11  ? -5.616  6.010   16.671  1.00 20.86 ? 52  ASN A CG   1 
ATOM   70   O OD1  . ASN A 1 11  ? -6.129  6.730   17.550  1.00 20.56 ? 52  ASN A OD1  1 
ATOM   71   N ND2  . ASN A 1 11  ? -4.818  4.981   16.963  1.00 24.98 ? 52  ASN A ND2  1 
ATOM   72   N N    . PRO A 1 12  ? -7.926  9.117   16.119  1.00 18.69 ? 53  PRO A N    1 
ATOM   73   C CA   . PRO A 1 12  ? -7.766  10.496  16.604  1.00 17.90 ? 53  PRO A CA   1 
ATOM   74   C C    . PRO A 1 12  ? -6.688  10.656  17.645  1.00 18.65 ? 53  PRO A C    1 
ATOM   75   O O    . PRO A 1 12  ? -6.361  11.804  17.974  1.00 19.83 ? 53  PRO A O    1 
ATOM   76   C CB   . PRO A 1 12  ? -9.135  10.820  17.217  1.00 18.71 ? 53  PRO A CB   1 
ATOM   77   C CG   . PRO A 1 12  ? -10.081 9.834   16.593  1.00 24.46 ? 53  PRO A CG   1 
ATOM   78   C CD   . PRO A 1 12  ? -9.272  8.586   16.375  1.00 17.19 ? 53  PRO A CD   1 
ATOM   79   N N    . ASN A 1 13  ? -6.165  9.581   18.227  1.00 17.70 ? 54  ASN A N    1 
ATOM   80   C CA   . ASN A 1 13  ? -5.126  9.727   19.238  1.00 19.32 ? 54  ASN A CA   1 
ATOM   81   C C    . ASN A 1 13  ? -3.725  9.831   18.644  1.00 22.71 ? 54  ASN A C    1 
ATOM   82   O O    . ASN A 1 13  ? -2.785  10.174  19.373  1.00 23.26 ? 54  ASN A O    1 
ATOM   83   C CB   . ASN A 1 13  ? -5.172  8.568   20.228  1.00 19.40 ? 54  ASN A CB   1 
ATOM   84   C CG   . ASN A 1 13  ? -6.288  8.719   21.222  1.00 20.77 ? 54  ASN A CG   1 
ATOM   85   O OD1  . ASN A 1 13  ? -6.904  9.784   21.313  1.00 22.73 ? 54  ASN A OD1  1 
ATOM   86   N ND2  . ASN A 1 13  ? -6.568  7.660   21.976  1.00 24.49 ? 54  ASN A ND2  1 
ATOM   87   N N    . LYS A 1 14  ? -3.563  9.564   17.348  1.00 20.81 ? 55  LYS A N    1 
ATOM   88   C CA   . LYS A 1 14  ? -2.230  9.582   16.772  1.00 19.13 ? 55  LYS A CA   1 
ATOM   89   C C    . LYS A 1 14  ? -1.704  11.015  16.697  1.00 20.58 ? 55  LYS A C    1 
ATOM   90   O O    . LYS A 1 14  ? -2.472  11.975  16.562  1.00 21.25 ? 55  LYS A O    1 
ATOM   91   C CB   . LYS A 1 14  ? -2.248  8.987   15.373  1.00 21.27 ? 55  LYS A CB   1 
ATOM   92   C CG   . LYS A 1 14  ? -2.529  7.500   15.436  1.00 24.31 ? 55  LYS A CG   1 
ATOM   93   C CD   . LYS A 1 14  ? -1.312  6.615   15.417  1.00 25.81 ? 55  LYS A CD   1 
ATOM   94   C CE   . LYS A 1 14  ? -0.506  6.728   14.148  1.00 26.55 ? 55  LYS A CE   1 
ATOM   95   N NZ   . LYS A 1 14  ? 0.750   5.941   14.283  1.00 30.72 ? 55  LYS A NZ   1 
ATOM   96   N N    . PRO A 1 15  ? -0.389  11.186  16.762  1.00 17.56 ? 56  PRO A N    1 
ATOM   97   C CA   . PRO A 1 15  ? 0.184   12.526  16.581  1.00 18.45 ? 56  PRO A CA   1 
ATOM   98   C C    . PRO A 1 15  ? -0.001  12.908  15.122  1.00 16.88 ? 56  PRO A C    1 
ATOM   99   O O    . PRO A 1 15  ? 0.137   12.062  14.238  1.00 18.20 ? 56  PRO A O    1 
ATOM   100  C CB   . PRO A 1 15  ? 1.662   12.310  16.916  1.00 18.45 ? 56  PRO A CB   1 
ATOM   101  C CG   . PRO A 1 15  ? 1.894   10.851  16.541  1.00 17.18 ? 56  PRO A CG   1 
ATOM   102  C CD   . PRO A 1 15  ? 0.643   10.156  16.979  1.00 18.17 ? 56  PRO A CD   1 
ATOM   103  N N    . LYS A 1 16  ? -0.362  14.161  14.859  1.00 19.02 ? 57  LYS A N    1 
ATOM   104  C CA   . LYS A 1 16  ? -0.771  14.548  13.510  1.00 25.15 ? 57  LYS A CA   1 
ATOM   105  C C    . LYS A 1 16  ? -0.199  15.895  13.101  1.00 22.48 ? 57  LYS A C    1 
ATOM   106  O O    . LYS A 1 16  ? -0.069  16.815  13.919  1.00 22.96 ? 57  LYS A O    1 
ATOM   107  C CB   . LYS A 1 16  ? -2.285  14.517  13.299  1.00 23.03 ? 57  LYS A CB   1 
ATOM   108  C CG   . LYS A 1 16  ? -2.860  13.115  13.406  1.00 21.27 ? 57  LYS A CG   1 
ATOM   109  C CD   . LYS A 1 16  ? -4.297  13.108  12.977  1.00 20.68 ? 57  LYS A CD   1 
ATOM   110  C CE   . LYS A 1 16  ? -4.890  11.728  13.098  1.00 21.27 ? 57  LYS A CE   1 
ATOM   111  N NZ   . LYS A 1 16  ? -6.272  11.708  12.574  1.00 21.91 ? 57  LYS A NZ   1 
ATOM   112  N N    . ARG A 1 17  ? 0.048   16.007  11.795  1.00 28.08 ? 58  ARG A N    1 
ATOM   113  C CA   . ARG A 1 17  ? 0.901   17.020  11.200  1.00 34.26 ? 58  ARG A CA   1 
ATOM   114  C C    . ARG A 1 17  ? 0.525   17.123  9.728   1.00 35.08 ? 58  ARG A C    1 
ATOM   115  O O    . ARG A 1 17  ? 0.214   16.112  9.097   1.00 31.46 ? 58  ARG A O    1 
ATOM   116  C CB   . ARG A 1 17  ? 2.344   16.512  11.275  1.00 36.24 ? 58  ARG A CB   1 
ATOM   117  C CG   . ARG A 1 17  ? 3.351   17.553  11.092  1.00 35.68 ? 58  ARG A CG   1 
ATOM   118  C CD   . ARG A 1 17  ? 4.654   17.110  11.669  1.00 22.54 ? 58  ARG A CD   1 
ATOM   119  N NE   . ARG A 1 17  ? 5.362   16.041  10.972  1.00 17.24 ? 58  ARG A NE   1 
ATOM   120  C CZ   . ARG A 1 17  ? 6.673   16.084  10.800  1.00 17.62 ? 58  ARG A CZ   1 
ATOM   121  N NH1  . ARG A 1 17  ? 7.394   17.080  11.301  1.00 20.81 ? 58  ARG A NH1  1 
ATOM   122  N NH2  . ARG A 1 17  ? 7.278   15.113  10.119  1.00 18.37 ? 58  ARG A NH2  1 
ATOM   123  N N    . GLN A 1 18  ? 0.570   18.338  9.181   1.00 35.95 ? 59  GLN A N    1 
ATOM   124  C CA   . GLN A 1 18  ? 0.363   18.567  7.751   1.00 37.80 ? 59  GLN A CA   1 
ATOM   125  C C    . GLN A 1 18  ? 1.665   19.102  7.171   1.00 38.30 ? 59  GLN A C    1 
ATOM   126  O O    . GLN A 1 18  ? 2.049   20.241  7.458   1.00 38.53 ? 59  GLN A O    1 
ATOM   127  C CB   . GLN A 1 18  ? -0.781  19.551  7.516   1.00 39.32 ? 59  GLN A CB   1 
ATOM   128  N N    . THR A 1 19  ? 2.341   18.283  6.357   1.00 29.43 ? 60  THR A N    1 
ATOM   129  C CA   . THR A 1 19  ? 3.641   18.614  5.786   1.00 32.80 ? 60  THR A CA   1 
ATOM   130  C C    . THR A 1 19  ? 3.595   18.559  4.265   1.00 33.72 ? 60  THR A C    1 
ATOM   131  O O    . THR A 1 19  ? 2.702   17.957  3.662   1.00 29.79 ? 60  THR A O    1 
ATOM   132  C CB   . THR A 1 19  ? 4.763   17.680  6.282   1.00 31.28 ? 60  THR A CB   1 
ATOM   133  O OG1  . THR A 1 19  ? 4.761   16.470  5.524   1.00 33.92 ? 60  THR A OG1  1 
ATOM   134  C CG2  . THR A 1 19  ? 4.578   17.349  7.752   1.00 38.75 ? 60  THR A CG2  1 
ATOM   135  N N    . ASN A 1 20  ? 4.588   19.207  3.657   1.00 29.14 ? 61  ASN A N    1 
ATOM   136  C CA   . ASN A 1 20  ? 4.700   19.216  2.204   1.00 27.97 ? 61  ASN A CA   1 
ATOM   137  C C    . ASN A 1 20  ? 4.894   17.811  1.665   1.00 24.19 ? 61  ASN A C    1 
ATOM   138  O O    . ASN A 1 20  ? 4.279   17.428  0.665   1.00 22.08 ? 61  ASN A O    1 
ATOM   139  C CB   . ASN A 1 20  ? 5.890   20.082  1.801   1.00 29.94 ? 61  ASN A CB   1 
ATOM   140  C CG   . ASN A 1 20  ? 5.580   21.549  1.866   1.00 37.93 ? 61  ASN A CG   1 
ATOM   141  O OD1  . ASN A 1 20  ? 4.415   21.945  1.865   1.00 46.82 ? 61  ASN A OD1  1 
ATOM   142  N ND2  . ASN A 1 20  ? 6.619   22.372  1.943   1.00 44.14 ? 61  ASN A ND2  1 
ATOM   143  N N    . GLN A 1 21  ? 5.800   17.046  2.278   1.00 23.40 ? 62  GLN A N    1 
ATOM   144  C CA   . GLN A 1 21  ? 6.059   15.695  1.795   1.00 26.67 ? 62  GLN A CA   1 
ATOM   145  C C    . GLN A 1 21  ? 4.834   14.808  1.937   1.00 22.00 ? 62  GLN A C    1 
ATOM   146  O O    . GLN A 1 21  ? 4.531   14.018  1.042   1.00 24.63 ? 62  GLN A O    1 
ATOM   147  C CB   . GLN A 1 21  ? 7.256   15.070  2.504   1.00 26.13 ? 62  GLN A CB   1 
ATOM   148  C CG   . GLN A 1 21  ? 8.538   15.843  2.332   1.00 28.67 ? 62  GLN A CG   1 
ATOM   149  C CD   . GLN A 1 21  ? 9.722   15.109  2.913   1.00 37.82 ? 62  GLN A CD   1 
ATOM   150  O OE1  . GLN A 1 21  ? 9.571   14.274  3.801   1.00 34.41 ? 62  GLN A OE1  1 
ATOM   151  N NE2  . GLN A 1 21  ? 10.911  15.419  2.418   1.00 34.40 ? 62  GLN A NE2  1 
ATOM   152  N N    . LEU A 1 22  ? 4.128   14.907  3.060   1.00 23.14 ? 63  LEU A N    1 
ATOM   153  C CA   . LEU A 1 22  ? 2.929   14.094  3.221   1.00 22.11 ? 63  LEU A CA   1 
ATOM   154  C C    . LEU A 1 22  ? 1.888   14.460  2.173   1.00 22.33 ? 63  LEU A C    1 
ATOM   155  O O    . LEU A 1 22  ? 1.299   13.579  1.541   1.00 21.74 ? 63  LEU A O    1 
ATOM   156  C CB   . LEU A 1 22  ? 2.368   14.241  4.632   1.00 26.67 ? 63  LEU A CB   1 
ATOM   157  C CG   . LEU A 1 22  ? 3.156   13.485  5.709   1.00 29.48 ? 63  LEU A CG   1 
ATOM   158  C CD1  . LEU A 1 22  ? 2.672   13.845  7.121   1.00 33.32 ? 63  LEU A CD1  1 
ATOM   159  C CD2  . LEU A 1 22  ? 3.148   11.985  5.469   1.00 31.99 ? 63  LEU A CD2  1 
ATOM   160  N N    . GLN A 1 23  ? 1.673   15.757  1.948   1.00 21.44 ? 64  GLN A N    1 
ATOM   161  C CA   . GLN A 1 23  ? 0.789   16.194  0.876   1.00 20.27 ? 64  GLN A CA   1 
ATOM   162  C C    . GLN A 1 23  ? 1.246   15.643  -0.474  1.00 22.84 ? 64  GLN A C    1 
ATOM   163  O O    . GLN A 1 23  ? 0.423   15.188  -1.275  1.00 24.21 ? 64  GLN A O    1 
ATOM   164  C CB   . GLN A 1 23  ? 0.754   17.723  0.842   1.00 25.36 ? 64  GLN A CB   1 
ATOM   165  C CG   . GLN A 1 23  ? -0.379  18.327  1.662   1.00 32.65 ? 64  GLN A CG   1 
ATOM   166  C CD   . GLN A 1 23  ? 0.000   19.654  2.284   1.00 42.47 ? 64  GLN A CD   1 
ATOM   167  O OE1  . GLN A 1 23  ? 0.642   20.488  1.645   1.00 44.13 ? 64  GLN A OE1  1 
ATOM   168  N NE2  . GLN A 1 23  ? -0.401  19.859  3.536   1.00 44.10 ? 64  GLN A NE2  1 
ATOM   169  N N    . TYR A 1 24  ? 2.558   15.689  -0.746  1.00 20.62 ? 65  TYR A N    1 
ATOM   170  C CA   . TYR A 1 24  ? 3.096   15.193  -2.005  1.00 21.50 ? 65  TYR A CA   1 
ATOM   171  C C    . TYR A 1 24  ? 2.871   13.694  -2.142  1.00 18.84 ? 65  TYR A C    1 
ATOM   172  O O    . TYR A 1 24  ? 2.521   13.200  -3.220  1.00 18.53 ? 65  TYR A O    1 
ATOM   173  C CB   . TYR A 1 24  ? 4.584   15.530  -2.065  1.00 21.50 ? 65  TYR A CB   1 
ATOM   174  C CG   . TYR A 1 24  ? 5.329   15.052  -3.283  1.00 18.93 ? 65  TYR A CG   1 
ATOM   175  C CD1  . TYR A 1 24  ? 5.431   15.854  -4.409  1.00 25.34 ? 65  TYR A CD1  1 
ATOM   176  C CD2  . TYR A 1 24  ? 5.988   13.829  -3.291  1.00 23.57 ? 65  TYR A CD2  1 
ATOM   177  C CE1  . TYR A 1 24  ? 6.129   15.445  -5.520  1.00 24.38 ? 65  TYR A CE1  1 
ATOM   178  C CE2  . TYR A 1 24  ? 6.687   13.404  -4.401  1.00 25.65 ? 65  TYR A CE2  1 
ATOM   179  C CZ   . TYR A 1 24  ? 6.760   14.224  -5.515  1.00 24.49 ? 65  TYR A CZ   1 
ATOM   180  O OH   . TYR A 1 24  ? 7.459   13.820  -6.628  1.00 27.72 ? 65  TYR A OH   1 
ATOM   181  N N    . LEU A 1 25  ? 3.058   12.955  -1.056  1.00 20.60 ? 66  LEU A N    1 
ATOM   182  C CA   . LEU A 1 25  ? 2.844   11.522  -1.122  1.00 22.45 ? 66  LEU A CA   1 
ATOM   183  C C    . LEU A 1 25  ? 1.412   11.189  -1.509  1.00 21.55 ? 66  LEU A C    1 
ATOM   184  O O    . LEU A 1 25  ? 1.181   10.169  -2.148  1.00 19.65 ? 66  LEU A O    1 
ATOM   185  C CB   . LEU A 1 25  ? 3.208   10.892  0.214   1.00 20.80 ? 66  LEU A CB   1 
ATOM   186  C CG   . LEU A 1 25  ? 4.705   10.652  0.390   1.00 24.24 ? 66  LEU A CG   1 
ATOM   187  C CD1  . LEU A 1 25  ? 5.019   10.163  1.799   1.00 28.76 ? 66  LEU A CD1  1 
ATOM   188  C CD2  . LEU A 1 25  ? 5.247   9.693   -0.667  1.00 29.51 ? 66  LEU A CD2  1 
ATOM   189  N N    . LEU A 1 26  ? 0.437   12.029  -1.150  1.00 19.12 ? 67  LEU A N    1 
ATOM   190  C CA   . LEU A 1 26  ? -0.940  11.768  -1.570  1.00 20.20 ? 67  LEU A CA   1 
ATOM   191  C C    . LEU A 1 26  ? -1.221  12.310  -2.967  1.00 22.11 ? 67  LEU A C    1 
ATOM   192  O O    . LEU A 1 26  ? -1.716  11.581  -3.832  1.00 21.82 ? 67  LEU A O    1 
ATOM   193  C CB   . LEU A 1 26  ? -1.925  12.386  -0.578  1.00 19.31 ? 67  LEU A CB   1 
ATOM   194  C CG   . LEU A 1 26  ? -3.415  12.226  -0.883  1.00 19.98 ? 67  LEU A CG   1 
ATOM   195  C CD1  . LEU A 1 26  ? -3.814  10.778  -0.979  1.00 24.08 ? 67  LEU A CD1  1 
ATOM   196  C CD2  . LEU A 1 26  ? -4.257  12.929  0.182   1.00 22.81 ? 67  LEU A CD2  1 
ATOM   197  N N    . ARG A 1 27  ? -0.916  13.591  -3.197  1.00 22.41 ? 68  ARG A N    1 
ATOM   198  C CA   . ARG A 1 27  ? -1.307  14.261  -4.436  1.00 25.09 ? 68  ARG A CA   1 
ATOM   199  C C    . ARG A 1 27  ? -0.582  13.687  -5.646  1.00 23.88 ? 68  ARG A C    1 
ATOM   200  O O    . ARG A 1 27  ? -1.169  13.556  -6.728  1.00 26.85 ? 68  ARG A O    1 
ATOM   201  C CB   . ARG A 1 27  ? -1.014  15.764  -4.335  1.00 23.33 ? 68  ARG A CB   1 
ATOM   202  C CG   . ARG A 1 27  ? -1.692  16.589  -5.441  1.00 27.91 ? 68  ARG A CG   1 
ATOM   203  C CD   . ARG A 1 27  ? -1.271  18.067  -5.465  1.00 34.76 ? 68  ARG A CD   1 
ATOM   204  N NE   . ARG A 1 27  ? 0.165   18.291  -5.316  1.00 33.91 ? 68  ARG A NE   1 
ATOM   205  C CZ   . ARG A 1 27  ? 1.034   18.300  -6.320  1.00 34.01 ? 68  ARG A CZ   1 
ATOM   206  N NH1  . ARG A 1 27  ? 0.655   18.059  -7.569  1.00 36.98 ? 68  ARG A NH1  1 
ATOM   207  N NH2  . ARG A 1 27  ? 2.316   18.567  -6.071  1.00 28.37 ? 68  ARG A NH2  1 
ATOM   208  N N    . VAL A 1 28  ? 0.694   13.346  -5.492  1.00 21.92 ? 69  VAL A N    1 
ATOM   209  C CA   . VAL A 1 28  ? 1.544   12.951  -6.610  1.00 22.40 ? 69  VAL A CA   1 
ATOM   210  C C    . VAL A 1 28  ? 1.837   11.458  -6.590  1.00 25.07 ? 69  VAL A C    1 
ATOM   211  O O    . VAL A 1 28  ? 1.561   10.749  -7.562  1.00 25.42 ? 69  VAL A O    1 
ATOM   212  C CB   . VAL A 1 28  ? 2.842   13.789  -6.655  1.00 22.78 ? 69  VAL A CB   1 
ATOM   213  C CG1  . VAL A 1 28  ? 3.814   13.232  -7.703  1.00 23.77 ? 69  VAL A CG1  1 
ATOM   214  C CG2  . VAL A 1 28  ? 2.512   15.256  -6.895  1.00 24.90 ? 69  VAL A CG2  1 
ATOM   215  N N    . VAL A 1 29  ? 2.396   10.953  -5.493  1.00 22.08 ? 70  VAL A N    1 
ATOM   216  C CA   . VAL A 1 29  ? 2.879   9.576   -5.522  1.00 20.32 ? 70  VAL A CA   1 
ATOM   217  C C    . VAL A 1 29  ? 1.709   8.596   -5.547  1.00 21.98 ? 70  VAL A C    1 
ATOM   218  O O    . VAL A 1 29  ? 1.546   7.832   -6.504  1.00 22.00 ? 70  VAL A O    1 
ATOM   219  C CB   . VAL A 1 29  ? 3.867   9.304   -4.376  1.00 24.70 ? 70  VAL A CB   1 
ATOM   220  C CG1  . VAL A 1 29  ? 4.261   7.838   -4.362  1.00 24.73 ? 70  VAL A CG1  1 
ATOM   221  C CG2  . VAL A 1 29  ? 5.096   10.204  -4.529  1.00 24.17 ? 70  VAL A CG2  1 
ATOM   222  N N    . LEU A 1 30  ? 0.864   8.621   -4.516  1.00 21.17 ? 71  LEU A N    1 
ATOM   223  C CA   A LEU A 1 30  ? -0.242  7.667   -4.449  0.31 21.81 ? 71  LEU A CA   1 
ATOM   224  C CA   B LEU A 1 30  ? -0.234  7.661   -4.454  0.69 21.80 ? 71  LEU A CA   1 
ATOM   225  C C    . LEU A 1 30  ? -1.214  7.865   -5.600  1.00 22.96 ? 71  LEU A C    1 
ATOM   226  O O    . LEU A 1 30  ? -1.605  6.904   -6.271  1.00 20.09 ? 71  LEU A O    1 
ATOM   227  C CB   A LEU A 1 30  ? -0.982  7.790   -3.119  0.31 21.46 ? 71  LEU A CB   1 
ATOM   228  C CB   B LEU A 1 30  ? -0.945  7.726   -3.104  0.69 21.43 ? 71  LEU A CB   1 
ATOM   229  C CG   A LEU A 1 30  ? -2.220  6.884   -3.059  0.31 23.76 ? 71  LEU A CG   1 
ATOM   230  C CG   B LEU A 1 30  ? -2.075  6.698   -2.924  0.69 24.18 ? 71  LEU A CG   1 
ATOM   231  C CD1  A LEU A 1 30  ? -1.908  5.538   -2.427  0.31 21.00 ? 71  LEU A CD1  1 
ATOM   232  C CD1  B LEU A 1 30  ? -2.160  6.244   -1.475  0.69 24.92 ? 71  LEU A CD1  1 
ATOM   233  C CD2  A LEU A 1 30  ? -3.372  7.580   -2.348  0.31 22.33 ? 71  LEU A CD2  1 
ATOM   234  C CD2  B LEU A 1 30  ? -3.416  7.263   -3.397  0.69 19.90 ? 71  LEU A CD2  1 
ATOM   235  N N    . LYS A 1 31  ? -1.633  9.108   -5.836  1.00 24.96 ? 72  LYS A N    1 
ATOM   236  C CA   . LYS A 1 31  ? -2.632  9.350   -6.869  1.00 26.46 ? 72  LYS A CA   1 
ATOM   237  C C    . LYS A 1 31  ? -2.124  9.046   -8.268  1.00 25.00 ? 72  LYS A C    1 
ATOM   238  O O    . LYS A 1 31  ? -2.942  8.761   -9.150  1.00 29.86 ? 72  LYS A O    1 
ATOM   239  C CB   . LYS A 1 31  ? -3.231  10.752  -6.762  1.00 29.97 ? 72  LYS A CB   1 
ATOM   240  C CG   . LYS A 1 31  ? -4.176  10.916  -5.567  1.00 35.39 ? 72  LYS A CG   1 
ATOM   241  C CD   . LYS A 1 31  ? -4.795  12.302  -5.539  1.00 32.95 ? 72  LYS A CD   1 
ATOM   242  C CE   . LYS A 1 31  ? -5.337  12.647  -4.166  1.00 35.37 ? 72  LYS A CE   1 
ATOM   243  N NZ   . LYS A 1 31  ? -6.719  12.175  -4.007  1.00 35.10 ? 72  LYS A NZ   1 
ATOM   244  N N    . THR A 1 32  ? -0.804  9.032   -8.483  1.00 26.47 ? 73  THR A N    1 
ATOM   245  C CA   . THR A 1 32  ? -0.279  8.665   -9.796  1.00 26.34 ? 73  THR A CA   1 
ATOM   246  C C    . THR A 1 32  ? -0.142  7.150   -9.934  1.00 26.59 ? 73  THR A C    1 
ATOM   247  O O    . THR A 1 32  ? -0.524  6.579   -10.963 1.00 26.68 ? 73  THR A O    1 
ATOM   248  C CB   . THR A 1 32  ? 1.057   9.373   -10.046 1.00 27.44 ? 73  THR A CB   1 
ATOM   249  O OG1  . THR A 1 32  ? 0.837   10.790  -10.026 1.00 31.71 ? 73  THR A OG1  1 
ATOM   250  C CG2  . THR A 1 32  ? 1.627   8.974   -11.397 1.00 29.51 ? 73  THR A CG2  1 
ATOM   251  N N    . LEU A 1 33  ? 0.406   6.477   -8.916  1.00 21.50 ? 74  LEU A N    1 
ATOM   252  C CA   . LEU A 1 33  ? 0.410   5.016   -8.920  1.00 23.21 ? 74  LEU A CA   1 
ATOM   253  C C    . LEU A 1 33  ? -0.998  4.472   -9.106  1.00 21.73 ? 74  LEU A C    1 
ATOM   254  O O    . LEU A 1 33  ? -1.199  3.463   -9.788  1.00 21.33 ? 74  LEU A O    1 
ATOM   255  C CB   . LEU A 1 33  ? 0.994   4.484   -7.613  1.00 22.83 ? 74  LEU A CB   1 
ATOM   256  C CG   . LEU A 1 33  ? 2.465   4.092   -7.567  1.00 34.35 ? 74  LEU A CG   1 
ATOM   257  C CD1  . LEU A 1 33  ? 3.301   5.088   -8.344  1.00 32.48 ? 74  LEU A CD1  1 
ATOM   258  C CD2  . LEU A 1 33  ? 2.922   4.023   -6.105  1.00 31.61 ? 74  LEU A CD2  1 
ATOM   259  N N    . TRP A 1 34  ? -1.983  5.148   -8.515  1.00 19.40 ? 75  TRP A N    1 
ATOM   260  C CA   . TRP A 1 34  ? -3.362  4.684   -8.510  1.00 19.73 ? 75  TRP A CA   1 
ATOM   261  C C    . TRP A 1 34  ? -3.891  4.500   -9.919  1.00 24.50 ? 75  TRP A C    1 
ATOM   262  O O    . TRP A 1 34  ? -4.691  3.591   -10.163 1.00 23.28 ? 75  TRP A O    1 
ATOM   263  C CB   . TRP A 1 34  ? -4.208  5.701   -7.748  1.00 21.53 ? 75  TRP A CB   1 
ATOM   264  C CG   . TRP A 1 34  ? -5.581  5.253   -7.410  1.00 24.27 ? 75  TRP A CG   1 
ATOM   265  C CD1  . TRP A 1 34  ? -6.693  5.360   -8.187  1.00 23.23 ? 75  TRP A CD1  1 
ATOM   266  C CD2  . TRP A 1 34  ? -5.989  4.617   -6.201  1.00 22.61 ? 75  TRP A CD2  1 
ATOM   267  N NE1  . TRP A 1 34  ? -7.780  4.846   -7.526  1.00 29.82 ? 75  TRP A NE1  1 
ATOM   268  C CE2  . TRP A 1 34  ? -7.377  4.386   -6.299  1.00 27.09 ? 75  TRP A CE2  1 
ATOM   269  C CE3  . TRP A 1 34  ? -5.324  4.244   -5.032  1.00 23.72 ? 75  TRP A CE3  1 
ATOM   270  C CZ2  . TRP A 1 34  ? -8.107  3.771   -5.282  1.00 23.25 ? 75  TRP A CZ2  1 
ATOM   271  C CZ3  . TRP A 1 34  ? -6.054  3.634   -4.023  1.00 20.91 ? 75  TRP A CZ3  1 
ATOM   272  C CH2  . TRP A 1 34  ? -7.428  3.412   -4.152  1.00 21.21 ? 75  TRP A CH2  1 
ATOM   273  N N    . LYS A 1 35  ? -3.442  5.337   -10.858 1.00 23.00 ? 76  LYS A N    1 
ATOM   274  C CA   . LYS A 1 35  ? -3.892  5.334   -12.244 1.00 26.76 ? 76  LYS A CA   1 
ATOM   275  C C    . LYS A 1 35  ? -3.098  4.382   -13.131 1.00 24.79 ? 76  LYS A C    1 
ATOM   276  O O    . LYS A 1 35  ? -3.420  4.259   -14.314 1.00 30.59 ? 76  LYS A O    1 
ATOM   277  C CB   . LYS A 1 35  ? -3.782  6.749   -12.835 1.00 28.07 ? 76  LYS A CB   1 
ATOM   278  C CG   . LYS A 1 35  ? -4.431  7.862   -12.030 1.00 31.86 ? 76  LYS A CG   1 
ATOM   279  C CD   . LYS A 1 35  ? -4.436  9.173   -12.834 1.00 33.70 ? 76  LYS A CD   1 
ATOM   280  C CE   . LYS A 1 35  ? -5.296  10.262  -12.193 1.00 36.28 ? 76  LYS A CE   1 
ATOM   281  N NZ   . LYS A 1 35  ? -6.764  10.013  -12.279 1.00 41.47 ? 76  LYS A NZ   1 
ATOM   282  N N    . HIS A 1 36  ? -2.055  3.734   -12.614 1.00 23.18 ? 77  HIS A N    1 
ATOM   283  C CA   . HIS A 1 36  ? -1.263  2.813   -13.422 1.00 22.87 ? 77  HIS A CA   1 
ATOM   284  C C    . HIS A 1 36  ? -2.121  1.621   -13.856 1.00 21.74 ? 77  HIS A C    1 
ATOM   285  O O    . HIS A 1 36  ? -3.075  1.229   -13.176 1.00 21.45 ? 77  HIS A O    1 
ATOM   286  C CB   . HIS A 1 36  ? -0.049  2.350   -12.610 1.00 23.25 ? 77  HIS A CB   1 
ATOM   287  C CG   . HIS A 1 36  ? 0.884   1.443   -13.352 1.00 23.29 ? 77  HIS A CG   1 
ATOM   288  N ND1  . HIS A 1 36  ? 2.148   1.828   -13.741 1.00 29.05 ? 77  HIS A ND1  1 
ATOM   289  C CD2  . HIS A 1 36  ? 0.748   0.155   -13.743 1.00 20.53 ? 77  HIS A CD2  1 
ATOM   290  C CE1  . HIS A 1 36  ? 2.741   0.825   -14.363 1.00 27.77 ? 77  HIS A CE1  1 
ATOM   291  N NE2  . HIS A 1 36  ? 1.910   -0.203  -14.379 1.00 27.56 ? 77  HIS A NE2  1 
ATOM   292  N N    . GLN A 1 37  ? -1.784  1.038   -15.011 1.00 25.68 ? 78  GLN A N    1 
ATOM   293  C CA   A GLN A 1 37  ? -2.608  -0.043  -15.541 0.10 22.52 ? 78  GLN A CA   1 
ATOM   294  C CA   B GLN A 1 37  ? -2.604  -0.045  -15.546 0.90 22.42 ? 78  GLN A CA   1 
ATOM   295  C C    . GLN A 1 37  ? -2.606  -1.279  -14.648 1.00 21.44 ? 78  GLN A C    1 
ATOM   296  O O    . GLN A 1 37  ? -3.537  -2.088  -14.728 1.00 21.46 ? 78  GLN A O    1 
ATOM   297  C CB   A GLN A 1 37  ? -2.175  -0.406  -16.964 0.10 23.15 ? 78  GLN A CB   1 
ATOM   298  C CB   B GLN A 1 37  ? -2.165  -0.411  -16.972 0.90 23.13 ? 78  GLN A CB   1 
ATOM   299  C CG   A GLN A 1 37  ? -0.828  -1.098  -17.047 0.10 25.76 ? 78  GLN A CG   1 
ATOM   300  C CG   B GLN A 1 37  ? -0.768  -0.988  -17.053 0.90 25.92 ? 78  GLN A CG   1 
ATOM   301  N N    . PHE A 1 38  ? -1.596  -1.444  -13.790 1.00 22.12 ? 79  PHE A N    1 
ATOM   302  C CA   . PHE A 1 38  ? -1.488  -2.602  -12.908 1.00 19.45 ? 79  PHE A CA   1 
ATOM   303  C C    . PHE A 1 38  ? -1.853  -2.283  -11.456 1.00 22.34 ? 79  PHE A C    1 
ATOM   304  O O    . PHE A 1 38  ? -1.552  -3.079  -10.561 1.00 20.96 ? 79  PHE A O    1 
ATOM   305  C CB   . PHE A 1 38  ? -0.073  -3.173  -12.969 1.00 23.26 ? 79  PHE A CB   1 
ATOM   306  C CG   . PHE A 1 38  ? 0.291   -3.749  -14.296 1.00 24.75 ? 79  PHE A CG   1 
ATOM   307  C CD1  . PHE A 1 38  ? -0.682  -4.174  -15.187 1.00 24.49 ? 79  PHE A CD1  1 
ATOM   308  C CD2  . PHE A 1 38  ? 1.625   -3.827  -14.669 1.00 24.14 ? 79  PHE A CD2  1 
ATOM   309  C CE1  . PHE A 1 38  ? -0.320  -4.689  -16.429 1.00 23.02 ? 79  PHE A CE1  1 
ATOM   310  C CE2  . PHE A 1 38  ? 1.989   -4.328  -15.891 1.00 22.97 ? 79  PHE A CE2  1 
ATOM   311  C CZ   . PHE A 1 38  ? 1.009   -4.769  -16.772 1.00 26.49 ? 79  PHE A CZ   1 
ATOM   312  N N    . ALA A 1 39  ? -2.498  -1.143  -11.209 1.00 19.47 ? 80  ALA A N    1 
ATOM   313  C CA   . ALA A 1 39  ? -2.755  -0.744  -9.833  1.00 17.86 ? 80  ALA A CA   1 
ATOM   314  C C    . ALA A 1 39  ? -3.923  -1.490  -9.222  1.00 18.07 ? 80  ALA A C    1 
ATOM   315  O O    . ALA A 1 39  ? -3.959  -1.654  -8.003  1.00 16.77 ? 80  ALA A O    1 
ATOM   316  C CB   . ALA A 1 39  ? -3.031  0.754   -9.743  1.00 20.87 ? 80  ALA A CB   1 
ATOM   317  N N    . TRP A 1 40  ? -4.868  -1.953  -10.037 1.00 17.79 ? 81  TRP A N    1 
ATOM   318  C CA   . TRP A 1 40  ? -6.146  -2.430  -9.512  1.00 23.29 ? 81  TRP A CA   1 
ATOM   319  C C    . TRP A 1 40  ? -6.046  -3.507  -8.434  1.00 17.36 ? 81  TRP A C    1 
ATOM   320  O O    . TRP A 1 40  ? -6.851  -3.457  -7.487  1.00 19.19 ? 81  TRP A O    1 
ATOM   321  C CB   . TRP A 1 40  ? -7.096  -2.851  -10.641 1.00 20.79 ? 81  TRP A CB   1 
ATOM   322  C CG   . TRP A 1 40  ? -6.581  -3.935  -11.522 1.00 19.52 ? 81  TRP A CG   1 
ATOM   323  C CD1  . TRP A 1 40  ? -5.855  -3.789  -12.674 1.00 21.16 ? 81  TRP A CD1  1 
ATOM   324  C CD2  . TRP A 1 40  ? -6.731  -5.345  -11.315 1.00 16.79 ? 81  TRP A CD2  1 
ATOM   325  N NE1  . TRP A 1 40  ? -5.554  -5.028  -13.201 1.00 20.92 ? 81  TRP A NE1  1 
ATOM   326  C CE2  . TRP A 1 40  ? -6.083  -5.997  -12.387 1.00 21.16 ? 81  TRP A CE2  1 
ATOM   327  C CE3  . TRP A 1 40  ? -7.340  -6.121  -10.320 1.00 18.79 ? 81  TRP A CE3  1 
ATOM   328  C CZ2  . TRP A 1 40  ? -6.042  -7.388  -12.496 1.00 23.69 ? 81  TRP A CZ2  1 
ATOM   329  C CZ3  . TRP A 1 40  ? -7.299  -7.498  -10.431 1.00 19.94 ? 81  TRP A CZ3  1 
ATOM   330  C CH2  . TRP A 1 40  ? -6.649  -8.116  -11.514 1.00 19.22 ? 81  TRP A CH2  1 
ATOM   331  N N    . PRO A 1 41  ? -5.146  -4.495  -8.504  1.00 17.49 ? 82  PRO A N    1 
ATOM   332  C CA   . PRO A 1 41  ? -5.124  -5.520  -7.443  1.00 16.84 ? 82  PRO A CA   1 
ATOM   333  C C    . PRO A 1 41  ? -4.761  -4.949  -6.093  1.00 15.26 ? 82  PRO A C    1 
ATOM   334  O O    . PRO A 1 41  ? -5.015  -5.610  -5.074  1.00 17.12 ? 82  PRO A O    1 
ATOM   335  C CB   . PRO A 1 41  ? -4.046  -6.506  -7.906  1.00 16.62 ? 82  PRO A CB   1 
ATOM   336  C CG   . PRO A 1 41  ? -3.868  -6.231  -9.347  1.00 16.66 ? 82  PRO A CG   1 
ATOM   337  C CD   . PRO A 1 41  ? -4.139  -4.775  -9.544  1.00 17.27 ? 82  PRO A CD   1 
ATOM   338  N N    . PHE A 1 42  ? -4.163  -3.751  -6.063  1.00 14.89 ? 83  PHE A N    1 
ATOM   339  C CA   . PHE A 1 42  ? -3.602  -3.144  -4.863  1.00 16.03 ? 83  PHE A CA   1 
ATOM   340  C C    . PHE A 1 42  ? -4.420  -1.963  -4.358  1.00 15.27 ? 83  PHE A C    1 
ATOM   341  O O    . PHE A 1 42  ? -3.991  -1.268  -3.423  1.00 16.42 ? 83  PHE A O    1 
ATOM   342  C CB   . PHE A 1 42  ? -2.152  -2.738  -5.140  1.00 17.80 ? 83  PHE A CB   1 
ATOM   343  C CG   . PHE A 1 42  ? -1.312  -3.871  -5.660  1.00 16.48 ? 83  PHE A CG   1 
ATOM   344  C CD1  . PHE A 1 42  ? -0.777  -4.802  -4.782  1.00 18.80 ? 83  PHE A CD1  1 
ATOM   345  C CD2  . PHE A 1 42  ? -1.043  -4.004  -7.028  1.00 17.97 ? 83  PHE A CD2  1 
ATOM   346  C CE1  . PHE A 1 42  ? -0.013  -5.854  -5.237  1.00 19.14 ? 83  PHE A CE1  1 
ATOM   347  C CE2  . PHE A 1 42  ? -0.259  -5.055  -7.493  1.00 16.17 ? 83  PHE A CE2  1 
ATOM   348  C CZ   . PHE A 1 42  ? 0.251   -5.986  -6.604  1.00 17.42 ? 83  PHE A CZ   1 
ATOM   349  N N    . GLN A 1 43  ? -5.593  -1.715  -4.935  1.00 16.36 ? 84  GLN A N    1 
ATOM   350  C CA   . GLN A 1 43  ? -6.378  -0.545  -4.565  1.00 18.36 ? 84  GLN A CA   1 
ATOM   351  C C    . GLN A 1 43  ? -7.274  -0.786  -3.348  1.00 17.90 ? 84  GLN A C    1 
ATOM   352  O O    . GLN A 1 43  ? -7.981  0.135   -2.912  1.00 18.07 ? 84  GLN A O    1 
ATOM   353  C CB   . GLN A 1 43  ? -7.208  -0.066  -5.754  1.00 19.48 ? 84  GLN A CB   1 
ATOM   354  C CG   . GLN A 1 43  ? -6.386  0.680   -6.790  1.00 19.22 ? 84  GLN A CG   1 
ATOM   355  C CD   . GLN A 1 43  ? -7.174  0.997   -8.030  1.00 21.47 ? 84  GLN A CD   1 
ATOM   356  O OE1  . GLN A 1 43  ? -8.257  0.462   -8.248  1.00 24.23 ? 84  GLN A OE1  1 
ATOM   357  N NE2  . GLN A 1 43  ? -6.629  1.878   -8.864  1.00 22.15 ? 84  GLN A NE2  1 
ATOM   358  N N    . GLN A 1 44  ? -7.247  -1.990  -2.786  1.00 17.95 ? 85  GLN A N    1 
ATOM   359  C CA   . GLN A 1 44  ? -8.051  -2.341  -1.622  1.00 16.73 ? 85  GLN A CA   1 
ATOM   360  C C    . GLN A 1 44  ? -7.431  -3.575  -0.991  1.00 17.43 ? 85  GLN A C    1 
ATOM   361  O O    . GLN A 1 44  ? -6.638  -4.277  -1.641  1.00 17.04 ? 85  GLN A O    1 
ATOM   362  C CB   . GLN A 1 44  ? -9.513  -2.623  -2.016  1.00 18.40 ? 85  GLN A CB   1 
ATOM   363  C CG   . GLN A 1 44  ? -9.700  -3.724  -3.041  1.00 17.79 ? 85  GLN A CG   1 
ATOM   364  C CD   . GLN A 1 44  ? -9.330  -3.285  -4.436  1.00 19.93 ? 85  GLN A CD   1 
ATOM   365  O OE1  . GLN A 1 44  ? -9.749  -2.225  -4.892  1.00 24.62 ? 85  GLN A OE1  1 
ATOM   366  N NE2  . GLN A 1 44  ? -8.536  -4.102  -5.120  1.00 22.11 ? 85  GLN A NE2  1 
ATOM   367  N N    . PRO A 1 45  ? -7.768  -3.874  0.266   1.00 17.10 ? 86  PRO A N    1 
ATOM   368  C CA   . PRO A 1 45  ? -7.217  -5.067  0.921   1.00 13.60 ? 86  PRO A CA   1 
ATOM   369  C C    . PRO A 1 45  ? -7.466  -6.316  0.091   1.00 15.50 ? 86  PRO A C    1 
ATOM   370  O O    . PRO A 1 45  ? -8.468  -6.426  -0.612  1.00 19.11 ? 86  PRO A O    1 
ATOM   371  C CB   . PRO A 1 45  ? -7.993  -5.125  2.249   1.00 17.02 ? 86  PRO A CB   1 
ATOM   372  C CG   . PRO A 1 45  ? -8.315  -3.697  2.530   1.00 17.32 ? 86  PRO A CG   1 
ATOM   373  C CD   . PRO A 1 45  ? -8.582  -3.059  1.188   1.00 19.11 ? 86  PRO A CD   1 
ATOM   374  N N    . VAL A 1 46  ? -6.531  -7.259  0.175   1.00 16.87 ? 87  VAL A N    1 
ATOM   375  C CA   . VAL A 1 46  ? -6.716  -8.551  -0.477  1.00 15.71 ? 87  VAL A CA   1 
ATOM   376  C C    . VAL A 1 46  ? -7.994  -9.178  0.067   1.00 17.87 ? 87  VAL A C    1 
ATOM   377  O O    . VAL A 1 46  ? -8.156  -9.358  1.282   1.00 16.54 ? 87  VAL A O    1 
ATOM   378  C CB   . VAL A 1 46  ? -5.495  -9.447  -0.244  1.00 16.70 ? 87  VAL A CB   1 
ATOM   379  C CG1  . VAL A 1 46  ? -5.782  -10.882 -0.688  1.00 19.72 ? 87  VAL A CG1  1 
ATOM   380  C CG2  . VAL A 1 46  ? -4.273  -8.883  -0.957  1.00 17.76 ? 87  VAL A CG2  1 
ATOM   381  N N    . ASP A 1 47  ? -8.921  -9.492  -0.831  1.00 15.54 ? 88  ASP A N    1 
ATOM   382  C CA   . ASP A 1 47  ? -10.153 -10.196 -0.478  1.00 15.99 ? 88  ASP A CA   1 
ATOM   383  C C    . ASP A 1 47  ? -9.869  -11.683 -0.628  1.00 17.16 ? 88  ASP A C    1 
ATOM   384  O O    . ASP A 1 47  ? -10.069 -12.272 -1.697  1.00 16.59 ? 88  ASP A O    1 
ATOM   385  C CB   . ASP A 1 47  ? -11.290 -9.724  -1.373  1.00 16.93 ? 88  ASP A CB   1 
ATOM   386  C CG   . ASP A 1 47  ? -12.624 -10.286 -0.965  1.00 16.64 ? 88  ASP A CG   1 
ATOM   387  O OD1  . ASP A 1 47  ? -12.639 -11.323 -0.288  1.00 16.90 ? 88  ASP A OD1  1 
ATOM   388  O OD2  . ASP A 1 47  ? -13.648 -9.708  -1.369  1.00 22.00 ? 88  ASP A OD2  1 
ATOM   389  N N    . ALA A 1 48  ? -9.374  -12.296 0.455   1.00 19.21 ? 89  ALA A N    1 
ATOM   390  C CA   . ALA A 1 48  ? -8.942  -13.688 0.383   1.00 19.79 ? 89  ALA A CA   1 
ATOM   391  C C    . ALA A 1 48  ? -10.111 -14.626 0.148   1.00 19.20 ? 89  ALA A C    1 
ATOM   392  O O    . ALA A 1 48  ? -9.937  -15.711 -0.428  1.00 19.46 ? 89  ALA A O    1 
ATOM   393  C CB   . ALA A 1 48  ? -8.189  -14.088 1.648   1.00 23.45 ? 89  ALA A CB   1 
ATOM   394  N N    . VAL A 1 49  ? -11.302 -14.225 0.585   1.00 18.98 ? 90  VAL A N    1 
ATOM   395  C CA   . VAL A 1 49  ? -12.496 -15.028 0.348   1.00 19.94 ? 90  VAL A CA   1 
ATOM   396  C C    . VAL A 1 49  ? -12.840 -15.044 -1.137  1.00 22.96 ? 90  VAL A C    1 
ATOM   397  O O    . VAL A 1 49  ? -13.012 -16.108 -1.745  1.00 21.46 ? 90  VAL A O    1 
ATOM   398  C CB   . VAL A 1 49  ? -13.655 -14.486 1.203   1.00 21.30 ? 90  VAL A CB   1 
ATOM   399  C CG1  . VAL A 1 49  ? -14.957 -15.180 0.823   1.00 24.34 ? 90  VAL A CG1  1 
ATOM   400  C CG2  . VAL A 1 49  ? -13.357 -14.681 2.697   1.00 21.74 ? 90  VAL A CG2  1 
ATOM   401  N N    . LYS A 1 50  ? -12.946 -13.862 -1.744  1.00 20.65 ? 91  LYS A N    1 
ATOM   402  C CA   . LYS A 1 50  ? -13.230 -13.784 -3.172  1.00 20.06 ? 91  LYS A CA   1 
ATOM   403  C C    . LYS A 1 50  ? -12.149 -14.471 -4.001  1.00 19.95 ? 91  LYS A C    1 
ATOM   404  O O    . LYS A 1 50  ? -12.446 -15.163 -4.985  1.00 20.38 ? 91  LYS A O    1 
ATOM   405  C CB   . LYS A 1 50  ? -13.346 -12.318 -3.597  1.00 16.69 ? 91  LYS A CB   1 
ATOM   406  C CG   . LYS A 1 50  ? -13.633 -12.168 -5.117  1.00 18.79 ? 91  LYS A CG   1 
ATOM   407  C CD   . LYS A 1 50  ? -14.063 -10.743 -5.453  1.00 23.52 ? 91  LYS A CD   1 
ATOM   408  C CE   . LYS A 1 50  ? -12.949 -9.756  -5.157  1.00 26.12 ? 91  LYS A CE   1 
ATOM   409  N NZ   . LYS A 1 50  ? -13.093 -8.462  -5.905  1.00 30.14 ? 91  LYS A NZ   1 
ATOM   410  N N    . LEU A 1 51  ? -10.884 -14.264 -3.651  1.00 17.73 ? 92  LEU A N    1 
ATOM   411  C CA   . LEU A 1 51  ? -9.793  -14.784 -4.466  1.00 17.60 ? 92  LEU A CA   1 
ATOM   412  C C    . LEU A 1 51  ? -9.482  -16.248 -4.191  1.00 18.49 ? 92  LEU A C    1 
ATOM   413  O O    . LEU A 1 51  ? -8.543  -16.808 -4.773  1.00 22.00 ? 92  LEU A O    1 
ATOM   414  C CB   . LEU A 1 51  ? -8.540  -13.921 -4.296  1.00 18.19 ? 92  LEU A CB   1 
ATOM   415  C CG   . LEU A 1 51  ? -8.710  -12.485 -4.770  1.00 19.27 ? 92  LEU A CG   1 
ATOM   416  C CD1  . LEU A 1 51  ? -7.598  -11.653 -4.192  1.00 20.97 ? 92  LEU A CD1  1 
ATOM   417  C CD2  . LEU A 1 51  ? -8.679  -12.409 -6.284  1.00 23.65 ? 92  LEU A CD2  1 
ATOM   418  N N    . ASN A 1 52  ? -10.278 -16.874 -3.343  1.00 20.85 ? 93  ASN A N    1 
ATOM   419  C CA   . ASN A 1 52  ? -10.072 -18.229 -2.833  1.00 22.05 ? 93  ASN A CA   1 
ATOM   420  C C    . ASN A 1 52  ? -8.610  -18.471 -2.438  1.00 21.21 ? 93  ASN A C    1 
ATOM   421  O O    . ASN A 1 52  ? -7.920  -19.362 -2.939  1.00 22.31 ? 93  ASN A O    1 
ATOM   422  C CB   . ASN A 1 52  ? -10.642 -19.320 -3.738  1.00 27.81 ? 93  ASN A CB   1 
ATOM   423  C CG   . ASN A 1 52  ? -10.786 -20.643 -2.995  1.00 28.93 ? 93  ASN A CG   1 
ATOM   424  O OD1  . ASN A 1 52  ? -11.489 -20.716 -1.975  1.00 38.69 ? 93  ASN A OD1  1 
ATOM   425  N ND2  . ASN A 1 52  ? -10.135 -21.684 -3.493  1.00 46.75 ? 93  ASN A ND2  1 
ATOM   426  N N    . LEU A 1 53  ? -8.151  -17.628 -1.506  1.00 19.41 ? 94  LEU A N    1 
ATOM   427  C CA   . LEU A 1 53  ? -6.807  -17.693 -0.939  1.00 18.86 ? 94  LEU A CA   1 
ATOM   428  C C    . LEU A 1 53  ? -6.956  -17.831 0.574   1.00 20.12 ? 94  LEU A C    1 
ATOM   429  O O    . LEU A 1 53  ? -6.592  -16.924 1.341   1.00 17.55 ? 94  LEU A O    1 
ATOM   430  C CB   . LEU A 1 53  ? -6.009  -16.436 -1.277  1.00 21.01 ? 94  LEU A CB   1 
ATOM   431  C CG   . LEU A 1 53  ? -5.797  -16.113 -2.758  1.00 19.16 ? 94  LEU A CG   1 
ATOM   432  C CD1  . LEU A 1 53  ? -5.141  -14.736 -2.900  1.00 21.90 ? 94  LEU A CD1  1 
ATOM   433  C CD2  . LEU A 1 53  ? -4.998  -17.204 -3.474  1.00 22.80 ? 94  LEU A CD2  1 
ATOM   434  N N    . PRO A 1 54  ? -7.507  -18.957 1.039   1.00 18.26 ? 95  PRO A N    1 
ATOM   435  C CA   . PRO A 1 54  ? -7.776  -19.109 2.480   1.00 17.15 ? 95  PRO A CA   1 
ATOM   436  C C    . PRO A 1 54  ? -6.530  -19.141 3.340   1.00 17.08 ? 95  PRO A C    1 
ATOM   437  O O    . PRO A 1 54  ? -6.644  -19.032 4.571   1.00 19.19 ? 95  PRO A O    1 
ATOM   438  C CB   . PRO A 1 54  ? -8.546  -20.437 2.557   1.00 19.17 ? 95  PRO A CB   1 
ATOM   439  C CG   . PRO A 1 54  ? -8.096  -21.191 1.338   1.00 20.45 ? 95  PRO A CG   1 
ATOM   440  C CD   . PRO A 1 54  ? -7.911  -20.150 0.273   1.00 21.36 ? 95  PRO A CD   1 
ATOM   441  N N    . ASP A 1 55  ? -5.344  -19.269 2.736   1.00 18.74 ? 96  ASP A N    1 
ATOM   442  C CA   . ASP A 1 55  ? -4.073  -19.237 3.447   1.00 17.56 ? 96  ASP A CA   1 
ATOM   443  C C    . ASP A 1 55  ? -3.411  -17.861 3.471   1.00 16.22 ? 96  ASP A C    1 
ATOM   444  O O    . ASP A 1 55  ? -2.438  -17.680 4.214   1.00 17.37 ? 96  ASP A O    1 
ATOM   445  C CB   . ASP A 1 55  ? -3.106  -20.293 2.883   1.00 19.58 ? 96  ASP A CB   1 
ATOM   446  C CG   . ASP A 1 55  ? -2.819  -20.103 1.396   1.00 22.62 ? 96  ASP A CG   1 
ATOM   447  O OD1  . ASP A 1 55  ? -3.429  -19.223 0.758   1.00 21.31 ? 96  ASP A OD1  1 
ATOM   448  O OD2  . ASP A 1 55  ? -1.995  -20.859 0.859   1.00 23.00 ? 96  ASP A OD2  1 
ATOM   449  N N    . TYR A 1 56  ? -3.945  -16.880 2.734   1.00 16.00 ? 97  TYR A N    1 
ATOM   450  C CA   . TYR A 1 56  ? -3.279  -15.580 2.637   1.00 13.95 ? 97  TYR A CA   1 
ATOM   451  C C    . TYR A 1 56  ? -3.093  -14.964 4.023   1.00 16.72 ? 97  TYR A C    1 
ATOM   452  O O    . TYR A 1 56  ? -1.982  -14.561 4.397   1.00 16.79 ? 97  TYR A O    1 
ATOM   453  C CB   . TYR A 1 56  ? -4.072  -14.627 1.729   1.00 16.34 ? 97  TYR A CB   1 
ATOM   454  C CG   . TYR A 1 56  ? -3.337  -13.320 1.486   1.00 13.61 ? 97  TYR A CG   1 
ATOM   455  C CD1  . TYR A 1 56  ? -2.350  -13.229 0.493   1.00 14.91 ? 97  TYR A CD1  1 
ATOM   456  C CD2  . TYR A 1 56  ? -3.557  -12.217 2.301   1.00 14.38 ? 97  TYR A CD2  1 
ATOM   457  C CE1  . TYR A 1 56  ? -1.662  -12.053 0.304   1.00 16.55 ? 97  TYR A CE1  1 
ATOM   458  C CE2  . TYR A 1 56  ? -2.861  -11.043 2.119   1.00 15.34 ? 97  TYR A CE2  1 
ATOM   459  C CZ   . TYR A 1 56  ? -1.916  -10.965 1.124   1.00 15.33 ? 97  TYR A CZ   1 
ATOM   460  O OH   . TYR A 1 56  ? -1.213  -9.800  0.937   1.00 14.95 ? 97  TYR A OH   1 
ATOM   461  N N    . TYR A 1 57  ? -4.164  -14.910 4.814   1.00 15.48 ? 98  TYR A N    1 
ATOM   462  C CA   . TYR A 1 57  ? -4.105  -14.281 6.124   1.00 18.31 ? 98  TYR A CA   1 
ATOM   463  C C    . TYR A 1 57  ? -3.709  -15.260 7.218   1.00 17.16 ? 98  TYR A C    1 
ATOM   464  O O    . TYR A 1 57  ? -3.939  -14.995 8.407   1.00 21.07 ? 98  TYR A O    1 
ATOM   465  C CB   . TYR A 1 57  ? -5.411  -13.568 6.431   1.00 17.39 ? 98  TYR A CB   1 
ATOM   466  C CG   . TYR A 1 57  ? -5.658  -12.369 5.557   1.00 14.79 ? 98  TYR A CG   1 
ATOM   467  C CD1  . TYR A 1 57  ? -4.868  -11.234 5.667   1.00 15.11 ? 98  TYR A CD1  1 
ATOM   468  C CD2  . TYR A 1 57  ? -6.717  -12.354 4.650   1.00 16.14 ? 98  TYR A CD2  1 
ATOM   469  C CE1  . TYR A 1 57  ? -5.112  -10.118 4.897   1.00 15.14 ? 98  TYR A CE1  1 
ATOM   470  C CE2  . TYR A 1 57  ? -6.968  -11.244 3.875   1.00 16.20 ? 98  TYR A CE2  1 
ATOM   471  C CZ   . TYR A 1 57  ? -6.160  -10.130 4.005   1.00 14.09 ? 98  TYR A CZ   1 
ATOM   472  O OH   . TYR A 1 57  ? -6.403  -9.022  3.246   1.00 15.56 ? 98  TYR A OH   1 
ATOM   473  N N    . LYS A 1 58  ? -3.153  -16.397 6.838   1.00 16.87 ? 99  LYS A N    1 
ATOM   474  C CA   . LYS A 1 58  ? -2.393  -17.247 7.735   1.00 22.01 ? 99  LYS A CA   1 
ATOM   475  C C    . LYS A 1 58  ? -0.901  -17.102 7.496   1.00 18.69 ? 99  LYS A C    1 
ATOM   476  O O    . LYS A 1 58  ? -0.101  -17.620 8.281   1.00 18.41 ? 99  LYS A O    1 
ATOM   477  C CB   . LYS A 1 58  ? -2.825  -18.715 7.570   1.00 22.99 ? 99  LYS A CB   1 
ATOM   478  C CG   . LYS A 1 58  ? -4.036  -19.138 8.442   1.00 26.01 ? 99  LYS A CG   1 
ATOM   479  C CD   . LYS A 1 58  ? -4.951  -20.091 7.696   1.00 32.51 ? 99  LYS A CD   1 
ATOM   480  C CE   . LYS A 1 58  ? -6.346  -20.183 8.341   1.00 22.23 ? 99  LYS A CE   1 
ATOM   481  N NZ   . LYS A 1 58  ? -6.375  -20.155 9.868   1.00 20.35 ? 99  LYS A NZ   1 
ATOM   482  N N    . ILE A 1 59  ? -0.524  -16.399 6.433   1.00 17.62 ? 100 ILE A N    1 
ATOM   483  C CA   A ILE A 1 59  ? 0.869   -16.192 6.077   0.93 18.70 ? 100 ILE A CA   1 
ATOM   484  C CA   B ILE A 1 59  ? 0.868   -16.191 6.056   0.07 18.75 ? 100 ILE A CA   1 
ATOM   485  C C    . ILE A 1 59  ? 1.274   -14.732 6.222   1.00 18.66 ? 100 ILE A C    1 
ATOM   486  O O    . ILE A 1 59  ? 2.342   -14.435 6.760   1.00 20.84 ? 100 ILE A O    1 
ATOM   487  C CB   A ILE A 1 59  ? 1.167   -16.716 4.653   0.93 16.92 ? 100 ILE A CB   1 
ATOM   488  C CB   B ILE A 1 59  ? 1.132   -16.682 4.615   0.07 17.12 ? 100 ILE A CB   1 
ATOM   489  C CG1  A ILE A 1 59  ? 1.016   -18.237 4.584   0.93 19.79 ? 100 ILE A CG1  1 
ATOM   490  C CG1  B ILE A 1 59  ? 0.800   -18.169 4.473   0.07 19.54 ? 100 ILE A CG1  1 
ATOM   491  C CG2  A ILE A 1 59  ? 2.551   -16.255 4.197   0.93 20.59 ? 100 ILE A CG2  1 
ATOM   492  C CG2  B ILE A 1 59  ? 2.574   -16.401 4.213   0.07 20.39 ? 100 ILE A CG2  1 
ATOM   493  C CD1  A ILE A 1 59  ? 0.897   -18.748 3.184   0.93 21.47 ? 100 ILE A CD1  1 
ATOM   494  C CD1  B ILE A 1 59  ? 1.708   -19.073 5.271   0.07 19.15 ? 100 ILE A CD1  1 
ATOM   495  N N    . ILE A 1 60  ? 0.428   -13.816 5.760   1.00 16.31 ? 101 ILE A N    1 
ATOM   496  C CA   . ILE A 1 60  ? 0.702   -12.384 5.781   1.00 17.65 ? 101 ILE A CA   1 
ATOM   497  C C    . ILE A 1 60  ? 0.192   -11.831 7.102   1.00 17.10 ? 101 ILE A C    1 
ATOM   498  O O    . ILE A 1 60  ? -1.004  -11.924 7.406   1.00 19.49 ? 101 ILE A O    1 
ATOM   499  C CB   . ILE A 1 60  ? 0.008   -11.684 4.607   1.00 17.37 ? 101 ILE A CB   1 
ATOM   500  C CG1  . ILE A 1 60  ? 0.579   -12.181 3.286   1.00 18.08 ? 101 ILE A CG1  1 
ATOM   501  C CG2  . ILE A 1 60  ? 0.128   -10.181 4.742   1.00 17.55 ? 101 ILE A CG2  1 
ATOM   502  C CD1  . ILE A 1 60  ? 2.084   -12.052 3.167   1.00 20.46 ? 101 ILE A CD1  1 
ATOM   503  N N    . LYS A 1 61  ? 1.093   -11.288 7.903   1.00 16.05 ? 102 LYS A N    1 
ATOM   504  C CA   . LYS A 1 61  ? 0.681   -10.846 9.226   1.00 19.15 ? 102 LYS A CA   1 
ATOM   505  C C    . LYS A 1 61  ? 0.455   -9.343  9.339   1.00 19.32 ? 102 LYS A C    1 
ATOM   506  O O    . LYS A 1 61  ? -0.282  -8.919  10.227  1.00 18.42 ? 102 LYS A O    1 
ATOM   507  C CB   . LYS A 1 61  ? 1.607   -11.406 10.313  1.00 33.27 ? 102 LYS A CB   1 
ATOM   508  C CG   . LYS A 1 61  ? 2.080   -12.839 10.009  1.00 31.28 ? 102 LYS A CG   1 
ATOM   509  C CD   . LYS A 1 61  ? 1.028   -13.897 10.390  1.00 29.35 ? 102 LYS A CD   1 
ATOM   510  C CE   . LYS A 1 61  ? -0.018  -14.031 9.280   1.00 34.02 ? 102 LYS A CE   1 
ATOM   511  N NZ   . LYS A 1 61  ? -1.210  -14.769 9.633   1.00 28.38 ? 102 LYS A NZ   1 
ATOM   512  N N    . THR A 1 62  ? 1.001   -8.538  8.434   1.00 19.43 ? 103 THR A N    1 
ATOM   513  C CA   A THR A 1 62  ? 0.754   -7.096  8.389   0.27 15.54 ? 103 THR A CA   1 
ATOM   514  C CA   B THR A 1 62  ? 0.738   -7.095  8.394   0.73 15.36 ? 103 THR A CA   1 
ATOM   515  C C    . THR A 1 62  ? 0.263   -6.734  6.992   1.00 17.28 ? 103 THR A C    1 
ATOM   516  O O    . THR A 1 62  ? 1.032   -6.220  6.171   1.00 17.24 ? 103 THR A O    1 
ATOM   517  C CB   A THR A 1 62  ? 2.030   -6.323  8.723   0.27 17.78 ? 103 THR A CB   1 
ATOM   518  C CB   B THR A 1 62  ? 1.958   -6.273  8.817   0.73 17.81 ? 103 THR A CB   1 
ATOM   519  O OG1  A THR A 1 62  ? 2.583   -6.818  9.949   0.27 18.87 ? 103 THR A OG1  1 
ATOM   520  O OG1  B THR A 1 62  ? 3.087   -6.609  8.005   0.73 24.57 ? 103 THR A OG1  1 
ATOM   521  C CG2  A THR A 1 62  ? 1.734   -4.840  8.858   0.27 19.44 ? 103 THR A CG2  1 
ATOM   522  C CG2  B THR A 1 62  ? 2.291   -6.506  10.282  0.73 19.01 ? 103 THR A CG2  1 
ATOM   523  N N    . PRO A 1 63  ? -1.005  -7.001  6.686   1.00 18.06 ? 104 PRO A N    1 
ATOM   524  C CA   . PRO A 1 63  ? -1.545  -6.646  5.366   1.00 17.25 ? 104 PRO A CA   1 
ATOM   525  C C    . PRO A 1 63  ? -1.477  -5.145  5.109   1.00 18.58 ? 104 PRO A C    1 
ATOM   526  O O    . PRO A 1 63  ? -1.535  -4.318  6.016   1.00 15.53 ? 104 PRO A O    1 
ATOM   527  C CB   . PRO A 1 63  ? -3.005  -7.117  5.427   1.00 21.64 ? 104 PRO A CB   1 
ATOM   528  C CG   . PRO A 1 63  ? -3.172  -7.824  6.718   1.00 16.76 ? 104 PRO A CG   1 
ATOM   529  C CD   . PRO A 1 63  ? -2.012  -7.578  7.594   1.00 18.83 ? 104 PRO A CD   1 
ATOM   530  N N    . MET A 1 64  ? -1.374  -4.799  3.837   1.00 13.00 ? 105 MET A N    1 
ATOM   531  C CA   . MET A 1 64  ? -1.313  -3.417  3.389   1.00 14.32 ? 105 MET A CA   1 
ATOM   532  C C    . MET A 1 64  ? -1.671  -3.309  1.925   1.00 14.27 ? 105 MET A C    1 
ATOM   533  O O    . MET A 1 64  ? -1.393  -4.218  1.136   1.00 16.52 ? 105 MET A O    1 
ATOM   534  C CB   . MET A 1 64  ? 0.030   -2.764  3.702   1.00 15.18 ? 105 MET A CB   1 
ATOM   535  C CG   . MET A 1 64  ? 0.074   -1.266  3.487   1.00 16.44 ? 105 MET A CG   1 
ATOM   536  S SD   . MET A 1 64  ? -1.213  -0.354  4.437   1.00 15.66 ? 105 MET A SD   1 
ATOM   537  C CE   . MET A 1 64  ? -0.814  -0.929  6.061   1.00 18.29 ? 105 MET A CE   1 
ATOM   538  N N    . ASP A 1 65  ? -2.299  -2.183  1.585   1.00 14.80 ? 106 ASP A N    1 
ATOM   539  C CA   . ASP A 1 65  ? -2.766  -1.922  0.228   1.00 15.06 ? 106 ASP A CA   1 
ATOM   540  C C    . ASP A 1 65  ? -2.851  -0.411  0.052   1.00 16.30 ? 106 ASP A C    1 
ATOM   541  O O    . ASP A 1 65  ? -2.859  0.345   1.028   1.00 14.83 ? 106 ASP A O    1 
ATOM   542  C CB   . ASP A 1 65  ? -4.144  -2.555  -0.004  1.00 14.96 ? 106 ASP A CB   1 
ATOM   543  C CG   . ASP A 1 65  ? -5.202  -1.935  0.884   1.00 15.57 ? 106 ASP A CG   1 
ATOM   544  O OD1  . ASP A 1 65  ? -5.269  -2.327  2.073   1.00 15.40 ? 106 ASP A OD1  1 
ATOM   545  O OD2  . ASP A 1 65  ? -5.903  -1.017  0.407   1.00 16.33 ? 106 ASP A OD2  1 
ATOM   546  N N    . MET A 1 66  ? -2.948  0.028   -1.202  1.00 14.21 ? 107 MET A N    1 
ATOM   547  C CA   . MET A 1 66  ? -2.999  1.463   -1.492  1.00 16.71 ? 107 MET A CA   1 
ATOM   548  C C    . MET A 1 66  ? -4.315  2.107   -1.069  1.00 16.37 ? 107 MET A C    1 
ATOM   549  O O    . MET A 1 66  ? -4.342  3.318   -0.839  1.00 18.62 ? 107 MET A O    1 
ATOM   550  C CB   . MET A 1 66  ? -2.812  1.704   -2.983  1.00 17.17 ? 107 MET A CB   1 
ATOM   551  C CG   . MET A 1 66  ? -1.519  1.207   -3.581  1.00 20.40 ? 107 MET A CG   1 
ATOM   552  S SD   . MET A 1 66  ? -0.921  2.243   -4.937  1.00 20.03 ? 107 MET A SD   1 
ATOM   553  C CE   . MET A 1 66  ? -2.003  1.556   -6.171  1.00 20.58 ? 107 MET A CE   1 
ATOM   554  N N    . GLY A 1 67  ? -5.421  1.358   -0.989  1.00 14.89 ? 108 GLY A N    1 
ATOM   555  C CA   . GLY A 1 67  ? -6.640  1.961   -0.470  1.00 20.29 ? 108 GLY A CA   1 
ATOM   556  C C    . GLY A 1 67  ? -6.487  2.341   0.989   1.00 17.49 ? 108 GLY A C    1 
ATOM   557  O O    . GLY A 1 67  ? -6.890  3.430   1.414   1.00 19.21 ? 108 GLY A O    1 
ATOM   558  N N    . THR A 1 68  ? -5.860  1.457   1.762   1.00 15.60 ? 109 THR A N    1 
ATOM   559  C CA   . THR A 1 68  ? -5.559  1.743   3.154   1.00 14.91 ? 109 THR A CA   1 
ATOM   560  C C    . THR A 1 68  ? -4.587  2.906   3.267   1.00 14.71 ? 109 THR A C    1 
ATOM   561  O O    . THR A 1 68  ? -4.775  3.813   4.089   1.00 15.36 ? 109 THR A O    1 
ATOM   562  C CB   . THR A 1 68  ? -4.987  0.485   3.810   1.00 13.53 ? 109 THR A CB   1 
ATOM   563  O OG1  . THR A 1 68  ? -6.001  -0.528  3.848   1.00 15.47 ? 109 THR A OG1  1 
ATOM   564  C CG2  . THR A 1 68  ? -4.544  0.811   5.250   1.00 15.32 ? 109 THR A CG2  1 
ATOM   565  N N    . ILE A 1 69  ? -3.533  2.898   2.456   1.00 14.43 ? 110 ILE A N    1 
ATOM   566  C CA   . ILE A 1 69  ? -2.571  3.991   2.480   1.00 13.80 ? 110 ILE A CA   1 
ATOM   567  C C    . ILE A 1 69  ? -3.254  5.316   2.161   1.00 17.25 ? 110 ILE A C    1 
ATOM   568  O O    . ILE A 1 69  ? -3.007  6.338   2.815   1.00 16.80 ? 110 ILE A O    1 
ATOM   569  C CB   . ILE A 1 69  ? -1.411  3.694   1.510   1.00 14.27 ? 110 ILE A CB   1 
ATOM   570  C CG1  . ILE A 1 69  ? -0.581  2.509   2.017   1.00 15.56 ? 110 ILE A CG1  1 
ATOM   571  C CG2  . ILE A 1 69  ? -0.537  4.949   1.312   1.00 17.69 ? 110 ILE A CG2  1 
ATOM   572  C CD1  . ILE A 1 69  ? 0.392   1.927   0.941   1.00 14.22 ? 110 ILE A CD1  1 
ATOM   573  N N    . LYS A 1 70  ? -4.124  5.321   1.154   1.00 15.75 ? 111 LYS A N    1 
ATOM   574  C CA   . LYS A 1 70  ? -4.827  6.536   0.763   1.00 18.23 ? 111 LYS A CA   1 
ATOM   575  C C    . LYS A 1 70  ? -5.687  7.058   1.904   1.00 17.38 ? 111 LYS A C    1 
ATOM   576  O O    . LYS A 1 70  ? -5.653  8.253   2.225   1.00 19.94 ? 111 LYS A O    1 
ATOM   577  C CB   . LYS A 1 70  ? -5.661  6.258   -0.495  1.00 19.10 ? 111 LYS A CB   1 
ATOM   578  C CG   . LYS A 1 70  ? -6.520  7.417   -0.978  1.00 23.71 ? 111 LYS A CG   1 
ATOM   579  C CD   . LYS A 1 70  ? -7.182  7.061   -2.303  1.00 28.03 ? 111 LYS A CD   1 
ATOM   580  C CE   . LYS A 1 70  ? -8.190  8.104   -2.735  1.00 36.61 ? 111 LYS A CE   1 
ATOM   581  N NZ   . LYS A 1 70  ? -9.537  7.842   -2.157  1.00 43.05 ? 111 LYS A NZ   1 
ATOM   582  N N    . LYS A 1 71  ? -6.453  6.171   2.549   1.00 17.63 ? 112 LYS A N    1 
ATOM   583  C CA   . LYS A 1 71  ? -7.261  6.591   3.694   1.00 19.89 ? 112 LYS A CA   1 
ATOM   584  C C    . LYS A 1 71  ? -6.392  7.115   4.832   1.00 18.38 ? 112 LYS A C    1 
ATOM   585  O O    . LYS A 1 71  ? -6.750  8.104   5.496   1.00 19.46 ? 112 LYS A O    1 
ATOM   586  C CB   . LYS A 1 71  ? -8.141  5.445   4.195   1.00 18.16 ? 112 LYS A CB   1 
ATOM   587  C CG   . LYS A 1 71  ? -9.312  5.077   3.307   1.00 24.15 ? 112 LYS A CG   1 
ATOM   588  C CD   . LYS A 1 71  ? -9.900  3.739   3.756   1.00 28.60 ? 112 LYS A CD   1 
ATOM   589  C CE   . LYS A 1 71  ? -10.909 3.198   2.757   1.00 33.63 ? 112 LYS A CE   1 
ATOM   590  N NZ   . LYS A 1 71  ? -12.310 3.525   3.149   1.00 41.92 ? 112 LYS A NZ   1 
ATOM   591  N N    . ARG A 1 72  ? -5.254  6.466   5.086   1.00 15.73 ? 113 ARG A N    1 
ATOM   592  C CA   . ARG A 1 72  ? -4.337  6.956   6.115   1.00 15.71 ? 113 ARG A CA   1 
ATOM   593  C C    . ARG A 1 72  ? -3.840  8.365   5.796   1.00 17.00 ? 113 ARG A C    1 
ATOM   594  O O    . ARG A 1 72  ? -3.858  9.245   6.663   1.00 16.74 ? 113 ARG A O    1 
ATOM   595  C CB   . ARG A 1 72  ? -3.173  5.979   6.301   1.00 15.95 ? 113 ARG A CB   1 
ATOM   596  C CG   . ARG A 1 72  ? -3.579  4.727   7.053   1.00 18.23 ? 113 ARG A CG   1 
ATOM   597  C CD   . ARG A 1 72  ? -2.430  3.741   7.283   1.00 15.72 ? 113 ARG A CD   1 
ATOM   598  N NE   . ARG A 1 72  ? -2.861  2.677   8.186   1.00 14.68 ? 113 ARG A NE   1 
ATOM   599  C CZ   . ARG A 1 72  ? -2.043  1.830   8.794   1.00 17.29 ? 113 ARG A CZ   1 
ATOM   600  N NH1  . ARG A 1 72  ? -0.737  1.829   8.549   1.00 17.48 ? 113 ARG A NH1  1 
ATOM   601  N NH2  . ARG A 1 72  ? -2.544  0.974   9.686   1.00 21.04 ? 113 ARG A NH2  1 
ATOM   602  N N    . LEU A 1 73  ? -3.379  8.601   4.565   1.00 17.59 ? 114 LEU A N    1 
ATOM   603  C CA   . LEU A 1 73  ? -2.944  9.945   4.190   1.00 16.51 ? 114 LEU A CA   1 
ATOM   604  C C    . LEU A 1 73  ? -4.076  10.958  4.331   1.00 19.00 ? 114 LEU A C    1 
ATOM   605  O O    . LEU A 1 73  ? -3.861  12.079  4.809   1.00 21.02 ? 114 LEU A O    1 
ATOM   606  C CB   . LEU A 1 73  ? -2.408  9.933   2.761   1.00 18.38 ? 114 LEU A CB   1 
ATOM   607  C CG   . LEU A 1 73  ? -1.033  9.301   2.559   1.00 17.01 ? 114 LEU A CG   1 
ATOM   608  C CD1  . LEU A 1 73  ? -0.796  8.969   1.080   1.00 20.65 ? 114 LEU A CD1  1 
ATOM   609  C CD2  . LEU A 1 73  ? 0.061   10.243  3.061   1.00 20.37 ? 114 LEU A CD2  1 
ATOM   610  N N    . GLU A 1 74  ? -5.296  10.576  3.952   1.00 18.78 ? 115 GLU A N    1 
ATOM   611  C CA   . GLU A 1 74  ? -6.428  11.493  4.056   1.00 23.25 ? 115 GLU A CA   1 
ATOM   612  C C    . GLU A 1 74  ? -6.768  11.821  5.507   1.00 24.56 ? 115 GLU A C    1 
ATOM   613  O O    . GLU A 1 74  ? -7.300  12.902  5.796   1.00 26.33 ? 115 GLU A O    1 
ATOM   614  C CB   . GLU A 1 74  ? -7.627  10.909  3.300   1.00 27.00 ? 115 GLU A CB   1 
ATOM   615  C CG   . GLU A 1 74  ? -7.698  11.358  1.820   1.00 28.09 ? 115 GLU A CG   1 
ATOM   616  C CD   . GLU A 1 74  ? -8.438  10.386  0.916   1.00 31.95 ? 115 GLU A CD   1 
ATOM   617  O OE1  . GLU A 1 74  ? -9.314  9.654   1.420   1.00 37.81 ? 115 GLU A OE1  1 
ATOM   618  O OE2  . GLU A 1 74  ? -8.170  10.385  -0.305  1.00 38.83 ? 115 GLU A OE2  1 
ATOM   619  N N    . ASN A 1 75  ? -6.458  10.923  6.437   1.00 20.91 ? 116 ASN A N    1 
ATOM   620  C CA   . ASN A 1 75  ? -6.694  11.154  7.857   1.00 21.74 ? 116 ASN A CA   1 
ATOM   621  C C    . ASN A 1 75  ? -5.455  11.648  8.596   1.00 20.26 ? 116 ASN A C    1 
ATOM   622  O O    . ASN A 1 75  ? -5.448  11.655  9.831   1.00 22.45 ? 116 ASN A O    1 
ATOM   623  C CB   . ASN A 1 75  ? -7.234  9.886   8.521   1.00 23.57 ? 116 ASN A CB   1 
ATOM   624  C CG   . ASN A 1 75  ? -8.663  9.566   8.113   1.00 29.87 ? 116 ASN A CG   1 
ATOM   625  O OD1  . ASN A 1 75  ? -9.369  10.414  7.564   1.00 37.78 ? 116 ASN A OD1  1 
ATOM   626  N ND2  . ASN A 1 75  ? -9.087  8.325   8.361   1.00 27.17 ? 116 ASN A ND2  1 
ATOM   627  N N    . ASN A 1 76  ? -4.409  12.042  7.877   1.00 18.72 ? 117 ASN A N    1 
ATOM   628  C CA   . ASN A 1 76  ? -3.158  12.494  8.485   1.00 17.87 ? 117 ASN A CA   1 
ATOM   629  C C    . ASN A 1 76  ? -2.610  11.467  9.472   1.00 20.62 ? 117 ASN A C    1 
ATOM   630  O O    . ASN A 1 76  ? -2.027  11.800  10.505  1.00 18.89 ? 117 ASN A O    1 
ATOM   631  C CB   . ASN A 1 76  ? -3.322  13.869  9.140   1.00 26.52 ? 117 ASN A CB   1 
ATOM   632  C CG   . ASN A 1 76  ? -4.015  14.864  8.225   1.00 30.16 ? 117 ASN A CG   1 
ATOM   633  O OD1  . ASN A 1 76  ? -3.509  15.211  7.162   1.00 29.27 ? 117 ASN A OD1  1 
ATOM   634  N ND2  . ASN A 1 76  ? -5.194  15.318  8.639   1.00 38.47 ? 117 ASN A ND2  1 
ATOM   635  N N    . TYR A 1 77  ? -2.795  10.190  9.143   1.00 18.82 ? 118 TYR A N    1 
ATOM   636  C CA   . TYR A 1 77  ? -2.400  9.112   10.039  1.00 18.12 ? 118 TYR A CA   1 
ATOM   637  C C    . TYR A 1 77  ? -0.880  9.016   10.157  1.00 19.56 ? 118 TYR A C    1 
ATOM   638  O O    . TYR A 1 77  ? -0.361  8.562   11.187  1.00 18.14 ? 118 TYR A O    1 
ATOM   639  C CB   . TYR A 1 77  ? -3.010  7.818   9.474   1.00 16.19 ? 118 TYR A CB   1 
ATOM   640  C CG   . TYR A 1 77  ? -2.909  6.582   10.340  1.00 15.77 ? 118 TYR A CG   1 
ATOM   641  C CD1  . TYR A 1 77  ? -3.943  6.270   11.228  1.00 15.58 ? 118 TYR A CD1  1 
ATOM   642  C CD2  . TYR A 1 77  ? -1.829  5.704   10.252  1.00 17.40 ? 118 TYR A CD2  1 
ATOM   643  C CE1  . TYR A 1 77  ? -3.894  5.152   12.017  1.00 20.60 ? 118 TYR A CE1  1 
ATOM   644  C CE2  . TYR A 1 77  ? -1.777  4.565   11.047  1.00 19.64 ? 118 TYR A CE2  1 
ATOM   645  C CZ   . TYR A 1 77  ? -2.811  4.307   11.931  1.00 19.61 ? 118 TYR A CZ   1 
ATOM   646  O OH   . TYR A 1 77  ? -2.802  3.188   12.725  1.00 22.96 ? 118 TYR A OH   1 
ATOM   647  N N    . TYR A 1 78  ? -0.146  9.453   9.136   1.00 15.91 ? 119 TYR A N    1 
ATOM   648  C CA   . TYR A 1 78  ? 1.305   9.326   9.138   1.00 16.50 ? 119 TYR A CA   1 
ATOM   649  C C    . TYR A 1 78  ? 1.946   10.605  9.662   1.00 17.44 ? 119 TYR A C    1 
ATOM   650  O O    . TYR A 1 78  ? 1.591   11.704  9.227   1.00 22.77 ? 119 TYR A O    1 
ATOM   651  C CB   . TYR A 1 78  ? 1.835   9.060   7.734   1.00 17.36 ? 119 TYR A CB   1 
ATOM   652  C CG   . TYR A 1 78  ? 1.274   7.832   7.073   1.00 15.66 ? 119 TYR A CG   1 
ATOM   653  C CD1  . TYR A 1 78  ? 1.570   6.568   7.560   1.00 15.80 ? 119 TYR A CD1  1 
ATOM   654  C CD2  . TYR A 1 78  ? 0.542   7.934   5.893   1.00 14.98 ? 119 TYR A CD2  1 
ATOM   655  C CE1  . TYR A 1 78  ? 1.100   5.424   6.921   1.00 14.75 ? 119 TYR A CE1  1 
ATOM   656  C CE2  . TYR A 1 78  ? 0.079   6.805   5.241   1.00 14.46 ? 119 TYR A CE2  1 
ATOM   657  C CZ   . TYR A 1 78  ? 0.362   5.555   5.756   1.00 15.45 ? 119 TYR A CZ   1 
ATOM   658  O OH   . TYR A 1 78  ? -0.109  4.444   5.097   1.00 17.67 ? 119 TYR A OH   1 
ATOM   659  N N    . TRP A 1 79  ? 2.900   10.453  10.581  1.00 15.23 ? 120 TRP A N    1 
ATOM   660  C CA   . TRP A 1 79  ? 3.636   11.611  11.084  1.00 15.77 ? 120 TRP A CA   1 
ATOM   661  C C    . TRP A 1 79  ? 4.625   12.129  10.048  1.00 19.45 ? 120 TRP A C    1 
ATOM   662  O O    . TRP A 1 79  ? 4.870   13.341  9.959   1.00 17.54 ? 120 TRP A O    1 
ATOM   663  C CB   . TRP A 1 79  ? 4.393   11.211  12.349  1.00 16.86 ? 120 TRP A CB   1 
ATOM   664  C CG   . TRP A 1 79  ? 5.154   12.353  12.920  1.00 16.80 ? 120 TRP A CG   1 
ATOM   665  C CD1  . TRP A 1 79  ? 6.510   12.519  12.917  1.00 17.55 ? 120 TRP A CD1  1 
ATOM   666  C CD2  . TRP A 1 79  ? 4.609   13.471  13.629  1.00 15.04 ? 120 TRP A CD2  1 
ATOM   667  N NE1  . TRP A 1 79  ? 6.842   13.697  13.556  1.00 17.51 ? 120 TRP A NE1  1 
ATOM   668  C CE2  . TRP A 1 79  ? 5.688   14.296  13.995  1.00 14.53 ? 120 TRP A CE2  1 
ATOM   669  C CE3  . TRP A 1 79  ? 3.308   13.862  13.973  1.00 14.74 ? 120 TRP A CE3  1 
ATOM   670  C CZ2  . TRP A 1 79  ? 5.504   15.482  14.702  1.00 15.74 ? 120 TRP A CZ2  1 
ATOM   671  C CZ3  . TRP A 1 79  ? 3.133   15.034  14.673  1.00 17.21 ? 120 TRP A CZ3  1 
ATOM   672  C CH2  . TRP A 1 79  ? 4.220   15.831  15.023  1.00 17.48 ? 120 TRP A CH2  1 
ATOM   673  N N    . ASN A 1 80  ? 5.226   11.229  9.274   1.00 16.45 ? 121 ASN A N    1 
ATOM   674  C CA   . ASN A 1 80  ? 6.252   11.626  8.324   1.00 14.19 ? 121 ASN A CA   1 
ATOM   675  C C    . ASN A 1 80  ? 6.188   10.730  7.097   1.00 15.93 ? 121 ASN A C    1 
ATOM   676  O O    . ASN A 1 80  ? 5.456   9.730   7.051   1.00 15.59 ? 121 ASN A O    1 
ATOM   677  C CB   . ASN A 1 80  ? 7.644   11.644  8.955   1.00 14.46 ? 121 ASN A CB   1 
ATOM   678  C CG   . ASN A 1 80  ? 8.062   10.309  9.496   1.00 19.22 ? 121 ASN A CG   1 
ATOM   679  O OD1  . ASN A 1 80  ? 7.651   9.267   8.988   1.00 18.21 ? 121 ASN A OD1  1 
ATOM   680  N ND2  . ASN A 1 80  ? 8.945   10.319  10.480  1.00 19.42 ? 121 ASN A ND2  1 
ATOM   681  N N    . ALA A 1 81  ? 6.982   11.111  6.096   1.00 15.67 ? 122 ALA A N    1 
ATOM   682  C CA   . ALA A 1 81  ? 6.998   10.377  4.839   1.00 16.47 ? 122 ALA A CA   1 
ATOM   683  C C    . ALA A 1 81  ? 7.501   8.957   5.033   1.00 16.37 ? 122 ALA A C    1 
ATOM   684  O O    . ALA A 1 81  ? 7.031   8.030   4.363   1.00 16.08 ? 122 ALA A O    1 
ATOM   685  C CB   . ALA A 1 81  ? 7.875   11.112  3.831   1.00 19.35 ? 122 ALA A CB   1 
ATOM   686  N N    . GLN A 1 82  ? 8.467   8.764   5.925   1.00 16.52 ? 123 GLN A N    1 
ATOM   687  C CA   . GLN A 1 82  ? 9.019   7.433   6.146   1.00 16.23 ? 123 GLN A CA   1 
ATOM   688  C C    . GLN A 1 82  ? 7.946   6.441   6.562   1.00 15.97 ? 123 GLN A C    1 
ATOM   689  O O    . GLN A 1 82  ? 7.969   5.278   6.142   1.00 17.67 ? 123 GLN A O    1 
ATOM   690  C CB   . GLN A 1 82  ? 10.117  7.502   7.204   1.00 21.04 ? 123 GLN A CB   1 
ATOM   691  C CG   . GLN A 1 82  ? 10.955  6.234   7.323   1.00 30.65 ? 123 GLN A CG   1 
ATOM   692  N N    . GLU A 1 83  ? 7.021   6.867   7.425   1.00 15.87 ? 124 GLU A N    1 
ATOM   693  C CA   . GLU A 1 83  ? 5.959   5.961   7.844   1.00 15.72 ? 124 GLU A CA   1 
ATOM   694  C C    . GLU A 1 83  ? 5.080   5.546   6.668   1.00 15.16 ? 124 GLU A C    1 
ATOM   695  O O    . GLU A 1 83  ? 4.616   4.395   6.590   1.00 14.78 ? 124 GLU A O    1 
ATOM   696  C CB   . GLU A 1 83  ? 5.117   6.555   8.970   1.00 17.50 ? 124 GLU A CB   1 
ATOM   697  C CG   . GLU A 1 83  ? 5.740   6.528   10.343  1.00 19.26 ? 124 GLU A CG   1 
ATOM   698  C CD   . GLU A 1 83  ? 4.814   7.160   11.360  1.00 18.98 ? 124 GLU A CD   1 
ATOM   699  O OE1  . GLU A 1 83  ? 5.102   6.962   12.559  1.00 18.16 ? 124 GLU A OE1  1 
ATOM   700  O OE2  . GLU A 1 83  ? 3.776   7.775   10.997  1.00 17.37 ? 124 GLU A OE2  1 
ATOM   701  N N    . CYS A 1 84  ? 4.803   6.485   5.768   1.00 13.09 ? 125 CYS A N    1 
ATOM   702  C CA   . CYS A 1 84  ? 3.978   6.163   4.613   1.00 15.06 ? 125 CYS A CA   1 
ATOM   703  C C    . CYS A 1 84  ? 4.743   5.269   3.644   1.00 13.97 ? 125 CYS A C    1 
ATOM   704  O O    . CYS A 1 84  ? 4.204   4.270   3.145   1.00 15.75 ? 125 CYS A O    1 
ATOM   705  C CB   . CYS A 1 84  ? 3.540   7.465   3.949   1.00 16.63 ? 125 CYS A CB   1 
ATOM   706  S SG   . CYS A 1 84  ? 2.711   7.235   2.375   1.00 17.83 ? 125 CYS A SG   1 
ATOM   707  N N    . ILE A 1 85  ? 6.016   5.595   3.400   1.00 14.58 ? 126 ILE A N    1 
ATOM   708  C CA   . ILE A 1 85  ? 6.867   4.780   2.531   1.00 13.63 ? 126 ILE A CA   1 
ATOM   709  C C    . ILE A 1 85  ? 6.986   3.359   3.069   1.00 13.79 ? 126 ILE A C    1 
ATOM   710  O O    . ILE A 1 85  ? 6.983   2.380   2.304   1.00 15.25 ? 126 ILE A O    1 
ATOM   711  C CB   . ILE A 1 85  ? 8.233   5.472   2.360   1.00 14.46 ? 126 ILE A CB   1 
ATOM   712  C CG1  . ILE A 1 85  ? 8.072   6.712   1.471   1.00 17.49 ? 126 ILE A CG1  1 
ATOM   713  C CG2  . ILE A 1 85  ? 9.290   4.509   1.798   1.00 17.50 ? 126 ILE A CG2  1 
ATOM   714  C CD1  . ILE A 1 85  ? 9.158   7.727   1.617   1.00 19.49 ? 126 ILE A CD1  1 
ATOM   715  N N    . GLN A 1 86  ? 7.074   3.217   4.393   1.00 15.73 ? 127 GLN A N    1 
ATOM   716  C CA   . GLN A 1 86  ? 7.112   1.896   4.999   1.00 16.70 ? 127 GLN A CA   1 
ATOM   717  C C    . GLN A 1 86  ? 5.874   1.086   4.644   1.00 14.54 ? 127 GLN A C    1 
ATOM   718  O O    . GLN A 1 86  ? 5.972   -0.126  4.395   1.00 16.72 ? 127 GLN A O    1 
ATOM   719  C CB   . GLN A 1 86  ? 7.232   2.046   6.514   1.00 19.78 ? 127 GLN A CB   1 
ATOM   720  C CG   . GLN A 1 86  ? 7.355   0.735   7.273   1.00 31.55 ? 127 GLN A CG   1 
ATOM   721  C CD   . GLN A 1 86  ? 7.329   0.932   8.783   1.00 44.51 ? 127 GLN A CD   1 
ATOM   722  O OE1  . GLN A 1 86  ? 7.499   2.050   9.286   1.00 44.34 ? 127 GLN A OE1  1 
ATOM   723  N NE2  . GLN A 1 86  ? 7.093   -0.157  9.515   1.00 51.73 ? 127 GLN A NE2  1 
ATOM   724  N N    . ASP A 1 87  ? 4.704   1.730   4.576   1.00 14.04 ? 128 ASP A N    1 
ATOM   725  C CA   . ASP A 1 87  ? 3.499   0.973   4.236   1.00 16.06 ? 128 ASP A CA   1 
ATOM   726  C C    . ASP A 1 87  ? 3.507   0.544   2.776   1.00 13.63 ? 128 ASP A C    1 
ATOM   727  O O    . ASP A 1 87  ? 3.050   -0.559  2.457   1.00 14.51 ? 128 ASP A O    1 
ATOM   728  C CB   . ASP A 1 87  ? 2.212   1.749   4.536   1.00 14.37 ? 128 ASP A CB   1 
ATOM   729  C CG   . ASP A 1 87  ? 1.820   1.724   6.004   1.00 17.34 ? 128 ASP A CG   1 
ATOM   730  O OD1  . ASP A 1 87  ? 2.444   0.974   6.784   1.00 17.46 ? 128 ASP A OD1  1 
ATOM   731  O OD2  . ASP A 1 87  ? 0.838   2.419   6.337   1.00 18.05 ? 128 ASP A OD2  1 
ATOM   732  N N    . PHE A 1 88  ? 3.982   1.407   1.870   1.00 14.51 ? 129 PHE A N    1 
ATOM   733  C CA   . PHE A 1 88  ? 4.131   0.975   0.481   1.00 13.06 ? 129 PHE A CA   1 
ATOM   734  C C    . PHE A 1 88  ? 5.055   -0.232  0.391   1.00 14.94 ? 129 PHE A C    1 
ATOM   735  O O    . PHE A 1 88  ? 4.752   -1.200  -0.323  1.00 14.41 ? 129 PHE A O    1 
ATOM   736  C CB   . PHE A 1 88  ? 4.704   2.105   -0.376  1.00 13.87 ? 129 PHE A CB   1 
ATOM   737  C CG   . PHE A 1 88  ? 3.675   3.064   -0.912  1.00 14.55 ? 129 PHE A CG   1 
ATOM   738  C CD1  . PHE A 1 88  ? 2.953   2.788   -2.062  1.00 16.28 ? 129 PHE A CD1  1 
ATOM   739  C CD2  . PHE A 1 88  ? 3.447   4.267   -0.264  1.00 14.94 ? 129 PHE A CD2  1 
ATOM   740  C CE1  . PHE A 1 88  ? 2.018   3.691   -2.546  1.00 16.79 ? 129 PHE A CE1  1 
ATOM   741  C CE2  . PHE A 1 88  ? 2.520   5.167   -0.748  1.00 18.39 ? 129 PHE A CE2  1 
ATOM   742  C CZ   . PHE A 1 88  ? 1.809   4.883   -1.886  1.00 19.13 ? 129 PHE A CZ   1 
ATOM   743  N N    . ASN A 1 89  ? 6.179   -0.204  1.120   1.00 16.27 ? 130 ASN A N    1 
ATOM   744  C CA   . ASN A 1 89  ? 7.136   -1.306  1.062   1.00 16.49 ? 130 ASN A CA   1 
ATOM   745  C C    . ASN A 1 89  ? 6.561   -2.580  1.678   1.00 16.21 ? 130 ASN A C    1 
ATOM   746  O O    . ASN A 1 89  ? 6.837   -3.685  1.187   1.00 17.07 ? 130 ASN A O    1 
ATOM   747  C CB   . ASN A 1 89  ? 8.458   -0.895  1.711   1.00 16.60 ? 130 ASN A CB   1 
ATOM   748  C CG   . ASN A 1 89  ? 9.323   -0.089  0.765   1.00 23.86 ? 130 ASN A CG   1 
ATOM   749  O OD1  . ASN A 1 89  ? 9.365   -0.361  -0.433  1.00 30.44 ? 130 ASN A OD1  1 
ATOM   750  N ND2  . ASN A 1 89  ? 9.989   0.917   1.287   1.00 27.05 ? 130 ASN A ND2  1 
ATOM   751  N N    . THR A 1 90  ? 5.751   -2.450  2.739   1.00 16.18 ? 131 THR A N    1 
ATOM   752  C CA   . THR A 1 90  ? 5.053   -3.607  3.286   1.00 15.68 ? 131 THR A CA   1 
ATOM   753  C C    . THR A 1 90  ? 4.108   -4.209  2.254   1.00 14.60 ? 131 THR A C    1 
ATOM   754  O O    . THR A 1 90  ? 4.042   -5.435  2.097   1.00 15.38 ? 131 THR A O    1 
ATOM   755  C CB   . THR A 1 90  ? 4.296   -3.198  4.548   1.00 14.20 ? 131 THR A CB   1 
ATOM   756  O OG1  . THR A 1 90  ? 5.242   -2.806  5.554   1.00 18.00 ? 131 THR A OG1  1 
ATOM   757  C CG2  . THR A 1 90  ? 3.451   -4.349  5.044   1.00 18.42 ? 131 THR A CG2  1 
ATOM   758  N N    . MET A 1 91  ? 3.404   -3.359  1.512   1.00 15.50 ? 132 MET A N    1 
ATOM   759  C CA   . MET A 1 91  ? 2.487   -3.831  0.478   1.00 16.93 ? 132 MET A CA   1 
ATOM   760  C C    . MET A 1 91  ? 3.218   -4.640  -0.595  1.00 13.77 ? 132 MET A C    1 
ATOM   761  O O    . MET A 1 91  ? 2.764   -5.719  -1.003  1.00 15.42 ? 132 MET A O    1 
ATOM   762  C CB   . MET A 1 91  ? 1.786   -2.617  -0.135  1.00 15.27 ? 132 MET A CB   1 
ATOM   763  C CG   . MET A 1 91  ? 0.761   -2.982  -1.185  1.00 15.90 ? 132 MET A CG   1 
ATOM   764  S SD   . MET A 1 91  ? 0.111   -1.588  -2.104  1.00 15.84 ? 132 MET A SD   1 
ATOM   765  C CE   . MET A 1 91  ? 1.606   -0.946  -2.837  1.00 21.15 ? 132 MET A CE   1 
ATOM   766  N N    . PHE A 1 92  ? 4.340   -4.122  -1.089  1.00 14.73 ? 133 PHE A N    1 
ATOM   767  C CA   . PHE A 1 92  ? 5.094   -4.859  -2.100  1.00 15.13 ? 133 PHE A CA   1 
ATOM   768  C C    . PHE A 1 92  ? 5.695   -6.132  -1.511  1.00 12.52 ? 133 PHE A C    1 
ATOM   769  O O    . PHE A 1 92  ? 5.594   -7.213  -2.109  1.00 15.17 ? 133 PHE A O    1 
ATOM   770  C CB   . PHE A 1 92  ? 6.181   -3.952  -2.665  1.00 15.69 ? 133 PHE A CB   1 
ATOM   771  C CG   . PHE A 1 92  ? 5.652   -2.773  -3.418  1.00 14.81 ? 133 PHE A CG   1 
ATOM   772  C CD1  . PHE A 1 92  ? 4.741   -2.933  -4.444  1.00 20.04 ? 133 PHE A CD1  1 
ATOM   773  C CD2  . PHE A 1 92  ? 6.083   -1.492  -3.104  1.00 16.52 ? 133 PHE A CD2  1 
ATOM   774  C CE1  . PHE A 1 92  ? 4.264   -1.836  -5.146  1.00 18.87 ? 133 PHE A CE1  1 
ATOM   775  C CE2  . PHE A 1 92  ? 5.597   -0.401  -3.799  1.00 17.94 ? 133 PHE A CE2  1 
ATOM   776  C CZ   . PHE A 1 92  ? 4.689   -0.573  -4.810  1.00 16.87 ? 133 PHE A CZ   1 
ATOM   777  N N    . THR A 1 93  ? 6.298   -6.032  -0.326  1.00 15.35 ? 134 THR A N    1 
ATOM   778  C CA   . THR A 1 93  ? 6.916   -7.195  0.308   1.00 16.52 ? 134 THR A CA   1 
ATOM   779  C C    . THR A 1 93  ? 5.894   -8.298  0.590   1.00 16.20 ? 134 THR A C    1 
ATOM   780  O O    . THR A 1 93  ? 6.195   -9.488  0.418   1.00 15.85 ? 134 THR A O    1 
ATOM   781  C CB   . THR A 1 93  ? 7.669   -6.763  1.577   1.00 25.76 ? 134 THR A CB   1 
ATOM   782  O OG1  . THR A 1 93  ? 8.753   -5.885  1.220   1.00 27.89 ? 134 THR A OG1  1 
ATOM   783  C CG2  . THR A 1 93  ? 8.234   -7.968  2.311   1.00 33.49 ? 134 THR A CG2  1 
ATOM   784  N N    . ASN A 1 94  ? 4.682   -7.934  1.030   1.00 15.19 ? 135 ASN A N    1 
ATOM   785  C CA   . ASN A 1 94  ? 3.662   -8.961  1.234   1.00 15.80 ? 135 ASN A CA   1 
ATOM   786  C C    . ASN A 1 94  ? 3.411   -9.740  -0.044  1.00 14.76 ? 135 ASN A C    1 
ATOM   787  O O    . ASN A 1 94  ? 3.249   -10.963 -0.015  1.00 15.39 ? 135 ASN A O    1 
ATOM   788  C CB   . ASN A 1 94  ? 2.331   -8.357  1.690   1.00 14.59 ? 135 ASN A CB   1 
ATOM   789  C CG   . ASN A 1 94  ? 2.378   -7.847  3.091   1.00 14.53 ? 135 ASN A CG   1 
ATOM   790  O OD1  . ASN A 1 94  ? 3.288   -8.171  3.849   1.00 16.05 ? 135 ASN A OD1  1 
ATOM   791  N ND2  . ASN A 1 94  ? 1.383   -7.060  3.458   1.00 15.64 ? 135 ASN A ND2  1 
ATOM   792  N N    . CYS A 1 95  ? 3.332   -9.037  -1.172  1.00 14.58 ? 136 CYS A N    1 
ATOM   793  C CA   . CYS A 1 95  ? 3.099   -9.703  -2.446  1.00 13.93 ? 136 CYS A CA   1 
ATOM   794  C C    . CYS A 1 95  ? 4.231   -10.662 -2.779  1.00 16.40 ? 136 CYS A C    1 
ATOM   795  O O    . CYS A 1 95  ? 3.986   -11.779 -3.253  1.00 14.97 ? 136 CYS A O    1 
ATOM   796  C CB   . CYS A 1 95  ? 2.924   -8.638  -3.516  1.00 14.39 ? 136 CYS A CB   1 
ATOM   797  S SG   . CYS A 1 95  ? 2.353   -9.255  -5.108  1.00 17.68 ? 136 CYS A SG   1 
ATOM   798  N N    . TYR A 1 96  ? 5.483   -10.252 -2.535  1.00 16.34 ? 137 TYR A N    1 
ATOM   799  C CA   . TYR A 1 96  ? 6.610   -11.124 -2.881  1.00 17.30 ? 137 TYR A CA   1 
ATOM   800  C C    . TYR A 1 96  ? 6.741   -12.294 -1.908  1.00 17.74 ? 137 TYR A C    1 
ATOM   801  O O    . TYR A 1 96  ? 7.226   -13.365 -2.296  1.00 19.89 ? 137 TYR A O    1 
ATOM   802  C CB   . TYR A 1 96  ? 7.915   -10.324 -2.935  1.00 18.01 ? 137 TYR A CB   1 
ATOM   803  C CG   . TYR A 1 96  ? 7.851   -9.099  -3.817  1.00 17.29 ? 137 TYR A CG   1 
ATOM   804  C CD1  . TYR A 1 96  ? 7.092   -9.093  -4.984  1.00 18.09 ? 137 TYR A CD1  1 
ATOM   805  C CD2  . TYR A 1 96  ? 8.523   -7.924  -3.464  1.00 17.28 ? 137 TYR A CD2  1 
ATOM   806  C CE1  . TYR A 1 96  ? 7.024   -7.970  -5.786  1.00 17.52 ? 137 TYR A CE1  1 
ATOM   807  C CE2  . TYR A 1 96  ? 8.443   -6.786  -4.254  1.00 16.90 ? 137 TYR A CE2  1 
ATOM   808  C CZ   . TYR A 1 96  ? 7.690   -6.815  -5.410  1.00 16.18 ? 137 TYR A CZ   1 
ATOM   809  O OH   . TYR A 1 96  ? 7.611   -5.716  -6.229  1.00 20.26 ? 137 TYR A OH   1 
ATOM   810  N N    . ILE A 1 97  ? 6.288   -12.129 -0.663  1.00 17.29 ? 138 ILE A N    1 
ATOM   811  C CA   . ILE A 1 97  ? 6.275   -13.237 0.293   1.00 16.51 ? 138 ILE A CA   1 
ATOM   812  C C    . ILE A 1 97  ? 5.281   -14.304 -0.142  1.00 17.44 ? 138 ILE A C    1 
ATOM   813  O O    . ILE A 1 97  ? 5.634   -15.482 -0.280  1.00 19.04 ? 138 ILE A O    1 
ATOM   814  C CB   . ILE A 1 97  ? 5.975   -12.734 1.715   1.00 19.36 ? 138 ILE A CB   1 
ATOM   815  C CG1  . ILE A 1 97  ? 7.154   -11.926 2.259   1.00 20.73 ? 138 ILE A CG1  1 
ATOM   816  C CG2  . ILE A 1 97  ? 5.676   -13.903 2.643   1.00 21.25 ? 138 ILE A CG2  1 
ATOM   817  C CD1  . ILE A 1 97  ? 6.808   -11.181 3.580   1.00 25.98 ? 138 ILE A CD1  1 
ATOM   818  N N    . TYR A 1 98  ? 4.036   -13.901 -0.401  1.00 16.64 ? 139 TYR A N    1 
ATOM   819  C CA   . TYR A 1 98  ? 2.973   -14.869 -0.622  1.00 14.74 ? 139 TYR A CA   1 
ATOM   820  C C    . TYR A 1 98  ? 3.109   -15.536 -1.991  1.00 14.28 ? 139 TYR A C    1 
ATOM   821  O O    . TYR A 1 98  ? 2.790   -16.722 -2.143  1.00 16.31 ? 139 TYR A O    1 
ATOM   822  C CB   . TYR A 1 98  ? 1.600   -14.189 -0.468  1.00 18.05 ? 139 TYR A CB   1 
ATOM   823  C CG   . TYR A 1 98  ? 0.458   -15.165 -0.676  1.00 16.31 ? 139 TYR A CG   1 
ATOM   824  C CD1  . TYR A 1 98  ? 0.089   -16.052 0.335   1.00 15.90 ? 139 TYR A CD1  1 
ATOM   825  C CD2  . TYR A 1 98  ? -0.204  -15.255 -1.904  1.00 14.89 ? 139 TYR A CD2  1 
ATOM   826  C CE1  . TYR A 1 98  ? -0.954  -16.966 0.147   1.00 17.58 ? 139 TYR A CE1  1 
ATOM   827  C CE2  . TYR A 1 98  ? -1.222  -16.172 -2.104  1.00 18.14 ? 139 TYR A CE2  1 
ATOM   828  C CZ   . TYR A 1 98  ? -1.587  -17.022 -1.083  1.00 18.59 ? 139 TYR A CZ   1 
ATOM   829  O OH   . TYR A 1 98  ? -2.599  -17.927 -1.332  1.00 18.74 ? 139 TYR A OH   1 
ATOM   830  N N    . ASN A 1 99  ? 3.581   -14.802 -2.997  1.00 16.33 ? 140 ASN A N    1 
ATOM   831  C CA   . ASN A 1 99  ? 3.643   -15.306 -4.363  1.00 16.89 ? 140 ASN A CA   1 
ATOM   832  C C    . ASN A 1 99  ? 5.093   -15.631 -4.724  1.00 17.11 ? 140 ASN A C    1 
ATOM   833  O O    . ASN A 1 99  ? 5.988   -15.588 -3.871  1.00 21.35 ? 140 ASN A O    1 
ATOM   834  C CB   . ASN A 1 99  ? 2.987   -14.287 -5.298  1.00 18.51 ? 140 ASN A CB   1 
ATOM   835  C CG   . ASN A 1 99  ? 1.579   -13.932 -4.860  1.00 17.59 ? 140 ASN A CG   1 
ATOM   836  O OD1  . ASN A 1 99  ? 0.640   -14.685 -5.121  1.00 17.82 ? 140 ASN A OD1  1 
ATOM   837  N ND2  . ASN A 1 99  ? 1.427   -12.799 -4.174  1.00 15.64 ? 140 ASN A ND2  1 
ATOM   838  N N    . LYS A 1 100 ? 5.320   -15.953 -5.994  1.00 21.19 ? 141 LYS A N    1 
ATOM   839  C CA   . LYS A 1 100 ? 6.619   -16.387 -6.482  1.00 21.02 ? 141 LYS A CA   1 
ATOM   840  C C    . LYS A 1 100 ? 6.996   -15.603 -7.728  1.00 21.49 ? 141 LYS A C    1 
ATOM   841  O O    . LYS A 1 100 ? 6.120   -15.111 -8.456  1.00 18.16 ? 141 LYS A O    1 
ATOM   842  C CB   . LYS A 1 100 ? 6.607   -17.883 -6.844  1.00 22.76 ? 141 LYS A CB   1 
ATOM   843  C CG   . LYS A 1 100 ? 6.505   -18.822 -5.644  1.00 23.13 ? 141 LYS A CG   1 
ATOM   844  C CD   . LYS A 1 100 ? 6.100   -20.207 -6.098  1.00 24.48 ? 141 LYS A CD   1 
ATOM   845  C CE   . LYS A 1 100 ? 5.549   -21.059 -4.958  1.00 29.53 ? 141 LYS A CE   1 
ATOM   846  N NZ   . LYS A 1 100 ? 4.154   -20.675 -4.586  1.00 21.00 ? 141 LYS A NZ   1 
ATOM   847  N N    . PRO A 1 101 ? 8.296   -15.479 -8.003  1.00 19.97 ? 142 PRO A N    1 
ATOM   848  C CA   . PRO A 1 101 ? 8.737   -14.778 -9.217  1.00 20.80 ? 142 PRO A CA   1 
ATOM   849  C C    . PRO A 1 101 ? 8.059   -15.347 -10.449 1.00 20.59 ? 142 PRO A C    1 
ATOM   850  O O    . PRO A 1 101 ? 7.884   -16.557 -10.578 1.00 23.91 ? 142 PRO A O    1 
ATOM   851  C CB   . PRO A 1 101 ? 10.252  -15.016 -9.233  1.00 25.12 ? 142 PRO A CB   1 
ATOM   852  C CG   . PRO A 1 101 ? 10.601  -15.161 -7.786  1.00 22.51 ? 142 PRO A CG   1 
ATOM   853  C CD   . PRO A 1 101 ? 9.426   -15.880 -7.147  1.00 18.93 ? 142 PRO A CD   1 
ATOM   854  N N    . GLY A 1 102 ? 7.628   -14.452 -11.335 1.00 26.19 ? 143 GLY A N    1 
ATOM   855  C CA   . GLY A 1 102 ? 6.945   -14.842 -12.542 1.00 28.00 ? 143 GLY A CA   1 
ATOM   856  C C    . GLY A 1 102 ? 5.437   -14.876 -12.447 1.00 27.01 ? 143 GLY A C    1 
ATOM   857  O O    . GLY A 1 102 ? 4.770   -14.889 -13.488 1.00 30.27 ? 143 GLY A O    1 
ATOM   858  N N    . ASP A 1 103 ? 4.872   -14.917 -11.238 1.00 20.30 ? 144 ASP A N    1 
ATOM   859  C CA   . ASP A 1 103 ? 3.424   -14.838 -11.115 1.00 20.18 ? 144 ASP A CA   1 
ATOM   860  C C    . ASP A 1 103 ? 2.953   -13.500 -11.664 1.00 20.02 ? 144 ASP A C    1 
ATOM   861  O O    . ASP A 1 103 ? 3.630   -12.481 -11.506 1.00 17.52 ? 144 ASP A O    1 
ATOM   862  C CB   . ASP A 1 103 ? 3.042   -14.933 -9.641  1.00 20.70 ? 144 ASP A CB   1 
ATOM   863  C CG   . ASP A 1 103 ? 3.156   -16.339 -9.078  1.00 24.06 ? 144 ASP A CG   1 
ATOM   864  O OD1  . ASP A 1 103 ? 3.352   -17.302 -9.860  1.00 28.37 ? 144 ASP A OD1  1 
ATOM   865  O OD2  . ASP A 1 103 ? 3.059   -16.489 -7.837  1.00 19.16 ? 144 ASP A OD2  1 
ATOM   866  N N    . ASP A 1 104 ? 1.776   -13.495 -12.289 1.00 17.32 ? 145 ASP A N    1 
ATOM   867  C CA   . ASP A 1 104 ? 1.227   -12.247 -12.817 1.00 20.46 ? 145 ASP A CA   1 
ATOM   868  C C    . ASP A 1 104 ? 1.207   -11.152 -11.752 1.00 17.21 ? 145 ASP A C    1 
ATOM   869  O O    . ASP A 1 104 ? 1.609   -10.007 -12.000 1.00 17.27 ? 145 ASP A O    1 
ATOM   870  C CB   . ASP A 1 104 ? -0.177  -12.509 -13.358 1.00 21.62 ? 145 ASP A CB   1 
ATOM   871  C CG   . ASP A 1 104 ? -0.170  -12.921 -14.812 1.00 28.13 ? 145 ASP A CG   1 
ATOM   872  O OD1  . ASP A 1 104 ? 0.804   -13.592 -15.230 1.00 30.38 ? 145 ASP A OD1  1 
ATOM   873  O OD2  . ASP A 1 104 ? -1.184  -12.659 -15.500 1.00 28.87 ? 145 ASP A OD2  1 
ATOM   874  N N    . ILE A 1 105 ? 0.721   -11.482 -10.556 1.00 18.38 ? 146 ILE A N    1 
ATOM   875  C CA   . ILE A 1 105 ? 0.611   -10.448 -9.538  1.00 18.19 ? 146 ILE A CA   1 
ATOM   876  C C    . ILE A 1 105 ? 1.986   -9.914  -9.139  1.00 16.28 ? 146 ILE A C    1 
ATOM   877  O O    . ILE A 1 105 ? 2.120   -8.744  -8.759  1.00 17.45 ? 146 ILE A O    1 
ATOM   878  C CB   . ILE A 1 105 ? -0.198  -10.985 -8.344  1.00 14.19 ? 146 ILE A CB   1 
ATOM   879  C CG1  . ILE A 1 105 ? -0.533  -9.861  -7.363  1.00 17.14 ? 146 ILE A CG1  1 
ATOM   880  C CG2  . ILE A 1 105 ? 0.592   -12.042 -7.597  1.00 17.00 ? 146 ILE A CG2  1 
ATOM   881  C CD1  . ILE A 1 105 ? -1.566  -8.889  -7.889  1.00 16.02 ? 146 ILE A CD1  1 
ATOM   882  N N    . VAL A 1 106 ? 3.020   -10.756 -9.192  1.00 17.55 ? 147 VAL A N    1 
ATOM   883  C CA   . VAL A 1 106 ? 4.371   -10.294 -8.876  1.00 17.75 ? 147 VAL A CA   1 
ATOM   884  C C    . VAL A 1 106 ? 4.901   -9.364  -9.962  1.00 18.68 ? 147 VAL A C    1 
ATOM   885  O O    . VAL A 1 106 ? 5.561   -8.358  -9.666  1.00 18.22 ? 147 VAL A O    1 
ATOM   886  C CB   . VAL A 1 106 ? 5.292   -11.499 -8.608  1.00 15.43 ? 147 VAL A CB   1 
ATOM   887  C CG1  . VAL A 1 106 ? 6.744   -11.058 -8.519  1.00 17.72 ? 147 VAL A CG1  1 
ATOM   888  C CG2  . VAL A 1 106 ? 4.874   -12.197 -7.334  1.00 19.79 ? 147 VAL A CG2  1 
ATOM   889  N N    . LEU A 1 107 ? 4.640   -9.685  -11.239 1.00 17.91 ? 148 LEU A N    1 
ATOM   890  C CA   . LEU A 1 107 ? 4.998   -8.753  -12.304 1.00 19.10 ? 148 LEU A CA   1 
ATOM   891  C C    . LEU A 1 107 ? 4.341   -7.401  -12.093 1.00 18.43 ? 148 LEU A C    1 
ATOM   892  O O    . LEU A 1 107 ? 4.970   -6.361  -12.296 1.00 18.64 ? 148 LEU A O    1 
ATOM   893  C CB   . LEU A 1 107 ? 4.614   -9.307  -13.677 1.00 21.18 ? 148 LEU A CB   1 
ATOM   894  C CG   . LEU A 1 107 ? 5.154   -10.667 -14.066 1.00 28.46 ? 148 LEU A CG   1 
ATOM   895  C CD1  . LEU A 1 107 ? 4.581   -11.006 -15.432 1.00 27.21 ? 148 LEU A CD1  1 
ATOM   896  C CD2  . LEU A 1 107 ? 6.667   -10.649 -14.079 1.00 29.67 ? 148 LEU A CD2  1 
ATOM   897  N N    . MET A 1 108 ? 3.066   -7.398  -11.706 1.00 17.58 ? 149 MET A N    1 
ATOM   898  C CA   . MET A 1 108 ? 2.341   -6.154  -11.504 1.00 16.41 ? 149 MET A CA   1 
ATOM   899  C C    . MET A 1 108 ? 2.953   -5.352  -10.362 1.00 19.14 ? 149 MET A C    1 
ATOM   900  O O    . MET A 1 108 ? 3.194   -4.144  -10.493 1.00 18.65 ? 149 MET A O    1 
ATOM   901  C CB   . MET A 1 108 ? 0.883   -6.520  -11.219 1.00 16.56 ? 149 MET A CB   1 
ATOM   902  C CG   . MET A 1 108 ? 0.230   -7.150  -12.457 1.00 17.77 ? 149 MET A CG   1 
ATOM   903  S SD   . MET A 1 108 ? -1.435  -7.751  -12.096 1.00 18.35 ? 149 MET A SD   1 
ATOM   904  C CE   . MET A 1 108 ? -2.485  -6.366  -12.531 1.00 18.81 ? 149 MET A CE   1 
ATOM   905  N N    . ALA A 1 109 ? 3.256   -6.025  -9.246  1.00 16.63 ? 150 ALA A N    1 
ATOM   906  C CA   . ALA A 1 109 ? 3.862   -5.350  -8.102  1.00 18.55 ? 150 ALA A CA   1 
ATOM   907  C C    . ALA A 1 109 ? 5.240   -4.806  -8.457  1.00 16.00 ? 150 ALA A C    1 
ATOM   908  O O    . ALA A 1 109 ? 5.584   -3.684  -8.070  1.00 16.87 ? 150 ALA A O    1 
ATOM   909  C CB   . ALA A 1 109 ? 3.946   -6.318  -6.921  1.00 19.27 ? 150 ALA A CB   1 
ATOM   910  N N    . GLU A 1 110 ? 6.044   -5.593  -9.190  1.00 16.37 ? 151 GLU A N    1 
ATOM   911  C CA   . GLU A 1 110 ? 7.380   -5.152  -9.578  1.00 17.54 ? 151 GLU A CA   1 
ATOM   912  C C    . GLU A 1 110 ? 7.315   -3.874  -10.407 1.00 19.12 ? 151 GLU A C    1 
ATOM   913  O O    . GLU A 1 110 ? 8.142   -2.974  -10.237 1.00 17.97 ? 151 GLU A O    1 
ATOM   914  C CB   . GLU A 1 110 ? 8.070   -6.263  -10.377 1.00 20.29 ? 151 GLU A CB   1 
ATOM   915  C CG   . GLU A 1 110 ? 8.477   -7.487  -9.573  1.00 25.31 ? 151 GLU A CG   1 
ATOM   916  C CD   . GLU A 1 110 ? 8.817   -8.693  -10.461 1.00 21.28 ? 151 GLU A CD   1 
ATOM   917  O OE1  . GLU A 1 110 ? 8.552   -8.648  -11.686 1.00 27.66 ? 151 GLU A OE1  1 
ATOM   918  O OE2  . GLU A 1 110 ? 9.339   -9.701  -9.933  1.00 26.26 ? 151 GLU A OE2  1 
ATOM   919  N N    . ALA A 1 111 ? 6.327   -3.774  -11.300 1.00 19.64 ? 152 ALA A N    1 
ATOM   920  C CA   . ALA A 1 111 ? 6.180   -2.571  -12.111 1.00 19.25 ? 152 ALA A CA   1 
ATOM   921  C C    . ALA A 1 111 ? 5.825   -1.378  -11.242 1.00 18.68 ? 152 ALA A C    1 
ATOM   922  O O    . ALA A 1 111 ? 6.417   -0.299  -11.364 1.00 22.67 ? 152 ALA A O    1 
ATOM   923  C CB   . ALA A 1 111 ? 5.100   -2.786  -13.165 1.00 23.80 ? 152 ALA A CB   1 
ATOM   924  N N    . LEU A 1 112 ? 4.853   -1.563  -10.352 1.00 20.79 ? 153 LEU A N    1 
ATOM   925  C CA   . LEU A 1 112 ? 4.430   -0.485  -9.470  1.00 20.56 ? 153 LEU A CA   1 
ATOM   926  C C    . LEU A 1 112 ? 5.552   -0.067  -8.539  1.00 15.94 ? 153 LEU A C    1 
ATOM   927  O O    . LEU A 1 112 ? 5.738   1.128   -8.272  1.00 19.37 ? 153 LEU A O    1 
ATOM   928  C CB   . LEU A 1 112 ? 3.223   -0.959  -8.661  1.00 24.05 ? 153 LEU A CB   1 
ATOM   929  C CG   . LEU A 1 112 ? 1.874   -0.927  -9.369  1.00 26.35 ? 153 LEU A CG   1 
ATOM   930  C CD1  . LEU A 1 112 ? 0.829   -1.563  -8.464  1.00 25.88 ? 153 LEU A CD1  1 
ATOM   931  C CD2  . LEU A 1 112 ? 1.498   0.509   -9.630  1.00 27.49 ? 153 LEU A CD2  1 
ATOM   932  N N    . GLU A 1 113 ? 6.302   -1.036  -8.015  1.00 17.44 ? 154 GLU A N    1 
ATOM   933  C CA   . GLU A 1 113 ? 7.403   -0.695  -7.125  1.00 20.75 ? 154 GLU A CA   1 
ATOM   934  C C    . GLU A 1 113 ? 8.460   0.147   -7.833  1.00 19.04 ? 154 GLU A C    1 
ATOM   935  O O    . GLU A 1 113 ? 8.990   1.095   -7.252  1.00 18.32 ? 154 GLU A O    1 
ATOM   936  C CB   . GLU A 1 113 ? 8.011   -1.952  -6.514  1.00 18.59 ? 154 GLU A CB   1 
ATOM   937  C CG   . GLU A 1 113 ? 9.113   -1.667  -5.528  1.00 19.49 ? 154 GLU A CG   1 
ATOM   938  C CD   . GLU A 1 113 ? 9.773   -2.926  -5.012  1.00 22.15 ? 154 GLU A CD   1 
ATOM   939  O OE1  . GLU A 1 113 ? 9.561   -4.005  -5.613  1.00 26.30 ? 154 GLU A OE1  1 
ATOM   940  O OE2  . GLU A 1 113 ? 10.543  -2.834  -4.035  1.00 32.53 ? 154 GLU A OE2  1 
ATOM   941  N N    . LYS A 1 114 ? 8.800   -0.197  -9.074  1.00 20.07 ? 155 LYS A N    1 
ATOM   942  C CA   . LYS A 1 114 ? 9.774   0.595   -9.823  1.00 20.49 ? 155 LYS A CA   1 
ATOM   943  C C    . LYS A 1 114 ? 9.308   2.035   -9.993  1.00 18.74 ? 155 LYS A C    1 
ATOM   944  O O    . LYS A 1 114 ? 10.086  2.978   -9.788  1.00 18.59 ? 155 LYS A O    1 
ATOM   945  C CB   . LYS A 1 114 ? 10.052  -0.079  -11.166 1.00 23.04 ? 155 LYS A CB   1 
ATOM   946  C CG   . LYS A 1 114 ? 11.022  -1.242  -11.024 1.00 29.62 ? 155 LYS A CG   1 
ATOM   947  C CD   . LYS A 1 114 ? 11.466  -1.799  -12.376 1.00 35.15 ? 155 LYS A CD   1 
ATOM   948  C CE   . LYS A 1 114 ? 10.996  -3.246  -12.529 1.00 36.75 ? 155 LYS A CE   1 
ATOM   949  N NZ   . LYS A 1 114 ? 10.340  -3.535  -13.841 1.00 44.38 ? 155 LYS A NZ   1 
ATOM   950  N N    . LEU A 1 115 ? 8.043   2.224   -10.369 1.00 19.36 ? 156 LEU A N    1 
ATOM   951  C CA   . LEU A 1 115 ? 7.492   3.569   -10.481 1.00 19.30 ? 156 LEU A CA   1 
ATOM   952  C C    . LEU A 1 115 ? 7.463   4.265   -9.133  1.00 17.71 ? 156 LEU A C    1 
ATOM   953  O O    . LEU A 1 115 ? 7.793   5.449   -9.032  1.00 21.74 ? 156 LEU A O    1 
ATOM   954  C CB   . LEU A 1 115 ? 6.100   3.518   -11.100 1.00 22.29 ? 156 LEU A CB   1 
ATOM   955  C CG   . LEU A 1 115 ? 5.419   4.848   -11.419 1.00 25.91 ? 156 LEU A CG   1 
ATOM   956  C CD1  . LEU A 1 115 ? 5.970   5.448   -12.707 1.00 30.88 ? 156 LEU A CD1  1 
ATOM   957  C CD2  . LEU A 1 115 ? 3.925   4.638   -11.549 1.00 31.29 ? 156 LEU A CD2  1 
ATOM   958  N N    . PHE A 1 116 ? 7.074   3.546   -8.088  1.00 19.61 ? 157 PHE A N    1 
ATOM   959  C CA   . PHE A 1 116 ? 7.069   4.134   -6.751  1.00 17.78 ? 157 PHE A CA   1 
ATOM   960  C C    . PHE A 1 116 ? 8.448   4.662   -6.363  1.00 18.49 ? 157 PHE A C    1 
ATOM   961  O O    . PHE A 1 116 ? 8.579   5.791   -5.863  1.00 18.18 ? 157 PHE A O    1 
ATOM   962  C CB   . PHE A 1 116 ? 6.581   3.081   -5.762  1.00 18.84 ? 157 PHE A CB   1 
ATOM   963  C CG   . PHE A 1 116 ? 6.736   3.480   -4.329  1.00 16.78 ? 157 PHE A CG   1 
ATOM   964  C CD1  . PHE A 1 116 ? 5.952   4.470   -3.776  1.00 17.97 ? 157 PHE A CD1  1 
ATOM   965  C CD2  . PHE A 1 116 ? 7.683   2.852   -3.540  1.00 19.03 ? 157 PHE A CD2  1 
ATOM   966  C CE1  . PHE A 1 116 ? 6.107   4.831   -2.449  1.00 18.52 ? 157 PHE A CE1  1 
ATOM   967  C CE2  . PHE A 1 116 ? 7.839   3.210   -2.215  1.00 21.41 ? 157 PHE A CE2  1 
ATOM   968  C CZ   . PHE A 1 116 ? 7.053   4.200   -1.679  1.00 16.93 ? 157 PHE A CZ   1 
ATOM   969  N N    . LEU A 1 117 ? 9.487   3.843   -6.552  1.00 20.10 ? 158 LEU A N    1 
ATOM   970  C CA   . LEU A 1 117 ? 10.852  4.245   -6.223  1.00 21.94 ? 158 LEU A CA   1 
ATOM   971  C C    . LEU A 1 117 ? 11.281  5.452   -7.051  1.00 16.82 ? 158 LEU A C    1 
ATOM   972  O O    . LEU A 1 117 ? 11.954  6.363   -6.547  1.00 20.23 ? 158 LEU A O    1 
ATOM   973  C CB   . LEU A 1 117 ? 11.802  3.063   -6.453  1.00 22.99 ? 158 LEU A CB   1 
ATOM   974  C CG   . LEU A 1 117 ? 11.647  1.911   -5.450  1.00 24.64 ? 158 LEU A CG   1 
ATOM   975  C CD1  . LEU A 1 117 ? 12.458  0.695   -5.885  1.00 27.53 ? 158 LEU A CD1  1 
ATOM   976  C CD2  . LEU A 1 117 ? 12.041  2.362   -4.048  1.00 28.42 ? 158 LEU A CD2  1 
ATOM   977  N N    . GLN A 1 118 ? 10.868  5.493   -8.315  1.00 21.69 ? 159 GLN A N    1 
ATOM   978  C CA   . GLN A 1 118 ? 11.166  6.650   -9.149  1.00 24.53 ? 159 GLN A CA   1 
ATOM   979  C C    . GLN A 1 118 ? 10.522  7.909   -8.575  1.00 19.49 ? 159 GLN A C    1 
ATOM   980  O O    . GLN A 1 118 ? 11.155  8.964   -8.514  1.00 22.83 ? 159 GLN A O    1 
ATOM   981  C CB   . GLN A 1 118 ? 10.660  6.379   -10.566 1.00 29.46 ? 159 GLN A CB   1 
ATOM   982  C CG   . GLN A 1 118 ? 10.893  7.488   -11.566 1.00 36.64 ? 159 GLN A CG   1 
ATOM   983  C CD   . GLN A 1 118 ? 10.115  7.256   -12.849 1.00 47.30 ? 159 GLN A CD   1 
ATOM   984  O OE1  . GLN A 1 118 ? 10.227  6.198   -13.475 1.00 43.32 ? 159 GLN A OE1  1 
ATOM   985  N NE2  . GLN A 1 118 ? 9.326   8.252   -13.252 1.00 50.89 ? 159 GLN A NE2  1 
ATOM   986  N N    . LYS A 1 119 ? 9.278   7.802   -8.103  1.00 21.48 ? 160 LYS A N    1 
ATOM   987  C CA   . LYS A 1 119 ? 8.517   8.981   -7.698  1.00 24.89 ? 160 LYS A CA   1 
ATOM   988  C C    . LYS A 1 119 ? 8.944   9.498   -6.323  1.00 21.66 ? 160 LYS A C    1 
ATOM   989  O O    . LYS A 1 119 ? 8.826   10.702  -6.041  1.00 20.47 ? 160 LYS A O    1 
ATOM   990  C CB   . LYS A 1 119 ? 7.024   8.643   -7.734  1.00 24.42 ? 160 LYS A CB   1 
ATOM   991  C CG   . LYS A 1 119 ? 6.365   8.941   -9.095  1.00 30.06 ? 160 LYS A CG   1 
ATOM   992  C CD   . LYS A 1 119 ? 5.832   10.370  -9.136  1.00 37.77 ? 160 LYS A CD   1 
ATOM   993  C CE   . LYS A 1 119 ? 6.160   11.083  -10.455 1.00 37.72 ? 160 LYS A CE   1 
ATOM   994  N NZ   . LYS A 1 119 ? 6.168   12.600  -10.319 1.00 28.41 ? 160 LYS A NZ   1 
ATOM   995  N N    . ILE A 1 120 ? 9.451   8.615   -5.455  1.00 20.36 ? 161 ILE A N    1 
ATOM   996  C CA   . ILE A 1 120 ? 9.921   9.047   -4.144  1.00 21.32 ? 161 ILE A CA   1 
ATOM   997  C C    . ILE A 1 120 ? 11.418  9.320   -4.115  1.00 22.49 ? 161 ILE A C    1 
ATOM   998  O O    . ILE A 1 120 ? 11.937  9.755   -3.078  1.00 23.52 ? 161 ILE A O    1 
ATOM   999  C CB   . ILE A 1 120 ? 9.578   8.064   -3.004  1.00 23.10 ? 161 ILE A CB   1 
ATOM   1000 C CG1  . ILE A 1 120 ? 10.334  6.741   -3.193  1.00 22.10 ? 161 ILE A CG1  1 
ATOM   1001 C CG2  . ILE A 1 120 ? 8.078   7.860   -2.899  1.00 20.92 ? 161 ILE A CG2  1 
ATOM   1002 C CD1  . ILE A 1 120 ? 10.432  5.906   -1.901  1.00 19.17 ? 161 ILE A CD1  1 
ATOM   1003 N N    . ASN A 1 121 ? 12.132  9.095   -5.217  1.00 22.62 ? 162 ASN A N    1 
ATOM   1004 C CA   . ASN A 1 121 ? 13.557  9.401   -5.231  1.00 23.55 ? 162 ASN A CA   1 
ATOM   1005 C C    . ASN A 1 121 ? 13.808  10.842  -4.812  1.00 27.82 ? 162 ASN A C    1 
ATOM   1006 O O    . ASN A 1 121 ? 14.810  11.137  -4.149  1.00 31.83 ? 162 ASN A O    1 
ATOM   1007 C CB   . ASN A 1 121 ? 14.138  9.134   -6.623  1.00 23.75 ? 162 ASN A CB   1 
ATOM   1008 C CG   . ASN A 1 121 ? 15.632  9.308   -6.661  1.00 31.58 ? 162 ASN A CG   1 
ATOM   1009 O OD1  . ASN A 1 121 ? 16.376  8.511   -6.080  1.00 35.72 ? 162 ASN A OD1  1 
ATOM   1010 N ND2  . ASN A 1 121 ? 16.089  10.357  -7.334  1.00 31.01 ? 162 ASN A ND2  1 
ATOM   1011 N N    . GLU A 1 122 ? 12.896  11.744  -5.162  1.00 24.45 ? 163 GLU A N    1 
ATOM   1012 C CA   . GLU A 1 122 ? 12.999  13.153  -4.816  1.00 26.98 ? 163 GLU A CA   1 
ATOM   1013 C C    . GLU A 1 122 ? 11.666  13.609  -4.239  1.00 24.29 ? 163 GLU A C    1 
ATOM   1014 O O    . GLU A 1 122 ? 10.634  13.539  -4.916  1.00 23.45 ? 163 GLU A O    1 
ATOM   1015 C CB   . GLU A 1 122 ? 13.354  13.953  -6.071  1.00 28.84 ? 163 GLU A CB   1 
ATOM   1016 C CG   . GLU A 1 122 ? 13.669  15.408  -5.856  1.00 33.89 ? 163 GLU A CG   1 
ATOM   1017 C CD   . GLU A 1 122 ? 14.382  15.994  -7.058  1.00 34.01 ? 163 GLU A CD   1 
ATOM   1018 O OE1  . GLU A 1 122 ? 13.894  15.800  -8.196  1.00 31.83 ? 163 GLU A OE1  1 
ATOM   1019 O OE2  . GLU A 1 122 ? 15.431  16.638  -6.862  1.00 36.05 ? 163 GLU A OE2  1 
ATOM   1020 N N    . LEU A 1 123 ? 11.680  14.055  -2.988  1.00 26.28 ? 164 LEU A N    1 
ATOM   1021 C CA   . LEU A 1 123 ? 10.509  14.607  -2.327  1.00 23.89 ? 164 LEU A CA   1 
ATOM   1022 C C    . LEU A 1 123 ? 10.711  16.097  -2.087  1.00 22.82 ? 164 LEU A C    1 
ATOM   1023 O O    . LEU A 1 123 ? 11.847  16.583  -2.064  1.00 29.66 ? 164 LEU A O    1 
ATOM   1024 C CB   . LEU A 1 123 ? 10.298  13.919  -0.971  1.00 26.47 ? 164 LEU A CB   1 
ATOM   1025 C CG   . LEU A 1 123 ? 10.162  12.395  -0.964  1.00 27.28 ? 164 LEU A CG   1 
ATOM   1026 C CD1  . LEU A 1 123 ? 10.078  11.895  0.473   1.00 29.90 ? 164 LEU A CD1  1 
ATOM   1027 C CD2  . LEU A 1 123 ? 8.921   11.963  -1.742  1.00 23.27 ? 164 LEU A CD2  1 
ATOM   1028 N N    . PRO A 1 124 ? 9.628   16.860  -1.898  1.00 22.35 ? 165 PRO A N    1 
ATOM   1029 C CA   . PRO A 1 124 ? 9.786   18.298  -1.622  1.00 20.46 ? 165 PRO A CA   1 
ATOM   1030 C C    . PRO A 1 124 ? 10.518  18.570  -0.310  1.00 32.47 ? 165 PRO A C    1 
ATOM   1031 O O    . PRO A 1 124 ? 10.481  17.717  0.575   1.00 25.54 ? 165 PRO A O    1 
ATOM   1032 C CB   . PRO A 1 124 ? 8.341   18.806  -1.529  1.00 29.07 ? 165 PRO A CB   1 
ATOM   1033 C CG   . PRO A 1 124 ? 7.499   17.584  -1.311  1.00 28.73 ? 165 PRO A CG   1 
ATOM   1034 C CD   . PRO A 1 124 ? 8.219   16.431  -1.920  1.00 25.87 ? 165 PRO A CD   1 
HETATM 1035 C C10  . WPR B 2 .   ? -3.507  -8.827  -4.826  1.00 15.49 ? 201 WPR A C10  1 
HETATM 1036 N N12  . WPR B 2 .   ? -1.813  -9.742  -3.461  1.00 14.31 ? 201 WPR A N12  1 
HETATM 1037 C C13  . WPR B 2 .   ? -2.064  -10.995 -3.949  1.00 14.25 ? 201 WPR A C13  1 
HETATM 1038 C C20  . WPR B 2 .   ? -3.295  -10.874 -11.017 1.00 22.26 ? 201 WPR A C20  1 
HETATM 1039 C C24  . WPR B 2 .   ? -4.261  -16.174 -11.526 1.00 30.43 ? 201 WPR A C24  1 
HETATM 1040 C C26  . WPR B 2 .   ? -3.869  -16.673 -10.129 1.00 31.86 ? 201 WPR A C26  1 
HETATM 1041 C C01  . WPR B 2 .   ? -6.882  -14.087 -9.066  1.00 20.19 ? 201 WPR A C01  1 
HETATM 1042 C C02  . WPR B 2 .   ? -5.772  -13.453 -9.933  1.00 20.50 ? 201 WPR A C02  1 
HETATM 1043 C C03  . WPR B 2 .   ? -5.175  -12.208 -9.756  1.00 20.38 ? 201 WPR A C03  1 
HETATM 1044 C C04  . WPR B 2 .   ? -5.480  -11.205 -8.603  1.00 16.94 ? 201 WPR A C04  1 
HETATM 1045 C C05  . WPR B 2 .   ? -6.640  -10.433 -8.571  1.00 19.77 ? 201 WPR A C05  1 
HETATM 1046 C C07  . WPR B 2 .   ? -6.003  -9.439  -6.539  1.00 17.62 ? 201 WPR A C07  1 
HETATM 1047 C C08  . WPR B 2 .   ? -4.855  -10.213 -6.470  1.00 16.71 ? 201 WPR A C08  1 
HETATM 1048 C C09  . WPR B 2 .   ? -3.793  -10.076 -5.365  1.00 15.10 ? 201 WPR A C09  1 
HETATM 1049 C C11  . WPR B 2 .   ? -2.493  -8.693  -3.883  1.00 16.92 ? 201 WPR A C11  1 
HETATM 1050 C C14  . WPR B 2 .   ? -3.046  -11.210 -4.884  1.00 15.61 ? 201 WPR A C14  1 
HETATM 1051 C C16  . WPR B 2 .   ? -2.111  -13.143 -4.414  1.00 18.93 ? 201 WPR A C16  1 
HETATM 1052 C C18  . WPR B 2 .   ? -4.555  -11.064 -7.558  1.00 17.44 ? 201 WPR A C18  1 
HETATM 1053 C C19  . WPR B 2 .   ? -4.226  -12.070 -10.782 1.00 18.47 ? 201 WPR A C19  1 
HETATM 1054 C C23  . WPR B 2 .   ? -5.562  -15.335 -11.564 1.00 26.83 ? 201 WPR A C23  1 
HETATM 1055 C C25  . WPR B 2 .   ? -4.415  -17.655 -11.171 1.00 29.83 ? 201 WPR A C25  1 
HETATM 1056 N N06  . WPR B 2 .   ? -6.857  -9.587  -7.549  1.00 22.11 ? 201 WPR A N06  1 
HETATM 1057 N N15  . WPR B 2 .   ? -3.061  -12.550 -5.146  1.00 16.31 ? 201 WPR A N15  1 
HETATM 1058 N N17  . WPR B 2 .   ? -1.497  -12.207 -3.663  1.00 17.43 ? 201 WPR A N17  1 
HETATM 1059 N N21  . WPR B 2 .   ? -4.265  -13.179 -11.545 1.00 21.67 ? 201 WPR A N21  1 
HETATM 1060 N N22  . WPR B 2 .   ? -5.229  -14.007 -11.012 1.00 22.55 ? 201 WPR A N22  1 
HETATM 1061 H H101 . WPR B 2 .   ? -4.077  -7.957  -5.141  1.00 18.59 ? 201 WPR A H101 1 
HETATM 1062 H H202 . WPR B 2 .   ? -2.828  -10.964 -11.994 1.00 26.72 ? 201 WPR A H202 1 
HETATM 1063 H H201 . WPR B 2 .   ? -2.527  -10.857 -10.247 1.00 26.72 ? 201 WPR A H201 1 
HETATM 1064 H H203 . WPR B 2 .   ? -3.871  -9.953  -10.973 1.00 26.72 ? 201 WPR A H203 1 
HETATM 1065 H H241 . WPR B 2 .   ? -3.444  -15.955 -12.214 1.00 36.52 ? 201 WPR A H241 1 
HETATM 1066 H H262 . WPR B 2 .   ? -2.799  -16.739 -9.937  1.00 38.23 ? 201 WPR A H262 1 
HETATM 1067 H H261 . WPR B 2 .   ? -4.554  -16.410 -9.327  1.00 38.23 ? 201 WPR A H261 1 
HETATM 1068 H H012 . WPR B 2 .   ? -6.886  -15.165 -9.214  1.00 24.23 ? 201 WPR A H012 1 
HETATM 1069 H H011 . WPR B 2 .   ? -7.847  -13.678 -9.356  1.00 24.23 ? 201 WPR A H011 1 
HETATM 1070 H H013 . WPR B 2 .   ? -6.694  -13.866 -8.018  1.00 24.23 ? 201 WPR A H013 1 
HETATM 1071 H H051 . WPR B 2 .   ? -7.371  -10.515 -9.373  1.00 23.72 ? 201 WPR A H051 1 
HETATM 1072 H H071 . WPR B 2 .   ? -6.207  -8.705  -5.763  1.00 21.14 ? 201 WPR A H071 1 
HETATM 1073 H H111 . WPR B 2 .   ? -2.255  -7.707  -3.488  1.00 20.31 ? 201 WPR A H111 1 
HETATM 1074 H H161 . WPR B 2 .   ? -1.873  -14.205 -4.424  1.00 22.71 ? 201 WPR A H161 1 
HETATM 1075 H H181 . WPR B 2 .   ? -3.613  -11.606 -7.585  1.00 20.93 ? 201 WPR A H181 1 
HETATM 1076 H H232 . WPR B 2 .   ? -6.333  -15.811 -10.958 1.00 32.20 ? 201 WPR A H232 1 
HETATM 1077 H H231 . WPR B 2 .   ? -5.916  -15.237 -12.590 1.00 32.20 ? 201 WPR A H231 1 
HETATM 1078 H H252 . WPR B 2 .   ? -3.680  -18.323 -11.615 1.00 35.79 ? 201 WPR A H252 1 
HETATM 1079 H H251 . WPR B 2 .   ? -5.435  -17.994 -11.005 1.00 35.79 ? 201 WPR A H251 1 
HETATM 1080 H H151 . WPR B 2 .   ? -3.684  -13.014 -5.782  1.00 19.57 ? 201 WPR A H151 1 
HETATM 1081 O O    . HOH C 3 .   ? 7.604   9.297   -12.737 1.00 34.82 ? 301 HOH A O    1 
HETATM 1082 O O    . HOH C 3 .   ? -14.441 -17.711 -2.403  1.00 27.17 ? 302 HOH A O    1 
HETATM 1083 O O    . HOH C 3 .   ? 9.975   -9.835  -7.613  1.00 35.30 ? 303 HOH A O    1 
HETATM 1084 O O    . HOH C 3 .   ? -3.471  4.485   -16.843 1.00 27.34 ? 304 HOH A O    1 
HETATM 1085 O O    . HOH C 3 .   ? 6.987   5.337   13.119  1.00 30.66 ? 305 HOH A O    1 
HETATM 1086 O O    . HOH C 3 .   ? -10.394 1.162   -2.912  1.00 31.88 ? 306 HOH A O    1 
HETATM 1087 O O    . HOH C 3 .   ? 8.896   -11.937 -11.233 1.00 24.42 ? 307 HOH A O    1 
HETATM 1088 O O    . HOH C 3 .   ? -10.138 -1.110  -7.304  1.00 33.29 ? 308 HOH A O    1 
HETATM 1089 O O    . HOH C 3 .   ? -1.077  -4.125  8.619   1.00 29.78 ? 309 HOH A O    1 
HETATM 1090 O O    . HOH C 3 .   ? 0.034   -9.450  -1.382  1.00 16.55 ? 310 HOH A O    1 
HETATM 1091 O O    . HOH C 3 .   ? -4.635  -20.676 -1.118  1.00 31.01 ? 311 HOH A O    1 
HETATM 1092 O O    . HOH C 3 .   ? 13.072  18.547  -3.409  1.00 31.92 ? 312 HOH A O    1 
HETATM 1093 O O    . HOH C 3 .   ? -0.556  -15.638 -7.325  1.00 29.38 ? 313 HOH A O    1 
HETATM 1094 O O    . HOH C 3 .   ? -10.573 -17.773 1.165   1.00 27.45 ? 314 HOH A O    1 
HETATM 1095 O O    . HOH C 3 .   ? 11.483  15.951  -9.394  1.00 27.16 ? 315 HOH A O    1 
HETATM 1096 O O    . HOH C 3 .   ? 4.232   -0.998  7.287   1.00 24.95 ? 316 HOH A O    1 
HETATM 1097 O O    . HOH C 3 .   ? -1.894  -5.080  -1.382  1.00 18.95 ? 317 HOH A O    1 
HETATM 1098 O O    . HOH C 3 .   ? -6.108  -6.369  7.679   1.00 18.49 ? 318 HOH A O    1 
HETATM 1099 O O    . HOH C 3 .   ? -10.166 -2.191  11.190  1.00 24.18 ? 319 HOH A O    1 
HETATM 1100 O O    . HOH C 3 .   ? -1.203  -7.204  1.751   1.00 17.38 ? 320 HOH A O    1 
HETATM 1101 O O    . HOH C 3 .   ? 3.530   2.989   8.653   1.00 19.95 ? 321 HOH A O    1 
HETATM 1102 O O    . HOH C 3 .   ? -7.344  -6.257  -3.812  1.00 26.87 ? 322 HOH A O    1 
HETATM 1103 O O    . HOH C 3 .   ? -14.409 -17.047 -4.770  1.00 27.39 ? 323 HOH A O    1 
HETATM 1104 O O    . HOH C 3 .   ? 4.656   -18.589 -2.842  1.00 21.34 ? 324 HOH A O    1 
HETATM 1105 O O    . HOH C 3 .   ? -9.701  0.865   8.032   1.00 25.46 ? 325 HOH A O    1 
HETATM 1106 O O    . HOH C 3 .   ? 1.156   9.677   13.356  1.00 18.52 ? 326 HOH A O    1 
HETATM 1107 O O    . HOH C 3 .   ? -6.605  -16.357 -6.674  1.00 27.91 ? 327 HOH A O    1 
HETATM 1108 O O    . HOH C 3 .   ? -8.618  0.213   3.398   1.00 25.64 ? 328 HOH A O    1 
HETATM 1109 O O    . HOH C 3 .   ? 0.194   -6.712  -0.867  1.00 21.46 ? 329 HOH A O    1 
HETATM 1110 O O    . HOH C 3 .   ? -0.708  -13.821 -10.213 1.00 22.74 ? 330 HOH A O    1 
HETATM 1111 O O    . HOH C 3 .   ? -9.105  4.478   0.119   1.00 29.49 ? 331 HOH A O    1 
HETATM 1112 O O    . HOH C 3 .   ? -3.459  -13.574 -14.193 1.00 24.07 ? 332 HOH A O    1 
HETATM 1113 O O    . HOH C 3 .   ? -0.266  11.489  7.168   1.00 20.58 ? 333 HOH A O    1 
HETATM 1114 O O    . HOH C 3 .   ? -4.313  -5.651  -2.303  1.00 19.78 ? 334 HOH A O    1 
HETATM 1115 O O    . HOH C 3 .   ? 7.224   0.496   -13.911 1.00 30.07 ? 335 HOH A O    1 
HETATM 1116 O O    . HOH C 3 .   ? -9.742  2.611   11.230  1.00 22.59 ? 336 HOH A O    1 
HETATM 1117 O O    . HOH C 3 .   ? -13.014 -7.115  6.367   1.00 30.13 ? 337 HOH A O    1 
HETATM 1118 O O    . HOH C 3 .   ? 8.143   -1.549  5.427   1.00 32.58 ? 338 HOH A O    1 
HETATM 1119 O O    . HOH C 3 .   ? 15.583  17.550  -4.225  1.00 29.17 ? 339 HOH A O    1 
HETATM 1120 O O    . HOH C 3 .   ? 6.818   -6.019  -14.365 1.00 28.74 ? 340 HOH A O    1 
HETATM 1121 O O    . HOH C 3 .   ? -11.174 -5.778  -0.312  1.00 25.45 ? 341 HOH A O    1 
HETATM 1122 O O    . HOH C 3 .   ? 11.393  11.634  -7.678  1.00 24.84 ? 342 HOH A O    1 
HETATM 1123 O O    . HOH C 3 .   ? -7.990  4.941   18.690  1.00 30.96 ? 343 HOH A O    1 
HETATM 1124 O O    . HOH C 3 .   ? -10.176 -8.539  3.092   1.00 20.42 ? 344 HOH A O    1 
HETATM 1125 O O    . HOH C 3 .   ? -4.614  -4.604  3.638   1.00 17.85 ? 345 HOH A O    1 
HETATM 1126 O O    . HOH C 3 .   ? 3.152   -9.116  6.527   1.00 22.36 ? 346 HOH A O    1 
HETATM 1127 O O    . HOH C 3 .   ? 5.947   -7.438  4.547   1.00 26.06 ? 347 HOH A O    1 
HETATM 1128 O O    . HOH C 3 .   ? -9.244  -6.855  5.194   1.00 18.07 ? 348 HOH A O    1 
HETATM 1129 O O    . HOH C 3 .   ? -10.460 7.038   0.413   1.00 35.32 ? 349 HOH A O    1 
HETATM 1130 O O    . HOH C 3 .   ? -1.244  13.176  5.142   1.00 24.68 ? 350 HOH A O    1 
HETATM 1131 O O    . HOH C 3 .   ? -13.523 -17.863 8.783   1.00 18.60 ? 351 HOH A O    1 
HETATM 1132 O O    . HOH C 3 .   ? -1.344  13.535  2.658   1.00 26.34 ? 352 HOH A O    1 
HETATM 1133 O O    . HOH C 3 .   ? 3.377   8.436   14.332  1.00 20.04 ? 353 HOH A O    1 
HETATM 1134 O O    . HOH C 3 .   ? -6.809  -15.813 3.997   1.00 19.57 ? 354 HOH A O    1 
HETATM 1135 O O    . HOH C 3 .   ? 2.535   -18.767 -6.030  1.00 28.63 ? 355 HOH A O    1 
HETATM 1136 O O    . HOH C 3 .   ? -4.129  -6.516  1.603   1.00 21.28 ? 356 HOH A O    1 
HETATM 1137 O O    . HOH C 3 .   ? -4.457  -14.573 -6.676  1.00 25.62 ? 357 HOH A O    1 
HETATM 1138 O O    . HOH C 3 .   ? 9.979   17.731  10.161  1.00 28.24 ? 358 HOH A O    1 
HETATM 1139 O O    . HOH C 3 .   ? 16.690  17.014  -9.453  1.00 23.12 ? 359 HOH A O    1 
HETATM 1140 O O    . HOH C 3 .   ? 14.182  14.020  -1.495  1.00 35.01 ? 360 HOH A O    1 
HETATM 1141 O O    . HOH C 3 .   ? -6.675  -4.689  11.525  1.00 23.80 ? 361 HOH A O    1 
HETATM 1142 O O    . HOH C 3 .   ? 10.243  10.879  6.912   1.00 21.00 ? 362 HOH A O    1 
HETATM 1143 O O    . HOH C 3 .   ? -3.757  -1.723  11.758  1.00 22.52 ? 363 HOH A O    1 
HETATM 1144 O O    . HOH C 3 .   ? 3.504   4.914   14.133  1.00 31.72 ? 364 HOH A O    1 
HETATM 1145 O O    . HOH C 3 .   ? -8.991  -8.413  -3.570  1.00 24.85 ? 365 HOH A O    1 
HETATM 1146 O O    . HOH C 3 .   ? -8.903  -7.558  -6.903  1.00 35.76 ? 366 HOH A O    1 
HETATM 1147 O O    . HOH C 3 .   ? 9.591   14.773  13.686  1.00 21.49 ? 367 HOH A O    1 
HETATM 1148 O O    . HOH C 3 .   ? 10.661  7.942   10.920  1.00 25.73 ? 368 HOH A O    1 
HETATM 1149 O O    . HOH C 3 .   ? 2.175   7.253   16.528  1.00 23.64 ? 369 HOH A O    1 
HETATM 1150 O O    . HOH C 3 .   ? 9.557   14.558  -8.669  1.00 28.31 ? 370 HOH A O    1 
HETATM 1151 O O    . HOH C 3 .   ? -11.354 -6.824  -4.054  1.00 31.44 ? 371 HOH A O    1 
HETATM 1152 O O    . HOH C 3 .   ? 0.140   -16.040 -12.252 1.00 30.97 ? 372 HOH A O    1 
HETATM 1153 O O    . HOH C 3 .   ? -1.032  2.984   -17.216 1.00 34.68 ? 373 HOH A O    1 
HETATM 1154 O O    . HOH C 3 .   ? 4.032   -11.508 7.126   1.00 28.85 ? 374 HOH A O    1 
HETATM 1155 O O    . HOH C 3 .   ? -6.557  -6.515  4.982   1.00 17.37 ? 375 HOH A O    1 
HETATM 1156 O O    . HOH C 3 .   ? -7.244  14.043  10.631  1.00 31.86 ? 376 HOH A O    1 
HETATM 1157 O O    . HOH C 3 .   ? -5.798  -0.176  -12.616 1.00 28.65 ? 377 HOH A O    1 
HETATM 1158 O O    . HOH C 3 .   ? -15.388 -12.186 5.239   1.00 29.66 ? 378 HOH A O    1 
HETATM 1159 O O    . HOH C 3 .   ? 6.589   20.950  5.365   1.00 37.72 ? 379 HOH A O    1 
HETATM 1160 O O    . HOH C 3 .   ? 9.872   10.730  -11.363 1.00 36.75 ? 380 HOH A O    1 
HETATM 1161 O O    . HOH C 3 .   ? 8.885   -4.280  3.983   1.00 35.92 ? 381 HOH A O    1 
HETATM 1162 O O    . HOH C 3 .   ? -14.368 -7.718  1.296   1.00 32.66 ? 382 HOH A O    1 
HETATM 1163 O O    . HOH C 3 .   ? 10.812  16.601  12.118  1.00 31.76 ? 383 HOH A O    1 
HETATM 1164 O O    . HOH C 3 .   ? 13.322  12.479  -9.366  1.00 31.70 ? 384 HOH A O    1 
HETATM 1165 O O    . HOH C 3 .   ? -15.749 -16.478 4.537   1.00 26.86 ? 385 HOH A O    1 
HETATM 1166 O O    . HOH C 3 .   ? 12.290  10.577  8.905   1.00 31.59 ? 386 HOH A O    1 
HETATM 1167 O O    . HOH C 3 .   ? -11.816 -7.305  2.004   1.00 31.66 ? 387 HOH A O    1 
HETATM 1168 O O    . HOH C 3 .   ? 5.409   0.757   -15.566 1.00 31.55 ? 388 HOH A O    1 
HETATM 1169 O O    . HOH C 3 .   ? 11.411  13.229  9.947   1.00 29.54 ? 389 HOH A O    1 
HETATM 1170 O O    . HOH C 3 .   ? 1.880   3.899   10.598  1.00 24.65 ? 390 HOH A O    1 
HETATM 1171 O O    . HOH C 3 .   ? -14.428 -7.762  10.564  1.00 30.23 ? 391 HOH A O    1 
HETATM 1172 O O    . HOH C 3 .   ? -9.573  0.448   0.892   1.00 26.54 ? 392 HOH A O    1 
HETATM 1173 O O    . HOH C 3 .   ? -11.441 -5.209  4.404   1.00 28.20 ? 393 HOH A O    1 
HETATM 1174 O O    . HOH C 3 .   ? -10.658 0.530   5.364   1.00 28.70 ? 394 HOH A O    1 
HETATM 1175 O O    . HOH C 3 .   ? 9.333   5.600   11.426  1.00 30.74 ? 395 HOH A O    1 
HETATM 1176 O O    . HOH C 3 .   ? -2.907  15.932  2.128   1.00 31.23 ? 396 HOH A O    1 
HETATM 1177 O O    . HOH C 3 .   ? -12.342 -3.653  0.743   1.00 38.37 ? 397 HOH A O    1 
# 
